data_1HW9
#
_entry.id   1HW9
#
_cell.length_a   74.550
_cell.length_b   172.817
_cell.length_c   80.033
_cell.angle_alpha   90.00
_cell.angle_beta   117.56
_cell.angle_gamma   90.00
#
_symmetry.space_group_name_H-M   'P 1 21 1'
#
loop_
_entity.id
_entity.type
_entity.pdbx_description
1 polymer 'HMG-COA REDUCTASE'
2 non-polymer "ADENOSINE-5'-DIPHOSPHATE"
3 non-polymer 'Simvastatin acid'
4 water water
#
_entity_poly.entity_id   1
_entity_poly.type   'polypeptide(L)'
_entity_poly.pdbx_seq_one_letter_code
;GAMASSVLVTQEPEIELPREPRPNEECLQILGNAEKGAKFLSDAEIIQLVNAKHIPAYKLETLIETHERGVSIRRQLLSK
KLSEPSSLQYLPYRDYNYSLVMGACCENVIGYMPIPVGVAGPLCLDEKEFQVPMATTEGCLVASTNRGCRAIGLGGGASS
RVLADGMTRGPVVRLPRACDSAEVKAWLETSEGFAVIKEAFDSTSRFARLQKLHTSIAGRNLYIRFQSRSGDAMGMNMIS
KGTEKALSKLHEYFPEMQILAVSGNYCTDKKPAAINWIEGRGKSVVCEAVIPAKVVREVLKTTTEAMIEVNINKNLVGSA
MAGSIGGYNAHAANIVTAIYIACGQDAAQNVGSSNCITLMEASGPTNEDLYISCTMPSIEIGTVGGGTNLLPQQACLQML
GVQGACKDNPGENARQLARIVCGTVMAGELSLMAALAAGHLVKSHMIHNRSKINLQDLQGACTKKTA
;
_entity_poly.pdbx_strand_id   A,B,C,D
#
loop_
_chem_comp.id
_chem_comp.type
_chem_comp.name
_chem_comp.formula
ADP non-polymer ADENOSINE-5'-DIPHOSPHATE 'C10 H15 N5 O10 P2'
SIM non-polymer 'Simvastatin acid' 'C25 H40 O6'
#
# COMPACT_ATOMS: atom_id res chain seq x y z
N PRO A 21 5.82 -47.06 42.38
CA PRO A 21 4.71 -46.15 41.98
C PRO A 21 3.54 -46.20 42.97
N ARG A 22 3.67 -45.44 44.05
CA ARG A 22 2.66 -45.37 45.10
C ARG A 22 1.30 -44.82 44.68
N PRO A 23 0.22 -45.27 45.34
CA PRO A 23 -1.16 -44.85 45.06
C PRO A 23 -1.30 -43.33 45.19
N ASN A 24 -2.30 -42.76 44.53
CA ASN A 24 -2.52 -41.32 44.54
C ASN A 24 -2.76 -40.65 45.90
N GLU A 25 -3.32 -41.39 46.85
CA GLU A 25 -3.58 -40.84 48.19
C GLU A 25 -2.29 -40.64 48.97
N GLU A 26 -1.33 -41.54 48.74
CA GLU A 26 -0.03 -41.46 49.40
C GLU A 26 0.83 -40.32 48.86
N CYS A 27 0.58 -39.91 47.63
CA CYS A 27 1.34 -38.83 46.99
C CYS A 27 0.65 -37.47 47.09
N LYS A 39 7.05 -32.91 48.17
CA LYS A 39 7.57 -32.32 46.94
C LYS A 39 8.43 -33.32 46.16
N PHE A 40 9.44 -33.85 46.84
CA PHE A 40 10.36 -34.82 46.24
C PHE A 40 9.75 -36.23 46.21
N LEU A 41 9.20 -36.59 45.05
CA LEU A 41 8.59 -37.90 44.82
C LEU A 41 9.28 -38.51 43.60
N SER A 42 8.52 -39.26 42.81
CA SER A 42 9.05 -39.89 41.59
C SER A 42 8.39 -39.23 40.39
N ASP A 43 9.11 -39.15 39.27
CA ASP A 43 8.58 -38.54 38.06
C ASP A 43 7.30 -39.24 37.65
N ALA A 44 7.35 -40.57 37.55
CA ALA A 44 6.20 -41.37 37.15
C ALA A 44 4.99 -41.14 38.06
N GLU A 45 5.27 -40.78 39.32
CA GLU A 45 4.22 -40.53 40.31
C GLU A 45 3.58 -39.17 40.12
N ILE A 46 4.36 -38.18 39.70
CA ILE A 46 3.85 -36.84 39.47
C ILE A 46 2.96 -36.90 38.25
N ILE A 47 3.43 -37.61 37.22
CA ILE A 47 2.70 -37.78 35.98
C ILE A 47 1.34 -38.40 36.23
N GLN A 48 1.31 -39.49 36.98
CA GLN A 48 0.08 -40.19 37.32
C GLN A 48 -0.86 -39.29 38.12
N LEU A 49 -0.27 -38.40 38.92
CA LEU A 49 -1.05 -37.47 39.73
C LEU A 49 -1.69 -36.45 38.79
N VAL A 50 -0.91 -35.96 37.83
CA VAL A 50 -1.37 -34.99 36.85
C VAL A 50 -2.54 -35.56 36.05
N ASN A 51 -2.39 -36.79 35.59
CA ASN A 51 -3.42 -37.46 34.82
C ASN A 51 -4.72 -37.59 35.61
N ALA A 52 -4.60 -38.01 36.88
CA ALA A 52 -5.74 -38.23 37.76
C ALA A 52 -6.46 -36.97 38.25
N LYS A 53 -5.77 -36.11 38.99
CA LYS A 53 -6.38 -34.90 39.52
C LYS A 53 -6.56 -33.82 38.43
N HIS A 54 -6.37 -34.24 37.18
CA HIS A 54 -6.49 -33.36 36.01
C HIS A 54 -5.82 -32.00 36.19
N ILE A 55 -4.60 -32.03 36.73
CA ILE A 55 -3.81 -30.83 36.97
C ILE A 55 -3.11 -30.41 35.67
N PRO A 56 -3.28 -29.13 35.28
CA PRO A 56 -2.65 -28.62 34.05
C PRO A 56 -1.14 -28.57 34.20
N ALA A 57 -0.45 -28.93 33.13
CA ALA A 57 1.01 -28.96 33.10
C ALA A 57 1.70 -27.65 33.52
N TYR A 58 1.11 -26.50 33.16
CA TYR A 58 1.72 -25.21 33.51
C TYR A 58 1.85 -24.89 35.00
N LYS A 59 1.37 -25.80 35.85
CA LYS A 59 1.46 -25.60 37.30
C LYS A 59 2.71 -26.29 37.85
N LEU A 60 3.40 -27.01 36.98
CA LEU A 60 4.62 -27.75 37.35
C LEU A 60 5.77 -26.91 37.91
N GLU A 61 5.70 -25.60 37.71
CA GLU A 61 6.74 -24.69 38.20
C GLU A 61 6.50 -24.35 39.66
N THR A 62 5.22 -24.31 40.02
CA THR A 62 4.80 -24.00 41.39
C THR A 62 4.28 -25.28 42.07
N LEU A 63 4.96 -26.39 41.81
CA LEU A 63 4.57 -27.68 42.38
C LEU A 63 5.80 -28.57 42.50
N ILE A 64 6.78 -28.35 41.63
CA ILE A 64 8.01 -29.14 41.63
C ILE A 64 9.24 -28.35 42.12
N GLU A 65 10.17 -29.07 42.75
CA GLU A 65 11.41 -28.52 43.31
C GLU A 65 12.28 -27.69 42.35
N THR A 66 13.22 -28.33 41.66
CA THR A 66 14.11 -27.63 40.73
C THR A 66 13.38 -27.27 39.43
N HIS A 67 13.70 -26.09 38.87
CA HIS A 67 13.08 -25.59 37.64
C HIS A 67 13.09 -26.59 36.48
N GLU A 68 14.26 -27.20 36.24
CA GLU A 68 14.45 -28.16 35.16
C GLU A 68 13.63 -29.44 35.25
N ARG A 69 13.11 -29.73 36.45
CA ARG A 69 12.31 -30.93 36.63
C ARG A 69 10.88 -30.66 36.17
N GLY A 70 10.41 -29.43 36.37
CA GLY A 70 9.07 -29.07 35.94
C GLY A 70 8.96 -29.19 34.42
N VAL A 71 10.03 -28.78 33.75
CA VAL A 71 10.15 -28.84 32.30
C VAL A 71 10.22 -30.29 31.85
N SER A 72 11.09 -31.05 32.53
CA SER A 72 11.31 -32.46 32.26
C SER A 72 10.01 -33.23 32.30
N ILE A 73 9.22 -32.98 33.34
CA ILE A 73 7.93 -33.62 33.52
C ILE A 73 6.99 -33.25 32.39
N ARG A 74 6.91 -31.95 32.07
CA ARG A 74 6.05 -31.49 30.99
C ARG A 74 6.47 -32.11 29.66
N ARG A 75 7.78 -32.26 29.46
CA ARG A 75 8.30 -32.88 28.24
C ARG A 75 7.85 -34.33 28.17
N GLN A 76 7.85 -34.99 29.33
CA GLN A 76 7.41 -36.38 29.42
C GLN A 76 5.89 -36.48 29.26
N LEU A 77 5.18 -35.51 29.83
CA LEU A 77 3.73 -35.45 29.75
C LEU A 77 3.29 -35.30 28.28
N LEU A 78 3.97 -34.39 27.57
CA LEU A 78 3.68 -34.10 26.17
C LEU A 78 4.14 -35.23 25.23
N SER A 79 5.22 -35.89 25.62
CA SER A 79 5.81 -36.99 24.86
C SER A 79 4.82 -38.10 24.50
N LYS A 80 3.81 -38.28 25.35
CA LYS A 80 2.78 -39.30 25.15
C LYS A 80 1.77 -38.93 24.05
N LYS A 81 1.39 -37.65 24.00
CA LYS A 81 0.43 -37.14 23.01
C LYS A 81 0.95 -37.21 21.58
N LEU A 82 2.26 -37.33 21.43
CA LEU A 82 2.92 -37.39 20.13
C LEU A 82 2.79 -38.71 19.38
N SER A 83 2.70 -38.63 18.06
CA SER A 83 2.62 -39.81 17.21
C SER A 83 4.01 -40.41 17.15
N GLU A 84 4.99 -39.61 17.55
CA GLU A 84 6.40 -40.00 17.60
C GLU A 84 6.89 -39.57 18.98
N PRO A 85 6.80 -40.46 19.97
CA PRO A 85 7.23 -40.21 21.36
C PRO A 85 8.67 -39.73 21.51
N SER A 86 9.54 -40.12 20.59
CA SER A 86 10.94 -39.71 20.66
C SER A 86 11.30 -38.39 19.96
N SER A 87 10.28 -37.62 19.57
CA SER A 87 10.49 -36.34 18.89
C SER A 87 11.42 -35.38 19.64
N LEU A 88 11.10 -35.15 20.91
CA LEU A 88 11.85 -34.23 21.77
C LEU A 88 13.30 -34.58 22.09
N GLN A 89 13.70 -35.84 21.88
CA GLN A 89 15.05 -36.30 22.18
C GLN A 89 16.19 -35.31 21.91
N TYR A 90 16.08 -34.56 20.81
CA TYR A 90 17.12 -33.59 20.45
C TYR A 90 16.81 -32.13 20.77
N LEU A 91 15.71 -31.90 21.47
CA LEU A 91 15.34 -30.55 21.87
C LEU A 91 15.94 -30.32 23.26
N PRO A 92 16.93 -29.42 23.37
CA PRO A 92 17.61 -29.10 24.64
C PRO A 92 16.69 -28.54 25.74
N TYR A 93 17.08 -28.77 26.98
CA TYR A 93 16.32 -28.26 28.12
C TYR A 93 17.18 -28.11 29.37
N ARG A 94 18.20 -28.95 29.50
CA ARG A 94 19.09 -28.92 30.64
C ARG A 94 20.09 -27.77 30.63
N ASP A 95 20.51 -27.35 31.82
CA ASP A 95 21.49 -26.28 32.01
C ASP A 95 21.07 -24.93 31.43
N TYR A 96 19.87 -24.49 31.79
CA TYR A 96 19.34 -23.22 31.33
C TYR A 96 18.66 -22.48 32.47
N ASN A 97 18.86 -21.16 32.51
CA ASN A 97 18.30 -20.30 33.55
C ASN A 97 16.81 -20.01 33.31
N TYR A 98 15.93 -20.90 33.79
CA TYR A 98 14.49 -20.74 33.63
C TYR A 98 13.84 -19.74 34.57
N SER A 99 14.57 -19.30 35.60
CA SER A 99 14.03 -18.33 36.57
C SER A 99 13.69 -16.99 35.92
N LEU A 100 14.53 -16.56 34.99
CA LEU A 100 14.34 -15.30 34.28
C LEU A 100 13.21 -15.39 33.25
N VAL A 101 13.00 -16.60 32.74
CA VAL A 101 11.98 -16.89 31.74
C VAL A 101 10.56 -17.05 32.31
N MET A 102 10.42 -17.84 33.36
CA MET A 102 9.12 -18.08 33.99
C MET A 102 8.40 -16.84 34.49
N GLY A 103 7.14 -16.70 34.07
CA GLY A 103 6.33 -15.55 34.46
C GLY A 103 6.82 -14.25 33.84
N ALA A 104 7.57 -14.34 32.74
CA ALA A 104 8.09 -13.15 32.09
C ALA A 104 8.26 -13.23 30.58
N CYS A 105 8.84 -14.32 30.08
CA CYS A 105 9.09 -14.45 28.64
C CYS A 105 8.43 -15.61 27.93
N CYS A 106 7.95 -16.60 28.66
CA CYS A 106 7.35 -17.76 28.01
C CYS A 106 6.56 -18.64 28.98
N GLU A 107 5.58 -19.36 28.44
CA GLU A 107 4.75 -20.27 29.23
C GLU A 107 4.80 -21.66 28.62
N ASN A 108 4.43 -22.67 29.41
CA ASN A 108 4.42 -24.07 28.98
C ASN A 108 5.76 -24.45 28.37
N VAL A 109 6.85 -24.02 29.02
CA VAL A 109 8.20 -24.28 28.53
C VAL A 109 8.61 -25.75 28.50
N ILE A 110 9.12 -26.18 27.35
CA ILE A 110 9.58 -27.55 27.18
C ILE A 110 11.04 -27.61 26.73
N GLY A 111 11.74 -26.48 26.85
CA GLY A 111 13.13 -26.44 26.45
C GLY A 111 13.49 -25.12 25.78
N TYR A 112 14.56 -25.14 24.98
CA TYR A 112 15.00 -23.94 24.28
C TYR A 112 15.50 -24.26 22.89
N MET A 113 15.41 -23.28 21.99
CA MET A 113 15.87 -23.43 20.61
C MET A 113 17.17 -22.65 20.38
N PRO A 114 18.27 -23.37 20.14
CA PRO A 114 19.58 -22.74 19.90
C PRO A 114 19.72 -22.16 18.50
N ILE A 115 19.99 -20.86 18.40
CA ILE A 115 20.17 -20.23 17.10
C ILE A 115 21.63 -19.83 16.96
N PRO A 116 22.32 -20.33 15.92
CA PRO A 116 23.72 -20.02 15.70
C PRO A 116 23.97 -18.51 15.67
N VAL A 117 24.94 -18.06 16.47
CA VAL A 117 25.28 -16.65 16.50
C VAL A 117 26.64 -16.42 15.84
N GLY A 118 26.66 -15.52 14.86
CA GLY A 118 27.88 -15.19 14.15
C GLY A 118 28.22 -13.74 14.43
N VAL A 119 29.41 -13.31 14.01
CA VAL A 119 29.81 -11.93 14.23
C VAL A 119 30.27 -11.25 12.96
N ALA A 120 29.80 -10.02 12.77
CA ALA A 120 30.15 -9.23 11.60
C ALA A 120 30.81 -7.95 12.10
N GLY A 121 31.93 -7.61 11.49
CA GLY A 121 32.64 -6.41 11.90
C GLY A 121 34.13 -6.38 11.61
N PRO A 122 34.82 -5.33 12.05
CA PRO A 122 34.22 -4.21 12.78
C PRO A 122 33.38 -3.28 11.90
N LEU A 123 32.35 -2.70 12.50
CA LEU A 123 31.51 -1.76 11.78
C LEU A 123 31.96 -0.38 12.23
N CYS A 124 32.53 0.38 11.28
CA CYS A 124 33.01 1.71 11.57
C CYS A 124 31.86 2.67 11.40
N LEU A 125 31.30 3.08 12.53
CA LEU A 125 30.15 3.95 12.54
C LEU A 125 30.29 5.07 13.57
N ASP A 126 30.14 6.31 13.11
CA ASP A 126 30.26 7.49 13.97
C ASP A 126 31.57 7.50 14.77
N GLU A 127 32.67 7.16 14.10
CA GLU A 127 34.00 7.12 14.68
C GLU A 127 34.18 6.14 15.83
N LYS A 128 33.45 5.03 15.76
CA LYS A 128 33.54 3.98 16.76
C LYS A 128 33.57 2.69 15.96
N GLU A 129 33.89 1.59 16.63
CA GLU A 129 33.94 0.29 15.97
C GLU A 129 33.05 -0.68 16.72
N PHE A 130 32.22 -1.40 15.98
CA PHE A 130 31.29 -2.34 16.58
C PHE A 130 31.42 -3.76 16.06
N GLN A 131 31.35 -4.72 16.96
CA GLN A 131 31.40 -6.13 16.60
C GLN A 131 29.94 -6.56 16.74
N VAL A 132 29.29 -6.73 15.60
CA VAL A 132 27.86 -7.05 15.57
C VAL A 132 27.44 -8.51 15.57
N PRO A 133 26.73 -8.91 16.63
CA PRO A 133 26.21 -10.27 16.83
C PRO A 133 24.97 -10.48 15.95
N MET A 134 24.91 -11.61 15.24
CA MET A 134 23.80 -11.90 14.35
C MET A 134 23.37 -13.36 14.49
N ALA A 135 22.16 -13.57 15.00
CA ALA A 135 21.61 -14.91 15.19
C ALA A 135 20.85 -15.34 13.93
N THR A 136 21.33 -16.36 13.25
CA THR A 136 20.64 -16.79 12.03
C THR A 136 21.01 -18.20 11.59
N THR A 137 20.19 -18.75 10.70
CA THR A 137 20.40 -20.08 10.16
C THR A 137 20.53 -19.99 8.65
N GLU A 138 20.69 -18.77 8.13
CA GLU A 138 20.83 -18.58 6.69
C GLU A 138 22.30 -18.41 6.28
N GLY A 139 22.79 -19.37 5.49
CA GLY A 139 24.18 -19.31 5.03
C GLY A 139 24.49 -18.09 4.19
N CYS A 140 25.73 -17.62 4.33
CA CYS A 140 26.26 -16.46 3.61
C CYS A 140 25.87 -15.10 4.18
N LEU A 141 24.84 -15.06 5.01
CA LEU A 141 24.38 -13.80 5.59
C LEU A 141 25.46 -13.07 6.39
N VAL A 142 26.01 -13.72 7.42
CA VAL A 142 27.05 -13.10 8.24
C VAL A 142 28.30 -12.77 7.40
N ALA A 143 28.71 -13.68 6.51
CA ALA A 143 29.88 -13.46 5.67
C ALA A 143 29.67 -12.25 4.76
N SER A 144 28.50 -12.22 4.13
CA SER A 144 28.13 -11.14 3.22
C SER A 144 28.14 -9.79 3.95
N THR A 145 27.50 -9.75 5.12
CA THR A 145 27.42 -8.52 5.91
C THR A 145 28.82 -8.08 6.34
N ASN A 146 29.67 -9.07 6.66
CA ASN A 146 31.05 -8.82 7.07
C ASN A 146 31.82 -8.14 5.93
N ARG A 147 31.63 -8.62 4.70
CA ARG A 147 32.29 -8.00 3.56
C ARG A 147 31.85 -6.56 3.40
N GLY A 148 30.56 -6.31 3.68
CA GLY A 148 30.01 -4.97 3.59
C GLY A 148 30.65 -4.03 4.59
N CYS A 149 30.87 -4.52 5.81
CA CYS A 149 31.51 -3.72 6.86
C CYS A 149 32.94 -3.36 6.44
N ARG A 150 33.62 -4.31 5.79
CA ARG A 150 34.98 -4.13 5.31
C ARG A 150 35.06 -2.94 4.34
N ALA A 151 34.17 -2.92 3.35
CA ALA A 151 34.13 -1.85 2.37
C ALA A 151 33.86 -0.49 3.00
N ILE A 152 33.06 -0.47 4.05
CA ILE A 152 32.73 0.78 4.75
C ILE A 152 33.93 1.31 5.53
N GLY A 153 34.62 0.42 6.24
CA GLY A 153 35.80 0.79 7.01
C GLY A 153 36.89 1.37 6.13
N LEU A 154 37.15 0.70 5.00
CA LEU A 154 38.14 1.15 4.05
C LEU A 154 37.71 2.47 3.41
N GLY A 155 36.43 2.79 3.58
CA GLY A 155 35.89 4.02 3.00
C GLY A 155 35.90 5.19 3.96
N GLY A 156 36.43 4.99 5.15
CA GLY A 156 36.46 6.08 6.12
C GLY A 156 35.31 6.03 7.11
N GLY A 157 34.56 4.92 7.12
CA GLY A 157 33.46 4.78 8.05
C GLY A 157 32.11 5.36 7.63
N ALA A 158 31.10 5.09 8.45
CA ALA A 158 29.74 5.53 8.20
C ALA A 158 29.28 6.50 9.28
N SER A 159 28.34 7.38 8.91
CA SER A 159 27.78 8.37 9.83
C SER A 159 26.27 8.12 9.95
N SER A 160 25.72 8.27 11.16
CA SER A 160 24.30 8.05 11.37
C SER A 160 23.68 9.09 12.28
N ARG A 161 22.37 9.28 12.13
CA ARG A 161 21.63 10.22 12.94
C ARG A 161 20.25 9.68 13.30
N VAL A 162 19.84 9.92 14.53
CA VAL A 162 18.51 9.53 14.99
C VAL A 162 17.65 10.74 14.69
N LEU A 163 16.66 10.57 13.83
CA LEU A 163 15.77 11.65 13.42
C LEU A 163 14.56 11.85 14.31
N ALA A 164 14.08 10.77 14.90
CA ALA A 164 12.90 10.82 15.77
C ALA A 164 12.89 9.60 16.68
N ASP A 165 12.21 9.74 17.81
CA ASP A 165 12.12 8.67 18.80
C ASP A 165 10.76 8.70 19.47
N GLY A 166 9.99 7.64 19.30
CA GLY A 166 8.68 7.58 19.92
C GLY A 166 7.86 6.36 19.58
N MET A 167 7.62 5.54 20.59
CA MET A 167 6.80 4.33 20.43
C MET A 167 5.34 4.82 20.37
N THR A 168 4.48 4.08 19.69
CA THR A 168 3.09 4.50 19.57
C THR A 168 2.07 3.43 19.94
N ARG A 169 0.83 3.86 20.14
CA ARG A 169 -0.30 2.98 20.43
C ARG A 169 -1.49 3.74 19.84
N GLY A 170 -2.26 3.06 19.00
CA GLY A 170 -3.38 3.71 18.35
C GLY A 170 -4.73 3.06 18.64
N PRO A 171 -5.33 3.35 19.80
CA PRO A 171 -6.63 2.78 20.17
C PRO A 171 -7.78 3.33 19.32
N VAL A 172 -8.87 2.57 19.30
CA VAL A 172 -10.07 3.00 18.59
C VAL A 172 -11.22 3.16 19.60
N VAL A 173 -11.85 4.33 19.56
CA VAL A 173 -12.99 4.62 20.42
C VAL A 173 -14.16 5.01 19.52
N ARG A 174 -15.37 4.96 20.07
CA ARG A 174 -16.59 5.31 19.32
C ARG A 174 -17.48 6.27 20.07
N LEU A 175 -18.12 7.15 19.33
CA LEU A 175 -19.05 8.13 19.86
C LEU A 175 -20.41 7.80 19.21
N PRO A 176 -21.51 8.29 19.79
CA PRO A 176 -22.83 7.99 19.19
C PRO A 176 -22.97 8.49 17.76
N ARG A 177 -22.34 9.63 17.46
CA ARG A 177 -22.40 10.22 16.13
C ARG A 177 -21.07 10.77 15.64
N ALA A 178 -20.95 10.90 14.33
CA ALA A 178 -19.75 11.42 13.69
C ALA A 178 -19.51 12.84 14.14
N CYS A 179 -20.59 13.54 14.48
CA CYS A 179 -20.52 14.92 14.95
C CYS A 179 -19.88 14.98 16.33
N ASP A 180 -20.09 13.93 17.12
CA ASP A 180 -19.52 13.85 18.47
C ASP A 180 -18.04 13.50 18.40
N SER A 181 -17.71 12.53 17.53
CA SER A 181 -16.32 12.13 17.36
C SER A 181 -15.52 13.33 16.81
N ALA A 182 -16.15 14.14 15.96
CA ALA A 182 -15.52 15.32 15.39
C ALA A 182 -15.24 16.33 16.49
N GLU A 183 -16.16 16.41 17.46
CA GLU A 183 -16.03 17.32 18.60
C GLU A 183 -14.87 16.89 19.50
N VAL A 184 -14.71 15.59 19.66
CA VAL A 184 -13.61 15.06 20.48
C VAL A 184 -12.27 15.36 19.81
N LYS A 185 -12.23 15.18 18.49
CA LYS A 185 -11.03 15.44 17.69
C LYS A 185 -10.59 16.89 17.86
N ALA A 186 -11.55 17.82 17.75
CA ALA A 186 -11.27 19.24 17.90
C ALA A 186 -10.79 19.55 19.30
N TRP A 187 -11.42 18.91 20.29
CA TRP A 187 -11.06 19.09 21.69
C TRP A 187 -9.62 18.65 21.92
N LEU A 188 -9.29 17.47 21.40
CA LEU A 188 -7.95 16.92 21.54
C LEU A 188 -6.88 17.79 20.86
N GLU A 189 -7.33 18.64 19.93
CA GLU A 189 -6.44 19.50 19.20
C GLU A 189 -6.24 20.90 19.82
N THR A 190 -7.00 21.21 20.86
CA THR A 190 -6.85 22.47 21.57
C THR A 190 -5.68 22.27 22.54
N SER A 191 -4.99 23.36 22.87
CA SER A 191 -3.84 23.30 23.78
C SER A 191 -4.26 22.84 25.17
N GLU A 192 -5.43 23.30 25.61
CA GLU A 192 -5.95 22.92 26.92
C GLU A 192 -6.39 21.46 26.98
N GLY A 193 -6.98 20.97 25.89
CA GLY A 193 -7.41 19.58 25.83
C GLY A 193 -6.23 18.64 25.83
N PHE A 194 -5.21 18.99 25.06
CA PHE A 194 -4.00 18.19 24.95
C PHE A 194 -3.26 18.11 26.29
N ALA A 195 -3.20 19.26 26.98
CA ALA A 195 -2.53 19.32 28.29
C ALA A 195 -3.15 18.39 29.34
N VAL A 196 -4.48 18.30 29.39
CA VAL A 196 -5.09 17.42 30.38
C VAL A 196 -4.80 15.96 30.06
N ILE A 197 -4.77 15.63 28.76
CA ILE A 197 -4.48 14.27 28.31
C ILE A 197 -3.01 13.93 28.59
N LYS A 198 -2.14 14.88 28.26
CA LYS A 198 -0.71 14.71 28.48
C LYS A 198 -0.41 14.52 29.96
N GLU A 199 -1.10 15.26 30.82
CA GLU A 199 -0.90 15.12 32.26
C GLU A 199 -1.29 13.71 32.73
N ALA A 200 -2.45 13.23 32.29
CA ALA A 200 -2.90 11.88 32.67
C ALA A 200 -1.96 10.79 32.13
N PHE A 201 -1.50 10.97 30.89
CA PHE A 201 -0.61 10.01 30.24
C PHE A 201 0.74 9.92 30.96
N ASP A 202 1.35 11.07 31.20
CA ASP A 202 2.67 11.16 31.85
C ASP A 202 2.73 10.76 33.32
N SER A 203 1.58 10.76 33.99
CA SER A 203 1.51 10.42 35.42
C SER A 203 1.65 8.93 35.68
N THR A 204 1.87 8.15 34.62
CA THR A 204 2.01 6.71 34.74
C THR A 204 3.43 6.18 34.84
N SER A 205 4.40 6.98 34.42
CA SER A 205 5.80 6.58 34.45
C SER A 205 6.79 7.75 34.36
N ARG A 206 8.01 7.51 34.82
CA ARG A 206 9.07 8.50 34.80
C ARG A 206 9.46 8.90 33.37
N PHE A 207 9.52 7.92 32.48
CA PHE A 207 9.91 8.17 31.10
C PHE A 207 8.75 8.48 30.13
N ALA A 208 7.51 8.27 30.59
CA ALA A 208 6.34 8.53 29.78
C ALA A 208 6.15 10.03 29.56
N ARG A 209 6.41 10.49 28.33
CA ARG A 209 6.29 11.90 27.96
C ARG A 209 5.61 12.04 26.60
N LEU A 210 4.28 12.25 26.63
CA LEU A 210 3.46 12.40 25.43
C LEU A 210 3.99 13.49 24.51
N GLN A 211 4.35 13.09 23.29
CA GLN A 211 4.92 13.99 22.28
C GLN A 211 3.96 14.79 21.43
N LYS A 212 2.89 14.12 21.01
CA LYS A 212 1.91 14.73 20.13
C LYS A 212 0.76 13.76 19.90
N LEU A 213 -0.23 14.24 19.16
CA LEU A 213 -1.39 13.44 18.89
C LEU A 213 -1.84 13.52 17.45
N HIS A 214 -1.88 12.37 16.79
CA HIS A 214 -2.39 12.31 15.43
C HIS A 214 -3.77 11.65 15.57
N THR A 215 -4.80 12.33 15.07
CA THR A 215 -6.16 11.81 15.21
C THR A 215 -6.87 11.63 13.89
N SER A 216 -7.46 10.45 13.70
CA SER A 216 -8.16 10.16 12.47
C SER A 216 -9.61 9.67 12.71
N ILE A 217 -10.53 10.17 11.92
CA ILE A 217 -11.94 9.83 12.03
C ILE A 217 -12.44 8.94 10.89
N ALA A 218 -13.29 7.99 11.25
CA ALA A 218 -13.93 7.10 10.28
C ALA A 218 -15.39 7.04 10.78
N GLY A 219 -16.17 8.05 10.39
CA GLY A 219 -17.56 8.14 10.82
C GLY A 219 -17.59 8.44 12.30
N ARG A 220 -18.33 7.64 13.07
CA ARG A 220 -18.42 7.84 14.52
C ARG A 220 -17.22 7.24 15.27
N ASN A 221 -16.32 6.59 14.53
CA ASN A 221 -15.10 6.00 15.09
C ASN A 221 -13.99 7.06 15.16
N LEU A 222 -13.16 6.97 16.18
CA LEU A 222 -12.05 7.88 16.36
C LEU A 222 -10.80 7.09 16.72
N TYR A 223 -9.77 7.22 15.89
CA TYR A 223 -8.50 6.53 16.11
C TYR A 223 -7.52 7.58 16.59
N ILE A 224 -6.89 7.31 17.73
CA ILE A 224 -5.95 8.25 18.32
C ILE A 224 -4.60 7.59 18.45
N ARG A 225 -3.60 8.20 17.81
CA ARG A 225 -2.24 7.68 17.85
C ARG A 225 -1.44 8.41 18.91
N PHE A 226 -1.14 7.72 20.00
CA PHE A 226 -0.34 8.27 21.09
C PHE A 226 1.12 7.96 20.78
N GLN A 227 1.99 8.94 20.99
CA GLN A 227 3.42 8.75 20.76
C GLN A 227 4.23 9.33 21.90
N SER A 228 5.14 8.53 22.45
CA SER A 228 5.95 8.98 23.56
C SER A 228 7.28 8.24 23.61
N ARG A 229 8.28 8.89 24.22
CA ARG A 229 9.59 8.29 24.41
C ARG A 229 9.42 7.28 25.51
N SER A 230 10.41 6.42 25.71
CA SER A 230 10.29 5.39 26.73
C SER A 230 11.64 5.00 27.32
N GLY A 231 12.51 5.99 27.52
CA GLY A 231 13.83 5.70 28.05
C GLY A 231 14.54 4.73 27.11
N ASP A 232 15.12 3.66 27.67
CA ASP A 232 15.83 2.67 26.87
C ASP A 232 14.99 1.44 26.53
N ALA A 233 13.72 1.46 26.93
CA ALA A 233 12.80 0.35 26.66
C ALA A 233 12.13 0.51 25.31
N MET A 234 11.78 -0.63 24.68
CA MET A 234 11.09 -0.59 23.39
C MET A 234 9.81 0.20 23.64
N GLY A 235 9.24 0.00 24.83
CA GLY A 235 8.08 0.77 25.25
C GLY A 235 6.64 0.38 24.99
N MET A 236 6.38 -0.81 24.48
CA MET A 236 5.01 -1.20 24.22
C MET A 236 4.12 -1.19 25.48
N ASN A 237 4.56 -1.87 26.53
CA ASN A 237 3.81 -1.93 27.78
C ASN A 237 3.62 -0.57 28.41
N MET A 238 4.68 0.22 28.45
CA MET A 238 4.63 1.55 29.02
C MET A 238 3.62 2.46 28.32
N ILE A 239 3.67 2.49 26.99
CA ILE A 239 2.76 3.31 26.20
C ILE A 239 1.31 2.82 26.33
N SER A 240 1.14 1.51 26.50
CA SER A 240 -0.19 0.95 26.65
C SER A 240 -0.82 1.44 27.96
N LYS A 241 -0.01 1.44 29.02
CA LYS A 241 -0.44 1.89 30.33
C LYS A 241 -0.82 3.37 30.29
N GLY A 242 0.05 4.18 29.67
CA GLY A 242 -0.24 5.60 29.55
C GLY A 242 -1.52 5.86 28.77
N THR A 243 -1.70 5.10 27.69
CA THR A 243 -2.88 5.23 26.84
C THR A 243 -4.18 4.92 27.60
N GLU A 244 -4.17 3.84 28.40
CA GLU A 244 -5.34 3.46 29.19
C GLU A 244 -5.76 4.57 30.15
N LYS A 245 -4.77 5.21 30.78
CA LYS A 245 -4.99 6.30 31.73
C LYS A 245 -5.54 7.53 31.04
N ALA A 246 -4.96 7.87 29.90
CA ALA A 246 -5.36 9.03 29.12
C ALA A 246 -6.78 8.88 28.59
N LEU A 247 -7.15 7.66 28.24
CA LEU A 247 -8.50 7.42 27.73
C LEU A 247 -9.53 7.54 28.86
N SER A 248 -9.12 7.24 30.10
CA SER A 248 -9.99 7.38 31.27
C SER A 248 -10.29 8.86 31.46
N LYS A 249 -9.24 9.67 31.42
CA LYS A 249 -9.40 11.11 31.59
C LYS A 249 -10.32 11.70 30.52
N LEU A 250 -10.15 11.22 29.29
CA LEU A 250 -10.95 11.67 28.16
C LEU A 250 -12.41 11.26 28.34
N HIS A 251 -12.62 10.11 28.95
CA HIS A 251 -13.95 9.57 29.21
C HIS A 251 -14.73 10.45 30.22
N GLU A 252 -14.01 11.12 31.11
CA GLU A 252 -14.63 12.00 32.10
C GLU A 252 -15.24 13.22 31.40
N TYR A 253 -14.60 13.66 30.32
CA TYR A 253 -15.09 14.79 29.55
C TYR A 253 -16.15 14.38 28.53
N PHE A 254 -16.10 13.11 28.11
CA PHE A 254 -17.04 12.59 27.13
C PHE A 254 -17.55 11.23 27.59
N PRO A 255 -18.46 11.23 28.58
CA PRO A 255 -19.05 10.01 29.15
C PRO A 255 -19.72 9.06 28.15
N GLU A 256 -20.17 9.60 27.03
CA GLU A 256 -20.82 8.78 26.00
C GLU A 256 -19.83 8.02 25.11
N MET A 257 -18.54 8.29 25.31
CA MET A 257 -17.47 7.63 24.54
C MET A 257 -17.25 6.18 24.95
N GLN A 258 -17.23 5.30 23.95
CA GLN A 258 -17.00 3.89 24.17
C GLN A 258 -15.59 3.52 23.71
N ILE A 259 -14.83 2.90 24.61
CA ILE A 259 -13.48 2.47 24.28
C ILE A 259 -13.59 1.06 23.72
N LEU A 260 -13.53 0.96 22.39
CA LEU A 260 -13.63 -0.34 21.73
C LEU A 260 -12.43 -1.26 21.88
N ALA A 261 -11.22 -0.69 21.82
CA ALA A 261 -10.01 -1.51 21.94
C ALA A 261 -8.80 -0.61 22.15
N VAL A 262 -7.94 -0.97 23.08
CA VAL A 262 -6.76 -0.18 23.39
C VAL A 262 -5.83 -0.11 22.16
N SER A 263 -6.04 -1.04 21.23
CA SER A 263 -5.32 -1.05 19.97
C SER A 263 -6.30 -1.26 18.82
N GLY A 264 -6.46 -0.23 18.01
CA GLY A 264 -7.30 -0.30 16.83
C GLY A 264 -6.50 -0.42 15.55
N ASN A 265 -5.31 -1.00 15.63
CA ASN A 265 -4.41 -1.18 14.47
C ASN A 265 -3.94 0.14 13.85
N TYR A 266 -4.00 1.21 14.64
CA TYR A 266 -3.56 2.50 14.15
C TYR A 266 -2.20 2.86 14.72
N CYS A 267 -1.56 1.93 15.43
CA CYS A 267 -0.24 2.18 16.03
C CYS A 267 0.86 2.43 14.96
N THR A 268 1.14 1.50 14.04
CA THR A 268 0.50 0.19 13.92
C THR A 268 1.56 -0.83 14.34
N ASP A 269 1.16 -1.80 15.15
CA ASP A 269 2.08 -2.82 15.65
C ASP A 269 2.05 -4.18 14.95
N LYS A 270 3.22 -4.58 14.43
CA LYS A 270 3.42 -5.86 13.75
C LYS A 270 2.62 -6.18 12.50
N LYS A 271 2.14 -5.14 11.83
CA LYS A 271 1.42 -5.31 10.58
C LYS A 271 1.97 -4.23 9.67
N PRO A 272 2.09 -4.52 8.36
CA PRO A 272 2.60 -3.47 7.46
C PRO A 272 1.59 -2.32 7.42
N ALA A 273 2.09 -1.08 7.45
CA ALA A 273 1.20 0.08 7.44
C ALA A 273 1.92 1.33 6.95
N ALA A 274 1.26 2.06 6.05
CA ALA A 274 1.82 3.29 5.51
C ALA A 274 2.06 4.32 6.61
N ILE A 275 1.26 4.26 7.68
CA ILE A 275 1.41 5.22 8.77
C ILE A 275 2.77 5.15 9.49
N ASN A 276 3.35 3.97 9.63
CA ASN A 276 4.65 3.82 10.28
C ASN A 276 5.75 4.36 9.34
N TRP A 277 5.54 4.14 8.04
CA TRP A 277 6.47 4.58 7.02
C TRP A 277 6.51 6.11 6.88
N ILE A 278 5.33 6.74 6.94
CA ILE A 278 5.19 8.18 6.80
C ILE A 278 5.42 9.00 8.08
N GLU A 279 4.98 8.49 9.22
CA GLU A 279 5.13 9.22 10.47
C GLU A 279 6.18 8.64 11.41
N GLY A 280 6.66 7.44 11.10
CA GLY A 280 7.66 6.80 11.93
C GLY A 280 7.03 6.11 13.13
N ARG A 281 7.82 5.24 13.74
CA ARG A 281 7.41 4.50 14.92
C ARG A 281 8.68 4.00 15.57
N GLY A 282 8.83 4.25 16.87
CA GLY A 282 10.04 3.84 17.55
C GLY A 282 11.12 4.84 17.13
N LYS A 283 12.22 4.36 16.59
CA LYS A 283 13.31 5.23 16.17
C LYS A 283 13.49 5.39 14.66
N SER A 284 13.49 6.63 14.19
CA SER A 284 13.72 6.89 12.77
C SER A 284 15.21 7.19 12.64
N VAL A 285 15.88 6.46 11.76
CA VAL A 285 17.33 6.59 11.61
C VAL A 285 17.79 6.70 10.17
N VAL A 286 18.90 7.38 9.97
CA VAL A 286 19.50 7.54 8.65
C VAL A 286 21.00 7.26 8.79
N CYS A 287 21.54 6.59 7.81
CA CYS A 287 22.95 6.25 7.80
C CYS A 287 23.49 6.50 6.40
N GLU A 288 24.78 6.82 6.32
CA GLU A 288 25.42 7.11 5.03
C GLU A 288 26.92 6.76 5.05
N ALA A 289 27.48 6.56 3.86
CA ALA A 289 28.89 6.21 3.69
C ALA A 289 29.30 6.35 2.23
N VAL A 290 30.58 6.64 2.02
CA VAL A 290 31.10 6.76 0.67
C VAL A 290 32.17 5.70 0.49
N ILE A 291 31.97 4.84 -0.50
CA ILE A 291 32.90 3.76 -0.80
C ILE A 291 33.78 4.17 -1.99
N PRO A 292 35.10 4.32 -1.78
CA PRO A 292 36.00 4.70 -2.87
C PRO A 292 35.91 3.69 -4.00
N ALA A 293 36.10 4.15 -5.23
CA ALA A 293 36.03 3.28 -6.41
C ALA A 293 36.94 2.05 -6.27
N LYS A 294 38.15 2.29 -5.74
CA LYS A 294 39.17 1.26 -5.52
C LYS A 294 38.59 0.13 -4.66
N VAL A 295 37.91 0.53 -3.59
CA VAL A 295 37.28 -0.40 -2.66
C VAL A 295 36.09 -1.16 -3.27
N VAL A 296 35.36 -0.53 -4.19
CA VAL A 296 34.20 -1.16 -4.83
C VAL A 296 34.67 -2.27 -5.77
N ARG A 297 35.71 -1.96 -6.53
CA ARG A 297 36.30 -2.91 -7.47
C ARG A 297 36.92 -4.13 -6.79
N GLU A 298 37.73 -3.88 -5.76
CA GLU A 298 38.45 -4.93 -5.05
C GLU A 298 37.72 -5.74 -3.98
N VAL A 299 36.95 -5.06 -3.14
CA VAL A 299 36.23 -5.76 -2.07
C VAL A 299 34.86 -6.27 -2.53
N LEU A 300 34.13 -5.43 -3.27
CA LEU A 300 32.79 -5.75 -3.78
C LEU A 300 32.75 -6.42 -5.16
N LYS A 301 33.87 -6.38 -5.88
CA LYS A 301 34.02 -7.01 -7.20
C LYS A 301 33.08 -6.46 -8.27
N THR A 302 32.85 -5.16 -8.26
CA THR A 302 31.97 -4.55 -9.24
C THR A 302 32.34 -3.08 -9.38
N THR A 303 31.51 -2.33 -10.09
CA THR A 303 31.75 -0.89 -10.29
C THR A 303 30.64 -0.05 -9.68
N THR A 304 30.93 1.23 -9.47
CA THR A 304 29.97 2.15 -8.92
C THR A 304 28.76 2.30 -9.86
N GLU A 305 29.01 2.30 -11.17
CA GLU A 305 27.97 2.44 -12.16
C GLU A 305 26.98 1.26 -12.16
N ALA A 306 27.50 0.04 -11.99
CA ALA A 306 26.66 -1.15 -11.98
C ALA A 306 25.81 -1.23 -10.71
N MET A 307 26.41 -0.83 -9.59
CA MET A 307 25.73 -0.80 -8.30
C MET A 307 24.52 0.15 -8.37
N ILE A 308 24.77 1.34 -8.93
CA ILE A 308 23.73 2.35 -9.06
C ILE A 308 22.59 1.89 -9.95
N GLU A 309 22.93 1.22 -11.06
CA GLU A 309 21.91 0.74 -11.97
C GLU A 309 21.06 -0.37 -11.35
N VAL A 310 21.67 -1.20 -10.51
CA VAL A 310 20.93 -2.26 -9.85
C VAL A 310 20.03 -1.66 -8.76
N ASN A 311 20.57 -0.74 -7.96
CA ASN A 311 19.79 -0.12 -6.91
C ASN A 311 18.53 0.58 -7.43
N ILE A 312 18.68 1.36 -8.50
CA ILE A 312 17.56 2.09 -9.05
C ILE A 312 16.48 1.20 -9.66
N ASN A 313 16.88 0.22 -10.45
CA ASN A 313 15.93 -0.65 -11.10
C ASN A 313 15.37 -1.79 -10.27
N LYS A 314 15.99 -2.06 -9.12
CA LYS A 314 15.57 -3.11 -8.21
C LYS A 314 14.85 -2.49 -7.01
N ASN A 315 15.60 -1.74 -6.21
CA ASN A 315 15.07 -1.11 -5.00
C ASN A 315 14.10 0.03 -5.18
N LEU A 316 14.14 0.70 -6.34
CA LEU A 316 13.20 1.77 -6.60
C LEU A 316 12.11 1.32 -7.58
N VAL A 317 12.49 1.10 -8.83
CA VAL A 317 11.56 0.69 -9.84
C VAL A 317 10.91 -0.67 -9.59
N GLY A 318 11.72 -1.66 -9.21
CA GLY A 318 11.19 -2.99 -8.95
C GLY A 318 10.17 -3.01 -7.82
N SER A 319 10.53 -2.39 -6.70
CA SER A 319 9.66 -2.27 -5.53
C SER A 319 8.38 -1.51 -5.90
N ALA A 320 8.50 -0.53 -6.79
CA ALA A 320 7.37 0.24 -7.25
C ALA A 320 6.41 -0.66 -8.04
N MET A 321 6.96 -1.48 -8.94
CA MET A 321 6.17 -2.39 -9.76
C MET A 321 5.47 -3.46 -8.93
N ALA A 322 6.09 -3.85 -7.81
CA ALA A 322 5.53 -4.85 -6.93
C ALA A 322 4.48 -4.27 -5.97
N GLY A 323 4.32 -2.95 -5.97
CA GLY A 323 3.36 -2.30 -5.09
C GLY A 323 3.79 -2.32 -3.64
N SER A 324 5.05 -1.95 -3.41
CA SER A 324 5.61 -1.93 -2.06
C SER A 324 5.40 -0.62 -1.34
N ILE A 325 5.14 -0.68 -0.04
CA ILE A 325 5.05 0.51 0.78
C ILE A 325 6.15 0.27 1.80
N GLY A 326 7.23 1.06 1.72
CA GLY A 326 8.32 0.90 2.67
C GLY A 326 9.34 -0.19 2.40
N GLY A 327 9.18 -0.93 1.31
CA GLY A 327 10.12 -1.99 1.01
C GLY A 327 11.08 -1.65 -0.12
N TYR A 328 11.68 -0.47 -0.04
CA TYR A 328 12.62 0.01 -1.07
C TYR A 328 14.08 -0.30 -0.73
N ASN A 329 14.34 -1.56 -0.48
CA ASN A 329 15.66 -2.04 -0.09
C ASN A 329 15.81 -3.47 -0.61
N ALA A 330 17.01 -4.03 -0.47
CA ALA A 330 17.27 -5.38 -0.94
C ALA A 330 16.94 -6.47 0.10
N HIS A 331 17.49 -6.32 1.31
CA HIS A 331 17.23 -7.32 2.34
C HIS A 331 17.47 -6.83 3.76
N ALA A 332 16.98 -5.64 4.07
CA ALA A 332 17.13 -5.10 5.42
C ALA A 332 16.52 -6.06 6.47
N ALA A 333 15.46 -6.78 6.10
CA ALA A 333 14.82 -7.72 7.01
C ALA A 333 15.77 -8.81 7.50
N ASN A 334 16.68 -9.25 6.62
CA ASN A 334 17.66 -10.28 6.99
C ASN A 334 18.52 -9.80 8.15
N ILE A 335 19.02 -8.57 8.03
CA ILE A 335 19.89 -7.99 9.05
C ILE A 335 19.12 -7.65 10.32
N VAL A 336 17.97 -7.02 10.16
CA VAL A 336 17.16 -6.65 11.32
C VAL A 336 16.81 -7.89 12.15
N THR A 337 16.36 -8.95 11.48
CA THR A 337 15.98 -10.18 12.17
C THR A 337 17.12 -10.85 12.93
N ALA A 338 18.27 -10.95 12.27
CA ALA A 338 19.46 -11.58 12.86
C ALA A 338 19.90 -10.85 14.12
N ILE A 339 19.93 -9.52 14.08
CA ILE A 339 20.35 -8.75 15.25
C ILE A 339 19.29 -8.78 16.36
N TYR A 340 18.02 -8.75 15.96
CA TYR A 340 16.91 -8.78 16.91
C TYR A 340 16.88 -10.07 17.74
N ILE A 341 17.11 -11.20 17.09
CA ILE A 341 17.10 -12.48 17.79
C ILE A 341 18.31 -12.60 18.72
N ALA A 342 19.47 -12.12 18.27
CA ALA A 342 20.70 -12.17 19.06
C ALA A 342 20.62 -11.24 20.26
N CYS A 343 19.94 -10.11 20.10
CA CYS A 343 19.84 -9.11 21.16
C CYS A 343 18.57 -9.10 22.02
N GLY A 344 17.76 -10.15 21.95
CA GLY A 344 16.56 -10.21 22.76
C GLY A 344 15.46 -9.23 22.40
N GLN A 345 15.42 -8.81 21.13
CA GLN A 345 14.36 -7.91 20.70
C GLN A 345 13.16 -8.75 20.31
N ASP A 346 12.05 -8.09 20.03
CA ASP A 346 10.85 -8.81 19.61
C ASP A 346 10.98 -9.01 18.10
N ALA A 347 11.30 -10.23 17.70
CA ALA A 347 11.49 -10.58 16.29
C ALA A 347 10.27 -10.34 15.39
N ALA A 348 9.06 -10.42 15.96
CA ALA A 348 7.84 -10.21 15.18
C ALA A 348 7.75 -8.76 14.74
N GLN A 349 8.49 -7.88 15.40
CA GLN A 349 8.49 -6.46 15.04
C GLN A 349 9.36 -6.18 13.83
N ASN A 350 9.87 -7.24 13.25
CA ASN A 350 10.69 -7.17 12.04
C ASN A 350 9.81 -6.68 10.89
N VAL A 351 8.50 -6.86 11.02
CA VAL A 351 7.55 -6.46 10.00
C VAL A 351 7.66 -4.96 9.68
N GLY A 352 7.57 -4.11 10.69
CA GLY A 352 7.70 -2.67 10.45
C GLY A 352 9.14 -2.15 10.60
N SER A 353 9.90 -2.79 11.49
CA SER A 353 11.28 -2.40 11.77
C SER A 353 12.19 -2.43 10.54
N SER A 354 11.87 -3.32 9.61
CA SER A 354 12.62 -3.51 8.38
C SER A 354 12.35 -2.49 7.29
N ASN A 355 11.40 -1.57 7.51
CA ASN A 355 11.10 -0.53 6.52
C ASN A 355 12.40 0.20 6.19
N CYS A 356 12.68 0.35 4.90
CA CYS A 356 13.92 0.97 4.53
C CYS A 356 14.00 1.36 3.07
N ILE A 357 14.57 2.55 2.81
CA ILE A 357 14.81 2.98 1.45
C ILE A 357 16.35 3.12 1.28
N THR A 358 16.90 2.29 0.40
CA THR A 358 18.32 2.29 0.11
C THR A 358 18.61 3.13 -1.12
N LEU A 359 19.44 4.17 -0.97
CA LEU A 359 19.79 5.04 -2.09
C LEU A 359 21.30 5.04 -2.39
N MET A 360 21.63 5.01 -3.68
CA MET A 360 23.01 5.00 -4.15
C MET A 360 23.24 6.00 -5.26
N GLU A 361 24.39 6.66 -5.24
CA GLU A 361 24.73 7.62 -6.30
C GLU A 361 26.23 7.91 -6.44
N ALA A 362 26.61 8.33 -7.65
CA ALA A 362 27.99 8.66 -7.98
C ALA A 362 28.49 9.83 -7.15
N SER A 363 29.67 9.65 -6.55
CA SER A 363 30.28 10.68 -5.72
C SER A 363 31.76 10.80 -6.10
N GLY A 364 32.43 11.81 -5.55
CA GLY A 364 33.85 11.98 -5.82
C GLY A 364 34.25 12.92 -6.95
N PRO A 365 35.57 13.11 -7.13
CA PRO A 365 36.22 13.97 -8.15
C PRO A 365 35.88 13.59 -9.58
N THR A 366 35.80 12.30 -9.84
CA THR A 366 35.47 11.81 -11.18
C THR A 366 34.21 10.95 -11.14
N ASN A 367 33.33 11.23 -10.18
CA ASN A 367 32.09 10.46 -10.00
C ASN A 367 32.42 8.96 -9.98
N GLU A 368 33.56 8.66 -9.38
CA GLU A 368 34.08 7.31 -9.26
C GLU A 368 33.57 6.57 -8.02
N ASP A 369 33.49 7.29 -6.91
CA ASP A 369 33.06 6.71 -5.65
C ASP A 369 31.54 6.48 -5.50
N LEU A 370 31.21 5.47 -4.72
CA LEU A 370 29.83 5.10 -4.44
C LEU A 370 29.28 5.70 -3.16
N TYR A 371 28.32 6.61 -3.29
CA TYR A 371 27.67 7.17 -2.12
C TYR A 371 26.45 6.28 -1.82
N ILE A 372 26.31 5.88 -0.56
CA ILE A 372 25.17 5.06 -0.17
C ILE A 372 24.52 5.56 1.12
N SER A 373 23.19 5.50 1.14
CA SER A 373 22.42 5.90 2.32
C SER A 373 21.25 4.95 2.54
N CYS A 374 20.92 4.72 3.81
CA CYS A 374 19.81 3.88 4.22
C CYS A 374 18.98 4.67 5.21
N THR A 375 17.67 4.81 4.93
CA THR A 375 16.78 5.55 5.81
C THR A 375 15.72 4.56 6.31
N MET A 376 15.69 4.37 7.63
CA MET A 376 14.77 3.45 8.30
C MET A 376 13.96 4.27 9.32
N PRO A 377 12.72 4.61 8.94
CA PRO A 377 11.81 5.41 9.76
C PRO A 377 11.14 4.76 10.94
N SER A 378 11.24 3.45 11.06
CA SER A 378 10.52 2.79 12.15
C SER A 378 11.15 1.58 12.82
N ILE A 379 12.31 1.78 13.44
CA ILE A 379 13.04 0.74 14.15
C ILE A 379 12.47 0.66 15.58
N GLU A 380 11.80 -0.45 15.87
CA GLU A 380 11.19 -0.68 17.19
C GLU A 380 12.21 -1.50 17.96
N ILE A 381 12.83 -0.86 18.94
CA ILE A 381 13.93 -1.52 19.66
C ILE A 381 14.07 -1.05 21.12
N GLY A 382 14.79 -1.83 21.91
CA GLY A 382 15.01 -1.51 23.30
C GLY A 382 16.17 -2.29 23.87
N THR A 383 16.74 -1.80 24.96
CA THR A 383 17.87 -2.46 25.61
C THR A 383 17.54 -2.85 27.05
N VAL A 384 16.28 -2.64 27.43
CA VAL A 384 15.78 -2.96 28.77
C VAL A 384 14.43 -3.65 28.61
N GLY A 385 14.19 -4.69 29.41
CA GLY A 385 12.91 -5.39 29.38
C GLY A 385 12.73 -6.49 28.34
N GLY A 386 11.68 -7.28 28.53
CA GLY A 386 11.37 -8.36 27.61
C GLY A 386 12.50 -9.36 27.54
N GLY A 387 12.84 -9.75 26.30
CA GLY A 387 13.91 -10.71 26.08
C GLY A 387 15.30 -10.18 26.43
N THR A 388 15.45 -8.87 26.60
CA THR A 388 16.75 -8.30 26.93
C THR A 388 17.10 -8.56 28.40
N ASN A 389 16.14 -9.09 29.16
CA ASN A 389 16.36 -9.41 30.57
C ASN A 389 17.08 -10.75 30.75
N LEU A 390 17.19 -11.53 29.68
CA LEU A 390 17.87 -12.83 29.74
C LEU A 390 19.38 -12.64 29.56
N LEU A 391 20.16 -13.49 30.24
CA LEU A 391 21.62 -13.40 30.20
C LEU A 391 22.32 -13.58 28.85
N PRO A 392 21.95 -14.62 28.07
CA PRO A 392 22.61 -14.79 26.76
C PRO A 392 22.42 -13.56 25.84
N GLN A 393 21.20 -13.04 25.75
CA GLN A 393 21.00 -11.87 24.89
C GLN A 393 21.63 -10.61 25.48
N GLN A 394 21.74 -10.55 26.81
CA GLN A 394 22.38 -9.41 27.48
C GLN A 394 23.86 -9.38 27.10
N ALA A 395 24.41 -10.57 26.86
CA ALA A 395 25.81 -10.73 26.48
C ALA A 395 26.03 -10.10 25.11
N CYS A 396 25.09 -10.33 24.19
CA CYS A 396 25.18 -9.76 22.85
C CYS A 396 25.04 -8.26 22.90
N LEU A 397 24.17 -7.77 23.78
CA LEU A 397 23.97 -6.33 23.96
C LEU A 397 25.26 -5.70 24.54
N GLN A 398 25.89 -6.41 25.47
CA GLN A 398 27.13 -5.97 26.11
C GLN A 398 28.25 -5.86 25.08
N MET A 399 28.27 -6.80 24.15
CA MET A 399 29.24 -6.85 23.08
C MET A 399 29.24 -5.50 22.34
N LEU A 400 28.06 -4.88 22.25
CA LEU A 400 27.86 -3.58 21.58
C LEU A 400 27.93 -2.40 22.53
N GLY A 401 28.01 -2.70 23.83
CA GLY A 401 28.08 -1.66 24.85
C GLY A 401 26.80 -0.91 25.07
N VAL A 402 25.66 -1.59 24.87
CA VAL A 402 24.36 -0.96 25.02
C VAL A 402 23.39 -1.72 25.93
N GLN A 403 23.91 -2.65 26.73
CA GLN A 403 23.06 -3.43 27.61
C GLN A 403 22.44 -2.59 28.74
N GLY A 404 21.16 -2.82 29.00
CA GLY A 404 20.47 -2.11 30.07
C GLY A 404 20.23 -0.63 29.89
N ALA A 405 19.78 0.01 30.98
CA ALA A 405 19.49 1.42 30.99
C ALA A 405 20.73 2.28 31.04
N CYS A 406 20.64 3.47 30.44
CA CYS A 406 21.73 4.40 30.48
C CYS A 406 21.33 5.36 31.59
N LYS A 407 22.06 5.28 32.70
CA LYS A 407 21.78 6.12 33.85
C LYS A 407 22.05 7.62 33.58
N ASP A 408 23.14 7.92 32.89
CA ASP A 408 23.50 9.30 32.56
C ASP A 408 22.54 9.99 31.56
N ASN A 409 22.14 9.25 30.53
CA ASN A 409 21.28 9.78 29.47
C ASN A 409 20.27 8.71 29.02
N PRO A 410 19.10 8.65 29.68
CA PRO A 410 18.02 7.70 29.39
C PRO A 410 17.60 7.67 27.92
N GLY A 411 17.72 6.49 27.32
CA GLY A 411 17.36 6.31 25.93
C GLY A 411 18.55 6.18 24.99
N GLU A 412 19.70 6.67 25.44
CA GLU A 412 20.93 6.65 24.65
C GLU A 412 21.36 5.26 24.20
N ASN A 413 21.18 4.26 25.06
CA ASN A 413 21.55 2.89 24.71
C ASN A 413 20.67 2.36 23.56
N ALA A 414 19.37 2.64 23.64
CA ALA A 414 18.42 2.20 22.61
C ALA A 414 18.67 2.93 21.29
N ARG A 415 19.00 4.22 21.37
CA ARG A 415 19.28 5.01 20.17
C ARG A 415 20.56 4.48 19.52
N GLN A 416 21.55 4.16 20.34
CA GLN A 416 22.81 3.62 19.85
C GLN A 416 22.56 2.31 19.13
N LEU A 417 21.74 1.45 19.73
CA LEU A 417 21.44 0.17 19.13
C LEU A 417 20.73 0.36 17.78
N ALA A 418 19.81 1.32 17.70
CA ALA A 418 19.09 1.61 16.47
C ALA A 418 20.06 2.08 15.37
N ARG A 419 21.03 2.91 15.76
CA ARG A 419 22.04 3.41 14.81
C ARG A 419 22.88 2.23 14.31
N ILE A 420 23.17 1.30 15.21
CA ILE A 420 23.96 0.12 14.87
C ILE A 420 23.22 -0.73 13.85
N VAL A 421 21.92 -0.91 14.08
CA VAL A 421 21.09 -1.69 13.18
C VAL A 421 21.03 -1.05 11.79
N CYS A 422 20.86 0.26 11.74
CA CYS A 422 20.80 0.95 10.45
C CYS A 422 22.14 0.81 9.72
N GLY A 423 23.24 0.91 10.47
CA GLY A 423 24.57 0.80 9.90
C GLY A 423 24.84 -0.60 9.36
N THR A 424 24.44 -1.60 10.12
CA THR A 424 24.62 -2.98 9.69
C THR A 424 23.75 -3.27 8.47
N VAL A 425 22.57 -2.68 8.41
CA VAL A 425 21.67 -2.88 7.26
C VAL A 425 22.37 -2.31 6.03
N MET A 426 22.97 -1.13 6.16
CA MET A 426 23.67 -0.52 5.03
C MET A 426 24.82 -1.42 4.53
N ALA A 427 25.57 -2.01 5.46
CA ALA A 427 26.66 -2.92 5.12
C ALA A 427 26.07 -4.12 4.35
N GLY A 428 24.95 -4.62 4.85
CA GLY A 428 24.28 -5.75 4.22
C GLY A 428 23.77 -5.42 2.83
N GLU A 429 23.23 -4.20 2.66
CA GLU A 429 22.72 -3.74 1.37
C GLU A 429 23.86 -3.62 0.36
N LEU A 430 24.99 -3.08 0.81
CA LEU A 430 26.18 -2.92 -0.05
C LEU A 430 26.61 -4.25 -0.62
N SER A 431 26.74 -5.23 0.27
CA SER A 431 27.19 -6.55 -0.12
C SER A 431 26.26 -7.31 -1.06
N LEU A 432 24.96 -7.32 -0.76
CA LEU A 432 24.00 -8.01 -1.63
C LEU A 432 23.88 -7.33 -2.98
N MET A 433 23.87 -5.99 -3.00
CA MET A 433 23.76 -5.27 -4.26
C MET A 433 24.95 -5.59 -5.16
N ALA A 434 26.13 -5.72 -4.55
CA ALA A 434 27.36 -6.03 -5.28
C ALA A 434 27.25 -7.44 -5.89
N ALA A 435 26.79 -8.40 -5.10
CA ALA A 435 26.63 -9.76 -5.59
C ALA A 435 25.62 -9.84 -6.74
N LEU A 436 24.60 -8.98 -6.70
CA LEU A 436 23.59 -8.97 -7.74
C LEU A 436 24.13 -8.31 -9.00
N ALA A 437 24.90 -7.24 -8.82
CA ALA A 437 25.51 -6.50 -9.93
C ALA A 437 26.59 -7.30 -10.65
N ALA A 438 27.50 -7.91 -9.90
CA ALA A 438 28.58 -8.69 -10.48
C ALA A 438 28.13 -9.95 -11.22
N GLY A 439 27.55 -10.92 -10.51
CA GLY A 439 27.10 -12.13 -11.16
C GLY A 439 26.16 -13.01 -10.34
N SER B 42 48.49 -25.44 21.69
CA SER B 42 47.57 -24.87 22.71
C SER B 42 46.89 -23.61 22.19
N ASP B 43 45.82 -23.19 22.86
CA ASP B 43 45.06 -22.00 22.47
C ASP B 43 45.92 -20.73 22.45
N ALA B 44 46.80 -20.59 23.45
CA ALA B 44 47.69 -19.43 23.53
C ALA B 44 48.58 -19.30 22.28
N GLU B 45 48.98 -20.45 21.75
CA GLU B 45 49.84 -20.52 20.55
C GLU B 45 49.08 -20.16 19.28
N ILE B 46 47.89 -20.73 19.14
CA ILE B 46 47.05 -20.48 17.97
C ILE B 46 46.64 -19.02 17.87
N ILE B 47 46.48 -18.36 19.02
CA ILE B 47 46.08 -16.95 19.06
C ILE B 47 47.25 -16.03 18.67
N GLN B 48 48.47 -16.38 19.07
CA GLN B 48 49.64 -15.57 18.73
C GLN B 48 49.91 -15.63 17.23
N LEU B 49 49.57 -16.76 16.62
CA LEU B 49 49.74 -16.97 15.18
C LEU B 49 48.81 -16.07 14.39
N VAL B 50 47.61 -15.86 14.93
CA VAL B 50 46.61 -15.01 14.31
C VAL B 50 47.02 -13.55 14.45
N ASN B 51 47.41 -13.13 15.66
CA ASN B 51 47.84 -11.75 15.89
C ASN B 51 49.20 -11.46 15.25
N ALA B 52 49.49 -12.20 14.19
CA ALA B 52 50.71 -12.06 13.42
C ALA B 52 50.24 -11.76 11.98
N LYS B 53 48.92 -11.66 11.82
CA LYS B 53 48.25 -11.37 10.55
C LYS B 53 48.28 -12.52 9.55
N HIS B 54 48.70 -13.71 9.97
CA HIS B 54 48.78 -14.84 9.07
C HIS B 54 47.55 -15.75 8.92
N ILE B 55 46.43 -15.31 9.50
CA ILE B 55 45.11 -15.98 9.46
C ILE B 55 44.09 -14.90 9.83
N PRO B 56 43.01 -14.74 9.04
CA PRO B 56 41.94 -13.75 9.25
C PRO B 56 41.19 -13.85 10.58
N ALA B 57 40.86 -15.09 10.97
CA ALA B 57 40.14 -15.47 12.20
C ALA B 57 38.98 -16.38 11.85
N TYR B 58 38.44 -16.23 10.63
CA TYR B 58 37.33 -17.05 10.19
C TYR B 58 37.75 -18.30 9.41
N LYS B 59 39.05 -18.60 9.47
CA LYS B 59 39.63 -19.77 8.82
C LYS B 59 39.87 -20.89 9.84
N LEU B 60 39.48 -20.64 11.09
CA LEU B 60 39.64 -21.56 12.20
C LEU B 60 39.07 -22.97 12.08
N GLU B 61 37.87 -23.10 11.52
CA GLU B 61 37.26 -24.43 11.39
C GLU B 61 38.06 -25.36 10.48
N THR B 62 38.66 -24.80 9.43
CA THR B 62 39.48 -25.59 8.49
C THR B 62 40.91 -25.69 9.03
N LEU B 63 41.31 -24.66 9.78
CA LEU B 63 42.65 -24.60 10.38
C LEU B 63 42.77 -25.60 11.54
N ILE B 64 41.82 -25.52 12.47
CA ILE B 64 41.75 -26.42 13.63
C ILE B 64 41.04 -27.70 13.20
N GLU B 65 40.94 -28.67 14.13
CA GLU B 65 40.26 -29.92 13.83
C GLU B 65 38.84 -29.89 14.39
N THR B 66 38.72 -29.70 15.71
CA THR B 66 37.42 -29.64 16.36
C THR B 66 36.69 -28.31 16.14
N HIS B 67 35.40 -28.41 15.86
CA HIS B 67 34.56 -27.24 15.61
C HIS B 67 34.37 -26.36 16.84
N GLU B 68 34.06 -26.99 17.96
CA GLU B 68 33.83 -26.26 19.21
C GLU B 68 35.07 -25.46 19.64
N ARG B 69 36.26 -26.01 19.42
CA ARG B 69 37.49 -25.32 19.78
C ARG B 69 37.73 -24.13 18.86
N GLY B 70 37.27 -24.25 17.61
CA GLY B 70 37.41 -23.15 16.67
C GLY B 70 36.61 -21.97 17.20
N VAL B 71 35.40 -22.27 17.66
CA VAL B 71 34.50 -21.28 18.22
C VAL B 71 35.13 -20.63 19.46
N SER B 72 35.68 -21.48 20.34
CA SER B 72 36.34 -21.03 21.57
C SER B 72 37.45 -20.04 21.25
N ILE B 73 38.31 -20.37 20.28
CA ILE B 73 39.39 -19.48 19.93
C ILE B 73 38.90 -18.17 19.32
N ARG B 74 37.89 -18.24 18.46
CA ARG B 74 37.33 -17.03 17.87
C ARG B 74 36.78 -16.09 18.95
N ARG B 75 36.15 -16.69 19.98
CA ARG B 75 35.60 -15.93 21.10
C ARG B 75 36.67 -15.18 21.88
N GLN B 76 37.80 -15.85 22.13
CA GLN B 76 38.92 -15.25 22.87
C GLN B 76 39.50 -14.07 22.09
N LEU B 77 39.65 -14.25 20.78
CA LEU B 77 40.17 -13.19 19.92
C LEU B 77 39.27 -11.96 19.92
N LEU B 78 37.96 -12.21 19.82
CA LEU B 78 36.96 -11.15 19.81
C LEU B 78 36.91 -10.37 21.11
N SER B 79 37.18 -11.05 22.22
CA SER B 79 37.13 -10.46 23.56
C SER B 79 38.08 -9.27 23.77
N LYS B 80 39.27 -9.35 23.18
CA LYS B 80 40.26 -8.27 23.33
C LYS B 80 39.93 -7.01 22.53
N LYS B 81 38.94 -7.12 21.64
CA LYS B 81 38.51 -5.99 20.81
C LYS B 81 37.30 -5.29 21.42
N LEU B 82 36.82 -5.80 22.55
CA LEU B 82 35.64 -5.24 23.19
C LEU B 82 35.88 -4.26 24.34
N SER B 83 35.02 -3.25 24.42
CA SER B 83 35.11 -2.24 25.46
C SER B 83 34.93 -2.93 26.82
N GLU B 84 34.37 -4.14 26.78
CA GLU B 84 34.16 -4.94 27.99
C GLU B 84 34.41 -6.42 27.63
N PRO B 85 35.68 -6.86 27.74
CA PRO B 85 36.20 -8.21 27.46
C PRO B 85 35.47 -9.43 28.01
N SER B 86 34.82 -9.32 29.16
CA SER B 86 34.11 -10.47 29.71
C SER B 86 32.63 -10.54 29.34
N SER B 87 32.22 -9.73 28.37
CA SER B 87 30.83 -9.69 27.92
C SER B 87 30.27 -10.99 27.33
N LEU B 88 31.12 -11.82 26.75
CA LEU B 88 30.69 -13.08 26.16
C LEU B 88 30.49 -14.17 27.20
N GLN B 89 30.79 -13.85 28.46
CA GLN B 89 30.68 -14.79 29.57
C GLN B 89 29.38 -15.61 29.56
N TYR B 90 28.26 -14.96 29.27
CA TYR B 90 26.98 -15.66 29.26
C TYR B 90 26.40 -16.11 27.92
N LEU B 91 27.21 -16.06 26.87
CA LEU B 91 26.79 -16.52 25.55
C LEU B 91 27.27 -17.97 25.43
N PRO B 92 26.35 -18.94 25.49
CA PRO B 92 26.69 -20.36 25.39
C PRO B 92 27.37 -20.73 24.08
N TYR B 93 28.02 -21.89 24.06
CA TYR B 93 28.69 -22.39 22.86
C TYR B 93 29.09 -23.85 23.03
N ARG B 94 29.24 -24.28 24.28
CA ARG B 94 29.64 -25.65 24.59
C ARG B 94 28.60 -26.71 24.30
N ASP B 95 29.08 -27.87 23.86
CA ASP B 95 28.25 -29.03 23.53
C ASP B 95 27.08 -28.73 22.59
N TYR B 96 27.43 -28.40 21.36
CA TYR B 96 26.47 -28.09 20.31
C TYR B 96 27.04 -28.67 19.03
N ASN B 97 26.20 -29.37 18.28
CA ASN B 97 26.61 -29.98 17.02
C ASN B 97 26.83 -28.91 15.95
N TYR B 98 28.04 -28.36 15.90
CA TYR B 98 28.39 -27.33 14.92
C TYR B 98 28.67 -27.87 13.54
N SER B 99 28.85 -29.18 13.42
CA SER B 99 29.14 -29.81 12.14
C SER B 99 28.08 -29.52 11.09
N LEU B 100 26.82 -29.49 11.53
CA LEU B 100 25.69 -29.23 10.66
C LEU B 100 25.55 -27.73 10.33
N VAL B 101 26.13 -26.89 11.18
CA VAL B 101 26.08 -25.45 11.01
C VAL B 101 27.20 -24.84 10.15
N MET B 102 28.46 -25.06 10.50
CA MET B 102 29.57 -24.46 9.73
C MET B 102 29.60 -24.95 8.30
N GLY B 103 29.53 -24.00 7.36
CA GLY B 103 29.53 -24.33 5.95
C GLY B 103 28.13 -24.46 5.34
N ALA B 104 27.10 -24.22 6.14
CA ALA B 104 25.71 -24.31 5.66
C ALA B 104 24.74 -23.28 6.23
N CYS B 105 24.76 -23.07 7.54
CA CYS B 105 23.84 -22.15 8.19
C CYS B 105 24.39 -20.83 8.75
N CYS B 106 25.68 -20.77 9.06
CA CYS B 106 26.25 -19.55 9.65
C CYS B 106 27.78 -19.45 9.55
N GLU B 107 28.29 -18.22 9.61
CA GLU B 107 29.73 -17.94 9.53
C GLU B 107 30.20 -17.15 10.75
N ASN B 108 31.51 -17.19 11.02
CA ASN B 108 32.12 -16.52 12.17
C ASN B 108 31.37 -16.86 13.45
N VAL B 109 31.11 -18.14 13.64
CA VAL B 109 30.36 -18.60 14.80
C VAL B 109 31.08 -18.41 16.12
N ILE B 110 30.40 -17.75 17.06
CA ILE B 110 30.95 -17.50 18.39
C ILE B 110 30.06 -18.08 19.46
N GLY B 111 29.12 -18.94 19.07
CA GLY B 111 28.22 -19.54 20.03
C GLY B 111 26.80 -19.66 19.52
N TYR B 112 25.83 -19.72 20.43
CA TYR B 112 24.42 -19.83 20.05
C TYR B 112 23.50 -19.08 20.98
N MET B 113 22.35 -18.68 20.46
CA MET B 113 21.36 -17.95 21.25
C MET B 113 20.17 -18.83 21.59
N PRO B 114 19.98 -19.14 22.89
CA PRO B 114 18.86 -19.98 23.34
C PRO B 114 17.53 -19.23 23.38
N ILE B 115 16.55 -19.71 22.62
CA ILE B 115 15.24 -19.07 22.63
C ILE B 115 14.24 -19.99 23.33
N PRO B 116 13.62 -19.52 24.41
CA PRO B 116 12.64 -20.32 25.15
C PRO B 116 11.56 -20.91 24.22
N VAL B 117 11.34 -22.21 24.30
CA VAL B 117 10.33 -22.87 23.48
C VAL B 117 9.17 -23.32 24.37
N GLY B 118 7.98 -22.88 24.00
CA GLY B 118 6.79 -23.23 24.75
C GLY B 118 5.89 -24.08 23.85
N VAL B 119 4.83 -24.63 24.41
CA VAL B 119 3.91 -25.46 23.63
C VAL B 119 2.47 -25.01 23.77
N ALA B 120 1.78 -24.94 22.63
CA ALA B 120 0.39 -24.53 22.60
C ALA B 120 -0.39 -25.67 21.97
N GLY B 121 -1.50 -26.06 22.61
CA GLY B 121 -2.31 -27.14 22.09
C GLY B 121 -3.17 -27.87 23.10
N PRO B 122 -3.87 -28.93 22.66
CA PRO B 122 -3.82 -29.39 21.27
C PRO B 122 -4.61 -28.51 20.32
N LEU B 123 -4.15 -28.45 19.07
CA LEU B 123 -4.81 -27.67 18.03
C LEU B 123 -5.62 -28.68 17.22
N CYS B 124 -6.93 -28.57 17.31
CA CYS B 124 -7.84 -29.46 16.59
C CYS B 124 -8.03 -28.89 15.19
N LEU B 125 -7.33 -29.48 14.24
CA LEU B 125 -7.35 -29.00 12.87
C LEU B 125 -7.47 -30.16 11.88
N ASP B 126 -8.49 -30.09 11.02
CA ASP B 126 -8.73 -31.12 10.01
C ASP B 126 -8.82 -32.53 10.61
N GLU B 127 -9.52 -32.63 11.75
CA GLU B 127 -9.71 -33.90 12.45
C GLU B 127 -8.42 -34.54 12.97
N LYS B 128 -7.43 -33.71 13.30
CA LYS B 128 -6.17 -34.17 13.85
C LYS B 128 -5.89 -33.26 15.03
N GLU B 129 -4.90 -33.63 15.85
CA GLU B 129 -4.52 -32.83 17.00
C GLU B 129 -3.03 -32.52 16.93
N PHE B 130 -2.68 -31.26 17.10
CA PHE B 130 -1.30 -30.83 17.03
C PHE B 130 -0.81 -30.13 18.28
N GLN B 131 0.41 -30.46 18.68
CA GLN B 131 1.05 -29.83 19.82
C GLN B 131 2.06 -28.90 19.15
N VAL B 132 1.73 -27.61 19.17
CA VAL B 132 2.53 -26.59 18.49
C VAL B 132 3.64 -25.91 19.27
N PRO B 133 4.90 -26.10 18.81
CA PRO B 133 6.10 -25.52 19.41
C PRO B 133 6.21 -24.05 19.02
N MET B 134 6.47 -23.18 20.00
CA MET B 134 6.60 -21.75 19.75
C MET B 134 7.81 -21.15 20.48
N ALA B 135 8.81 -20.71 19.70
CA ALA B 135 10.01 -20.10 20.27
C ALA B 135 9.80 -18.61 20.42
N THR B 136 9.71 -18.14 21.67
CA THR B 136 9.48 -16.72 21.91
C THR B 136 9.99 -16.21 23.24
N THR B 137 10.20 -14.89 23.33
CA THR B 137 10.63 -14.25 24.56
C THR B 137 9.54 -13.25 25.00
N GLU B 138 8.38 -13.33 24.36
CA GLU B 138 7.28 -12.45 24.73
C GLU B 138 6.26 -13.12 25.65
N GLY B 139 6.14 -12.59 26.87
CA GLY B 139 5.20 -13.14 27.82
C GLY B 139 3.76 -13.09 27.37
N CYS B 140 2.99 -14.09 27.81
CA CYS B 140 1.57 -14.26 27.51
C CYS B 140 1.25 -14.80 26.12
N LEU B 141 2.21 -14.76 25.20
CA LEU B 141 1.99 -15.25 23.85
C LEU B 141 1.56 -16.72 23.79
N VAL B 142 2.39 -17.61 24.33
CA VAL B 142 2.07 -19.05 24.33
C VAL B 142 0.77 -19.33 25.12
N ALA B 143 0.60 -18.69 26.27
CA ALA B 143 -0.60 -18.90 27.09
C ALA B 143 -1.83 -18.44 26.34
N SER B 144 -1.75 -17.25 25.74
CA SER B 144 -2.87 -16.69 24.98
C SER B 144 -3.25 -17.58 23.81
N THR B 145 -2.24 -18.05 23.07
CA THR B 145 -2.49 -18.91 21.93
C THR B 145 -3.12 -20.24 22.38
N ASN B 146 -2.67 -20.72 23.54
CA ASN B 146 -3.17 -21.96 24.12
C ASN B 146 -4.66 -21.82 24.43
N ARG B 147 -5.06 -20.68 24.99
CA ARG B 147 -6.46 -20.43 25.30
C ARG B 147 -7.28 -20.45 24.01
N GLY B 148 -6.68 -19.94 22.93
CA GLY B 148 -7.36 -19.90 21.65
C GLY B 148 -7.60 -21.29 21.11
N CYS B 149 -6.62 -22.17 21.27
CA CYS B 149 -6.71 -23.56 20.83
C CYS B 149 -7.84 -24.27 21.58
N ARG B 150 -7.97 -23.96 22.87
CA ARG B 150 -8.98 -24.53 23.74
C ARG B 150 -10.38 -24.21 23.21
N ALA B 151 -10.62 -22.94 22.89
CA ALA B 151 -11.90 -22.50 22.36
C ALA B 151 -12.25 -23.18 21.05
N ILE B 152 -11.24 -23.45 20.23
CA ILE B 152 -11.45 -24.11 18.94
C ILE B 152 -11.82 -25.58 19.10
N GLY B 153 -11.11 -26.26 20.00
CA GLY B 153 -11.37 -27.67 20.27
C GLY B 153 -12.77 -27.89 20.79
N LEU B 154 -13.17 -27.05 21.75
CA LEU B 154 -14.49 -27.13 22.33
C LEU B 154 -15.58 -26.76 21.32
N GLY B 155 -15.16 -26.17 20.19
CA GLY B 155 -16.10 -25.80 19.16
C GLY B 155 -16.22 -26.82 18.06
N GLY B 156 -15.51 -27.94 18.17
CA GLY B 156 -15.58 -28.95 17.13
C GLY B 156 -14.40 -28.94 16.16
N GLY B 157 -13.36 -28.15 16.48
CA GLY B 157 -12.19 -28.09 15.62
C GLY B 157 -12.24 -27.10 14.46
N ALA B 158 -11.11 -26.98 13.78
CA ALA B 158 -10.94 -26.07 12.66
C ALA B 158 -10.68 -26.83 11.38
N SER B 159 -11.05 -26.23 10.25
CA SER B 159 -10.83 -26.83 8.93
C SER B 159 -9.96 -25.89 8.11
N SER B 160 -9.04 -26.44 7.33
CA SER B 160 -8.14 -25.64 6.50
C SER B 160 -7.93 -26.21 5.12
N ARG B 161 -7.57 -25.34 4.18
CA ARG B 161 -7.32 -25.72 2.81
C ARG B 161 -6.14 -24.95 2.22
N VAL B 162 -5.32 -25.64 1.45
CA VAL B 162 -4.20 -25.01 0.78
C VAL B 162 -4.80 -24.62 -0.58
N LEU B 163 -4.79 -23.33 -0.86
CA LEU B 163 -5.35 -22.77 -2.10
C LEU B 163 -4.38 -22.70 -3.25
N ALA B 164 -3.10 -22.50 -2.95
CA ALA B 164 -2.06 -22.41 -3.97
C ALA B 164 -0.71 -22.72 -3.35
N ASP B 165 0.23 -23.12 -4.20
CA ASP B 165 1.57 -23.48 -3.76
C ASP B 165 2.56 -23.12 -4.84
N GLY B 166 3.48 -22.22 -4.51
CA GLY B 166 4.48 -21.81 -5.48
C GLY B 166 5.40 -20.70 -5.03
N MET B 167 6.68 -21.03 -4.86
CA MET B 167 7.69 -20.06 -4.47
C MET B 167 7.97 -19.23 -5.72
N THR B 168 8.40 -17.99 -5.56
CA THR B 168 8.68 -17.15 -6.73
C THR B 168 10.03 -16.45 -6.71
N ARG B 169 10.42 -15.95 -7.87
CA ARG B 169 11.66 -15.20 -8.06
C ARG B 169 11.33 -14.24 -9.19
N GLY B 170 11.57 -12.95 -8.96
CA GLY B 170 11.26 -11.96 -9.96
C GLY B 170 12.43 -11.14 -10.45
N PRO B 171 13.26 -11.68 -11.37
CA PRO B 171 14.42 -10.94 -11.88
C PRO B 171 14.03 -9.77 -12.76
N VAL B 172 14.98 -8.85 -12.93
CA VAL B 172 14.78 -7.71 -13.81
C VAL B 172 15.83 -7.75 -14.93
N VAL B 173 15.35 -7.66 -16.16
CA VAL B 173 16.21 -7.66 -17.34
C VAL B 173 15.90 -6.37 -18.12
N ARG B 174 16.81 -5.98 -19.00
CA ARG B 174 16.63 -4.79 -19.82
C ARG B 174 16.92 -5.04 -21.29
N LEU B 175 16.16 -4.34 -22.13
CA LEU B 175 16.30 -4.41 -23.57
C LEU B 175 16.69 -3.01 -24.02
N PRO B 176 17.22 -2.87 -25.24
CA PRO B 176 17.61 -1.55 -25.75
C PRO B 176 16.44 -0.55 -25.79
N ARG B 177 15.25 -1.05 -26.11
CA ARG B 177 14.06 -0.23 -26.22
C ARG B 177 12.82 -0.88 -25.61
N ALA B 178 11.84 -0.04 -25.29
CA ALA B 178 10.57 -0.49 -24.72
C ALA B 178 9.86 -1.38 -25.72
N CYS B 179 10.10 -1.13 -27.01
CA CYS B 179 9.51 -1.92 -28.09
C CYS B 179 10.06 -3.33 -28.09
N ASP B 180 11.33 -3.46 -27.69
CA ASP B 180 11.98 -4.78 -27.63
C ASP B 180 11.51 -5.54 -26.40
N SER B 181 11.42 -4.85 -25.26
CA SER B 181 10.95 -5.51 -24.03
C SER B 181 9.49 -5.95 -24.22
N ALA B 182 8.72 -5.17 -24.98
CA ALA B 182 7.33 -5.48 -25.27
C ALA B 182 7.25 -6.74 -26.12
N GLU B 183 8.23 -6.89 -27.02
CA GLU B 183 8.33 -8.05 -27.91
C GLU B 183 8.65 -9.31 -27.10
N VAL B 184 9.54 -9.18 -26.11
CA VAL B 184 9.90 -10.32 -25.27
C VAL B 184 8.69 -10.75 -24.42
N LYS B 185 7.93 -9.77 -23.92
CA LYS B 185 6.74 -10.04 -23.11
C LYS B 185 5.76 -10.86 -23.92
N ALA B 186 5.52 -10.42 -25.15
CA ALA B 186 4.59 -11.11 -26.05
C ALA B 186 5.07 -12.51 -26.35
N TRP B 187 6.38 -12.65 -26.57
CA TRP B 187 7.01 -13.93 -26.86
C TRP B 187 6.81 -14.89 -25.70
N LEU B 188 7.07 -14.41 -24.48
CA LEU B 188 6.91 -15.21 -23.28
C LEU B 188 5.47 -15.62 -23.04
N GLU B 189 4.55 -14.90 -23.68
CA GLU B 189 3.12 -15.17 -23.55
C GLU B 189 2.56 -16.18 -24.55
N THR B 190 3.35 -16.52 -25.56
CA THR B 190 2.93 -17.51 -26.55
C THR B 190 3.21 -18.89 -25.97
N SER B 191 2.59 -19.92 -26.53
CA SER B 191 2.81 -21.28 -26.07
C SER B 191 4.21 -21.79 -26.39
N GLU B 192 4.74 -21.39 -27.54
CA GLU B 192 6.09 -21.80 -27.98
C GLU B 192 7.15 -21.28 -27.02
N GLY B 193 7.17 -19.95 -26.83
CA GLY B 193 8.15 -19.33 -25.95
C GLY B 193 8.10 -19.85 -24.52
N PHE B 194 6.90 -20.08 -24.02
CA PHE B 194 6.71 -20.59 -22.67
C PHE B 194 7.30 -21.98 -22.51
N ALA B 195 6.95 -22.87 -23.43
CA ALA B 195 7.44 -24.25 -23.39
C ALA B 195 8.96 -24.30 -23.38
N VAL B 196 9.58 -23.42 -24.16
CA VAL B 196 11.03 -23.35 -24.25
C VAL B 196 11.62 -22.86 -22.93
N ILE B 197 10.98 -21.88 -22.31
CA ILE B 197 11.45 -21.36 -21.05
C ILE B 197 11.18 -22.40 -19.96
N LYS B 198 9.98 -22.98 -20.00
CA LYS B 198 9.60 -23.99 -19.03
C LYS B 198 10.54 -25.18 -19.04
N GLU B 199 10.92 -25.63 -20.23
CA GLU B 199 11.82 -26.76 -20.39
C GLU B 199 13.18 -26.49 -19.75
N ALA B 200 13.75 -25.31 -20.03
CA ALA B 200 15.05 -24.93 -19.48
C ALA B 200 15.01 -24.78 -17.96
N PHE B 201 13.90 -24.25 -17.46
CA PHE B 201 13.69 -24.05 -16.03
C PHE B 201 13.58 -25.41 -15.35
N ASP B 202 12.71 -26.24 -15.91
CA ASP B 202 12.46 -27.59 -15.38
C ASP B 202 13.63 -28.55 -15.45
N SER B 203 14.67 -28.20 -16.21
CA SER B 203 15.84 -29.06 -16.36
C SER B 203 16.94 -28.80 -15.33
N THR B 204 16.67 -27.90 -14.39
CA THR B 204 17.66 -27.57 -13.37
C THR B 204 17.50 -28.40 -12.09
N SER B 205 16.28 -28.89 -11.87
CA SER B 205 16.01 -29.66 -10.66
C SER B 205 14.87 -30.64 -10.80
N ARG B 206 14.82 -31.55 -9.84
CA ARG B 206 13.82 -32.60 -9.75
C ARG B 206 12.44 -32.05 -9.42
N PHE B 207 12.40 -30.93 -8.71
CA PHE B 207 11.12 -30.33 -8.33
C PHE B 207 10.74 -29.07 -9.10
N ALA B 208 11.60 -28.65 -10.01
CA ALA B 208 11.36 -27.45 -10.83
C ALA B 208 10.27 -27.71 -11.84
N ARG B 209 9.07 -27.21 -11.56
CA ARG B 209 7.91 -27.37 -12.46
C ARG B 209 7.26 -26.00 -12.66
N LEU B 210 7.80 -25.22 -13.59
CA LEU B 210 7.31 -23.86 -13.90
C LEU B 210 5.83 -23.78 -14.26
N GLN B 211 5.13 -22.90 -13.57
CA GLN B 211 3.70 -22.65 -13.79
C GLN B 211 3.63 -21.30 -14.51
N LYS B 212 2.56 -20.57 -14.26
CA LYS B 212 2.34 -19.25 -14.88
C LYS B 212 3.60 -18.40 -14.87
N LEU B 213 3.68 -17.51 -15.85
CA LEU B 213 4.83 -16.63 -15.95
C LEU B 213 4.30 -15.21 -16.00
N HIS B 214 4.21 -14.57 -14.85
CA HIS B 214 3.70 -13.20 -14.79
C HIS B 214 4.82 -12.22 -15.14
N THR B 215 4.52 -11.28 -16.04
CA THR B 215 5.50 -10.30 -16.49
C THR B 215 4.95 -8.88 -16.42
N SER B 216 5.85 -7.93 -16.17
CA SER B 216 5.52 -6.52 -16.09
C SER B 216 6.62 -5.69 -16.71
N ILE B 217 6.20 -4.66 -17.42
CA ILE B 217 7.11 -3.76 -18.12
C ILE B 217 7.17 -2.37 -17.49
N ALA B 218 8.37 -1.81 -17.45
CA ALA B 218 8.60 -0.46 -16.96
C ALA B 218 9.59 0.12 -17.98
N GLY B 219 9.05 0.60 -19.09
CA GLY B 219 9.87 1.15 -20.16
C GLY B 219 10.64 0.01 -20.81
N ARG B 220 11.95 0.15 -20.90
CA ARG B 220 12.77 -0.91 -21.50
C ARG B 220 13.12 -2.03 -20.51
N ASN B 221 12.64 -1.88 -19.27
CA ASN B 221 12.86 -2.89 -18.23
C ASN B 221 11.75 -3.92 -18.28
N LEU B 222 12.09 -5.17 -17.97
CA LEU B 222 11.12 -6.24 -17.96
C LEU B 222 11.32 -7.07 -16.70
N TYR B 223 10.27 -7.16 -15.89
CA TYR B 223 10.28 -7.93 -14.66
C TYR B 223 9.49 -9.20 -14.92
N ILE B 224 10.11 -10.33 -14.64
CA ILE B 224 9.50 -11.62 -14.89
C ILE B 224 9.39 -12.37 -13.57
N ARG B 225 8.16 -12.73 -13.20
CA ARG B 225 7.92 -13.45 -11.97
C ARG B 225 7.76 -14.93 -12.26
N PHE B 226 8.77 -15.71 -11.88
CA PHE B 226 8.77 -17.16 -12.06
C PHE B 226 8.13 -17.78 -10.82
N GLN B 227 7.26 -18.76 -11.02
CA GLN B 227 6.61 -19.43 -9.90
C GLN B 227 6.61 -20.93 -10.12
N SER B 228 7.06 -21.67 -9.11
CA SER B 228 7.14 -23.12 -9.22
C SER B 228 7.03 -23.78 -7.86
N ARG B 229 6.57 -25.03 -7.85
CA ARG B 229 6.49 -25.78 -6.61
C ARG B 229 7.91 -26.22 -6.30
N SER B 230 8.14 -26.73 -5.10
CA SER B 230 9.50 -27.12 -4.72
C SER B 230 9.52 -28.28 -3.73
N GLY B 231 8.65 -29.25 -3.96
CA GLY B 231 8.60 -30.38 -3.04
C GLY B 231 8.30 -29.88 -1.65
N ASP B 232 9.07 -30.34 -0.66
CA ASP B 232 8.88 -29.92 0.73
C ASP B 232 9.81 -28.80 1.16
N ALA B 233 10.61 -28.29 0.24
CA ALA B 233 11.54 -27.20 0.52
C ALA B 233 10.87 -25.84 0.36
N MET B 234 11.34 -24.84 1.11
CA MET B 234 10.80 -23.49 1.00
C MET B 234 11.03 -23.08 -0.48
N GLY B 235 12.17 -23.51 -1.02
CA GLY B 235 12.46 -23.31 -2.43
C GLY B 235 13.18 -22.12 -2.99
N MET B 236 13.72 -21.25 -2.16
CA MET B 236 14.41 -20.07 -2.68
C MET B 236 15.59 -20.42 -3.60
N ASN B 237 16.49 -21.27 -3.12
CA ASN B 237 17.66 -21.68 -3.89
C ASN B 237 17.28 -22.39 -5.18
N MET B 238 16.35 -23.34 -5.07
CA MET B 238 15.89 -24.09 -6.24
C MET B 238 15.32 -23.19 -7.32
N ILE B 239 14.41 -22.28 -6.95
CA ILE B 239 13.79 -21.37 -7.90
C ILE B 239 14.81 -20.42 -8.51
N SER B 240 15.83 -20.05 -7.73
CA SER B 240 16.86 -19.16 -8.22
C SER B 240 17.66 -19.85 -9.32
N LYS B 241 17.99 -21.13 -9.10
CA LYS B 241 18.73 -21.93 -10.07
C LYS B 241 17.92 -22.08 -11.35
N GLY B 242 16.63 -22.42 -11.22
CA GLY B 242 15.78 -22.57 -12.39
C GLY B 242 15.70 -21.26 -13.18
N THR B 243 15.57 -20.15 -12.46
CA THR B 243 15.48 -18.82 -13.06
C THR B 243 16.72 -18.49 -13.89
N GLU B 244 17.91 -18.75 -13.33
CA GLU B 244 19.17 -18.49 -14.02
C GLU B 244 19.26 -19.22 -15.37
N LYS B 245 18.89 -20.49 -15.42
CA LYS B 245 18.96 -21.21 -16.68
C LYS B 245 17.89 -20.72 -17.66
N ALA B 246 16.69 -20.48 -17.15
CA ALA B 246 15.59 -20.00 -17.98
C ALA B 246 15.97 -18.68 -18.65
N LEU B 247 16.69 -17.83 -17.92
CA LEU B 247 17.13 -16.56 -18.46
C LEU B 247 18.21 -16.77 -19.53
N SER B 248 19.00 -17.83 -19.39
CA SER B 248 20.05 -18.17 -20.36
C SER B 248 19.38 -18.54 -21.67
N LYS B 249 18.37 -19.41 -21.58
CA LYS B 249 17.65 -19.84 -22.77
C LYS B 249 16.98 -18.67 -23.47
N LEU B 250 16.45 -17.74 -22.68
CA LEU B 250 15.79 -16.54 -23.21
C LEU B 250 16.80 -15.63 -23.90
N HIS B 251 18.01 -15.61 -23.37
CA HIS B 251 19.09 -14.80 -23.93
C HIS B 251 19.52 -15.29 -25.32
N GLU B 252 19.35 -16.58 -25.58
CA GLU B 252 19.69 -17.15 -26.88
C GLU B 252 18.74 -16.62 -27.95
N TYR B 253 17.50 -16.36 -27.58
CA TYR B 253 16.51 -15.83 -28.52
C TYR B 253 16.57 -14.30 -28.60
N PHE B 254 17.10 -13.68 -27.55
CA PHE B 254 17.21 -12.23 -27.49
C PHE B 254 18.60 -11.84 -26.96
N PRO B 255 19.64 -11.98 -27.80
CA PRO B 255 21.03 -11.66 -27.45
C PRO B 255 21.27 -10.26 -26.93
N GLU B 256 20.42 -9.30 -27.32
CA GLU B 256 20.56 -7.91 -26.86
C GLU B 256 20.05 -7.70 -25.42
N MET B 257 19.44 -8.74 -24.85
CA MET B 257 18.91 -8.66 -23.49
C MET B 257 19.98 -8.68 -22.41
N GLN B 258 19.89 -7.72 -21.49
CA GLN B 258 20.83 -7.61 -20.38
C GLN B 258 20.15 -8.07 -19.10
N ILE B 259 20.77 -9.02 -18.42
CA ILE B 259 20.24 -9.51 -17.15
C ILE B 259 20.83 -8.64 -16.06
N LEU B 260 20.03 -7.69 -15.58
CA LEU B 260 20.48 -6.76 -14.55
C LEU B 260 20.61 -7.33 -13.14
N ALA B 261 19.70 -8.23 -12.76
CA ALA B 261 19.72 -8.84 -11.44
C ALA B 261 18.76 -10.01 -11.39
N VAL B 262 19.21 -11.13 -10.81
CA VAL B 262 18.38 -12.34 -10.71
C VAL B 262 17.15 -12.05 -9.84
N SER B 263 17.24 -10.99 -9.04
CA SER B 263 16.14 -10.53 -8.22
C SER B 263 15.97 -9.03 -8.38
N GLY B 264 14.85 -8.65 -9.01
CA GLY B 264 14.55 -7.24 -9.19
C GLY B 264 13.45 -6.78 -8.23
N ASN B 265 13.33 -7.43 -7.08
CA ASN B 265 12.32 -7.08 -6.07
C ASN B 265 10.88 -7.32 -6.53
N TYR B 266 10.72 -8.16 -7.55
CA TYR B 266 9.42 -8.48 -8.08
C TYR B 266 8.95 -9.85 -7.62
N CYS B 267 9.72 -10.48 -6.74
CA CYS B 267 9.36 -11.80 -6.23
C CYS B 267 8.03 -11.83 -5.42
N THR B 268 7.91 -11.07 -4.32
CA THR B 268 8.93 -10.20 -3.74
C THR B 268 9.38 -10.88 -2.45
N ASP B 269 10.69 -10.92 -2.22
CA ASP B 269 11.25 -11.58 -1.05
C ASP B 269 11.67 -10.66 0.11
N LYS B 270 11.08 -10.91 1.27
CA LYS B 270 11.38 -10.19 2.51
C LYS B 270 11.15 -8.69 2.57
N LYS B 271 10.26 -8.20 1.71
CA LYS B 271 9.91 -6.78 1.70
C LYS B 271 8.40 -6.80 1.53
N PRO B 272 7.69 -5.83 2.14
CA PRO B 272 6.22 -5.80 1.99
C PRO B 272 5.90 -5.49 0.53
N ALA B 273 4.93 -6.18 -0.06
CA ALA B 273 4.56 -5.92 -1.44
C ALA B 273 3.15 -6.39 -1.77
N ALA B 274 2.40 -5.55 -2.46
CA ALA B 274 1.03 -5.88 -2.83
C ALA B 274 0.99 -7.12 -3.73
N ILE B 275 2.05 -7.37 -4.49
CA ILE B 275 2.08 -8.52 -5.38
C ILE B 275 1.99 -9.87 -4.68
N ASN B 276 2.56 -9.99 -3.48
CA ASN B 276 2.48 -11.25 -2.74
C ASN B 276 1.08 -11.41 -2.15
N TRP B 277 0.48 -10.29 -1.79
CA TRP B 277 -0.87 -10.27 -1.21
C TRP B 277 -1.92 -10.64 -2.24
N ILE B 278 -1.75 -10.13 -3.45
CA ILE B 278 -2.71 -10.34 -4.54
C ILE B 278 -2.53 -11.64 -5.35
N GLU B 279 -1.28 -12.03 -5.58
CA GLU B 279 -1.03 -13.24 -6.33
C GLU B 279 -0.51 -14.41 -5.51
N GLY B 280 -0.19 -14.14 -4.25
CA GLY B 280 0.34 -15.18 -3.38
C GLY B 280 1.81 -15.46 -3.62
N ARG B 281 2.41 -16.14 -2.66
CA ARG B 281 3.82 -16.55 -2.74
C ARG B 281 3.99 -17.66 -1.72
N GLY B 282 4.59 -18.77 -2.15
CA GLY B 282 4.74 -19.89 -1.26
C GLY B 282 3.38 -20.55 -1.18
N LYS B 283 2.85 -20.72 0.02
CA LYS B 283 1.55 -21.36 0.19
C LYS B 283 0.41 -20.43 0.61
N SER B 284 -0.69 -20.44 -0.15
CA SER B 284 -1.88 -19.65 0.18
C SER B 284 -2.79 -20.57 0.98
N VAL B 285 -3.17 -20.15 2.18
CA VAL B 285 -3.98 -20.99 3.04
C VAL B 285 -5.17 -20.27 3.64
N VAL B 286 -6.22 -21.03 3.94
CA VAL B 286 -7.41 -20.49 4.56
C VAL B 286 -7.81 -21.46 5.66
N CYS B 287 -8.26 -20.91 6.77
CA CYS B 287 -8.65 -21.69 7.91
C CYS B 287 -9.94 -21.11 8.47
N GLU B 288 -10.76 -21.95 9.09
CA GLU B 288 -12.03 -21.51 9.66
C GLU B 288 -12.47 -22.36 10.86
N ALA B 289 -13.38 -21.80 11.65
CA ALA B 289 -13.93 -22.49 12.82
C ALA B 289 -15.15 -21.74 13.33
N VAL B 290 -15.96 -22.42 14.14
CA VAL B 290 -17.13 -21.81 14.75
C VAL B 290 -17.02 -22.06 16.26
N ILE B 291 -17.15 -20.99 17.04
CA ILE B 291 -17.04 -21.05 18.49
C ILE B 291 -18.42 -20.83 19.10
N PRO B 292 -18.95 -21.84 19.83
CA PRO B 292 -20.26 -21.79 20.48
C PRO B 292 -20.33 -20.65 21.49
N ALA B 293 -21.48 -19.99 21.54
CA ALA B 293 -21.72 -18.85 22.44
C ALA B 293 -21.19 -19.10 23.84
N LYS B 294 -21.44 -20.32 24.32
CA LYS B 294 -21.03 -20.78 25.66
C LYS B 294 -19.50 -20.74 25.82
N VAL B 295 -18.79 -21.22 24.80
CA VAL B 295 -17.32 -21.23 24.83
C VAL B 295 -16.75 -19.81 24.73
N VAL B 296 -17.43 -18.93 24.02
CA VAL B 296 -16.98 -17.55 23.88
C VAL B 296 -17.12 -16.87 25.25
N ARG B 297 -18.17 -17.21 25.99
CA ARG B 297 -18.41 -16.63 27.32
C ARG B 297 -17.50 -17.24 28.39
N GLU B 298 -17.36 -18.56 28.38
CA GLU B 298 -16.57 -19.26 29.39
C GLU B 298 -15.07 -19.34 29.18
N VAL B 299 -14.63 -19.42 27.93
CA VAL B 299 -13.20 -19.51 27.65
C VAL B 299 -12.61 -18.16 27.28
N LEU B 300 -13.28 -17.43 26.40
CA LEU B 300 -12.77 -16.13 25.96
C LEU B 300 -13.21 -14.94 26.80
N LYS B 301 -14.12 -15.18 27.76
CA LYS B 301 -14.60 -14.15 28.68
C LYS B 301 -15.22 -12.92 28.05
N THR B 302 -15.97 -13.12 26.97
CA THR B 302 -16.61 -12.03 26.23
C THR B 302 -17.81 -12.59 25.45
N THR B 303 -18.42 -11.78 24.59
CA THR B 303 -19.53 -12.20 23.76
C THR B 303 -19.13 -12.20 22.27
N THR B 304 -19.92 -12.90 21.47
CA THR B 304 -19.69 -12.95 20.04
C THR B 304 -19.85 -11.52 19.46
N GLU B 305 -20.87 -10.81 19.94
CA GLU B 305 -21.13 -9.45 19.48
C GLU B 305 -19.93 -8.51 19.74
N ALA B 306 -19.31 -8.63 20.90
CA ALA B 306 -18.17 -7.78 21.24
C ALA B 306 -16.97 -8.08 20.34
N MET B 307 -16.79 -9.36 20.01
CA MET B 307 -15.71 -9.84 19.16
C MET B 307 -15.81 -9.28 17.75
N ILE B 308 -17.00 -9.39 17.18
CA ILE B 308 -17.29 -8.93 15.84
C ILE B 308 -17.04 -7.43 15.68
N GLU B 309 -17.50 -6.65 16.67
CA GLU B 309 -17.31 -5.19 16.65
C GLU B 309 -15.84 -4.80 16.70
N VAL B 310 -15.05 -5.54 17.46
CA VAL B 310 -13.64 -5.26 17.57
C VAL B 310 -12.93 -5.65 16.27
N ASN B 311 -13.24 -6.83 15.74
CA ASN B 311 -12.62 -7.29 14.50
C ASN B 311 -12.85 -6.32 13.34
N ILE B 312 -14.08 -5.86 13.18
CA ILE B 312 -14.40 -4.97 12.09
C ILE B 312 -13.74 -3.60 12.18
N ASN B 313 -13.80 -3.00 13.37
CA ASN B 313 -13.26 -1.69 13.57
C ASN B 313 -11.73 -1.59 13.79
N LYS B 314 -11.12 -2.72 14.09
CA LYS B 314 -9.69 -2.82 14.31
C LYS B 314 -9.00 -3.41 13.07
N ASN B 315 -9.30 -4.67 12.79
CA ASN B 315 -8.71 -5.41 11.68
C ASN B 315 -9.11 -4.98 10.28
N LEU B 316 -10.28 -4.37 10.14
CA LEU B 316 -10.71 -3.90 8.84
C LEU B 316 -10.58 -2.38 8.74
N VAL B 317 -11.41 -1.65 9.48
CA VAL B 317 -11.38 -0.20 9.45
C VAL B 317 -10.07 0.41 9.95
N GLY B 318 -9.56 -0.09 11.07
CA GLY B 318 -8.32 0.44 11.63
C GLY B 318 -7.13 0.27 10.67
N SER B 319 -6.97 -0.94 10.14
CA SER B 319 -5.92 -1.24 9.19
C SER B 319 -6.07 -0.41 7.93
N ALA B 320 -7.33 -0.12 7.56
CA ALA B 320 -7.59 0.70 6.40
C ALA B 320 -7.10 2.12 6.63
N MET B 321 -7.40 2.66 7.81
CA MET B 321 -7.01 4.03 8.17
C MET B 321 -5.49 4.17 8.29
N ALA B 322 -4.81 3.08 8.65
CA ALA B 322 -3.35 3.07 8.79
C ALA B 322 -2.65 2.89 7.43
N GLY B 323 -3.43 2.63 6.37
CA GLY B 323 -2.85 2.41 5.05
C GLY B 323 -2.11 1.09 4.96
N SER B 324 -2.74 0.02 5.43
CA SER B 324 -2.13 -1.29 5.39
C SER B 324 -2.44 -2.07 4.13
N ILE B 325 -1.45 -2.82 3.65
CA ILE B 325 -1.63 -3.70 2.51
C ILE B 325 -1.32 -5.05 3.10
N GLY B 326 -2.35 -5.90 3.27
CA GLY B 326 -2.13 -7.24 3.80
C GLY B 326 -2.04 -7.37 5.31
N GLY B 327 -2.21 -6.26 6.05
CA GLY B 327 -2.14 -6.34 7.49
C GLY B 327 -3.49 -6.23 8.17
N TYR B 328 -4.46 -7.02 7.69
CA TYR B 328 -5.84 -7.01 8.22
C TYR B 328 -6.05 -8.09 9.28
N ASN B 329 -5.20 -8.07 10.30
CA ASN B 329 -5.23 -9.04 11.37
C ASN B 329 -4.74 -8.35 12.64
N ALA B 330 -4.82 -9.04 13.77
CA ALA B 330 -4.37 -8.48 15.05
C ALA B 330 -2.88 -8.71 15.33
N HIS B 331 -2.45 -9.97 15.24
CA HIS B 331 -1.05 -10.27 15.50
C HIS B 331 -0.56 -11.57 14.93
N ALA B 332 -0.89 -11.84 13.67
CA ALA B 332 -0.43 -13.05 12.99
C ALA B 332 1.11 -13.16 13.02
N ALA B 333 1.79 -12.01 12.97
CA ALA B 333 3.25 -11.99 12.98
C ALA B 333 3.82 -12.64 14.24
N ASN B 334 3.16 -12.43 15.38
CA ASN B 334 3.61 -13.04 16.64
C ASN B 334 3.66 -14.55 16.52
N ILE B 335 2.57 -15.14 16.01
CA ILE B 335 2.48 -16.59 15.85
C ILE B 335 3.40 -17.12 14.77
N VAL B 336 3.43 -16.46 13.63
CA VAL B 336 4.29 -16.87 12.53
C VAL B 336 5.76 -16.91 12.98
N THR B 337 6.21 -15.84 13.63
CA THR B 337 7.58 -15.74 14.08
C THR B 337 8.00 -16.80 15.09
N ALA B 338 7.13 -17.03 16.07
CA ALA B 338 7.38 -18.02 17.12
C ALA B 338 7.52 -19.43 16.54
N ILE B 339 6.64 -19.79 15.63
CA ILE B 339 6.69 -21.11 15.01
C ILE B 339 7.89 -21.23 14.06
N TYR B 340 8.19 -20.15 13.35
CA TYR B 340 9.31 -20.13 12.41
C TYR B 340 10.65 -20.38 13.08
N ILE B 341 10.88 -19.69 14.20
CA ILE B 341 12.13 -19.84 14.93
C ILE B 341 12.26 -21.24 15.53
N ALA B 342 11.16 -21.76 16.05
CA ALA B 342 11.14 -23.10 16.63
C ALA B 342 11.37 -24.19 15.60
N CYS B 343 10.85 -23.97 14.39
CA CYS B 343 10.94 -24.97 13.32
C CYS B 343 12.03 -24.79 12.27
N GLY B 344 13.00 -23.92 12.52
CA GLY B 344 14.08 -23.74 11.56
C GLY B 344 13.72 -23.06 10.26
N GLN B 345 12.66 -22.26 10.27
CA GLN B 345 12.28 -21.53 9.07
C GLN B 345 13.11 -20.24 9.03
N ASP B 346 12.99 -19.52 7.92
CA ASP B 346 13.70 -18.27 7.77
C ASP B 346 12.82 -17.20 8.41
N ALA B 347 13.19 -16.75 9.61
CA ALA B 347 12.42 -15.76 10.36
C ALA B 347 12.25 -14.39 9.67
N ALA B 348 13.19 -14.04 8.80
CA ALA B 348 13.11 -12.78 8.07
C ALA B 348 11.93 -12.80 7.09
N GLN B 349 11.47 -13.99 6.74
CA GLN B 349 10.35 -14.12 5.83
C GLN B 349 9.01 -13.91 6.52
N ASN B 350 9.06 -13.51 7.79
CA ASN B 350 7.83 -13.24 8.51
C ASN B 350 7.23 -11.93 7.96
N VAL B 351 8.03 -11.17 7.21
CA VAL B 351 7.56 -9.93 6.62
C VAL B 351 6.34 -10.18 5.69
N GLY B 352 6.48 -11.12 4.75
CA GLY B 352 5.37 -11.43 3.87
C GLY B 352 4.51 -12.58 4.37
N SER B 353 5.14 -13.54 5.05
CA SER B 353 4.45 -14.71 5.57
C SER B 353 3.31 -14.41 6.54
N SER B 354 3.41 -13.27 7.22
CA SER B 354 2.42 -12.84 8.19
C SER B 354 1.21 -12.14 7.57
N ASN B 355 1.17 -11.98 6.24
CA ASN B 355 0.03 -11.35 5.57
C ASN B 355 -1.21 -12.14 5.95
N CYS B 356 -2.26 -11.45 6.40
CA CYS B 356 -3.44 -12.14 6.84
C CYS B 356 -4.66 -11.24 7.01
N ILE B 357 -5.82 -11.77 6.61
CA ILE B 357 -7.08 -11.07 6.80
C ILE B 357 -7.95 -11.93 7.73
N THR B 358 -8.23 -11.41 8.92
CA THR B 358 -9.03 -12.12 9.90
C THR B 358 -10.48 -11.65 9.83
N LEU B 359 -11.39 -12.58 9.56
CA LEU B 359 -12.82 -12.25 9.47
C LEU B 359 -13.66 -12.97 10.53
N MET B 360 -14.60 -12.23 11.10
CA MET B 360 -15.49 -12.75 12.14
C MET B 360 -16.95 -12.42 11.84
N GLU B 361 -17.82 -13.39 12.12
CA GLU B 361 -19.24 -13.24 11.85
C GLU B 361 -20.17 -13.95 12.88
N ALA B 362 -21.34 -13.35 13.09
CA ALA B 362 -22.35 -13.90 14.00
C ALA B 362 -22.98 -15.08 13.27
N SER B 363 -22.85 -16.27 13.85
CA SER B 363 -23.37 -17.50 13.26
C SER B 363 -24.34 -18.20 14.24
N GLY B 364 -24.97 -19.27 13.77
CA GLY B 364 -25.86 -20.03 14.62
C GLY B 364 -27.35 -19.70 14.66
N PRO B 365 -28.13 -20.53 15.38
CA PRO B 365 -29.59 -20.45 15.60
C PRO B 365 -30.07 -19.07 16.00
N THR B 366 -29.37 -18.49 16.98
CA THR B 366 -29.72 -17.16 17.50
C THR B 366 -28.66 -16.09 17.19
N ASN B 367 -27.70 -16.40 16.30
CA ASN B 367 -26.62 -15.48 15.94
C ASN B 367 -25.73 -15.09 17.11
N GLU B 368 -25.45 -16.07 17.95
CA GLU B 368 -24.62 -15.87 19.12
C GLU B 368 -23.35 -16.72 19.02
N ASP B 369 -23.25 -17.50 17.95
CA ASP B 369 -22.07 -18.31 17.74
C ASP B 369 -21.08 -17.49 16.89
N LEU B 370 -19.79 -17.65 17.18
CA LEU B 370 -18.75 -16.90 16.49
C LEU B 370 -18.08 -17.64 15.35
N TYR B 371 -18.32 -17.20 14.13
CA TYR B 371 -17.65 -17.79 12.99
C TYR B 371 -16.36 -16.99 12.76
N ILE B 372 -15.24 -17.69 12.61
CA ILE B 372 -13.96 -17.02 12.36
C ILE B 372 -13.19 -17.68 11.24
N SER B 373 -12.54 -16.84 10.43
CA SER B 373 -11.72 -17.32 9.33
C SER B 373 -10.45 -16.47 9.20
N CYS B 374 -9.35 -17.11 8.81
CA CYS B 374 -8.07 -16.44 8.59
C CYS B 374 -7.56 -16.88 7.23
N THR B 375 -7.28 -15.90 6.37
CA THR B 375 -6.77 -16.18 5.02
C THR B 375 -5.35 -15.59 4.92
N MET B 376 -4.39 -16.46 4.68
CA MET B 376 -2.98 -16.11 4.57
C MET B 376 -2.50 -16.55 3.19
N PRO B 377 -2.42 -15.60 2.25
CA PRO B 377 -2.00 -15.83 0.87
C PRO B 377 -0.53 -16.09 0.59
N SER B 378 0.34 -15.85 1.56
CA SER B 378 1.76 -16.01 1.26
C SER B 378 2.68 -16.54 2.36
N ILE B 379 2.43 -17.77 2.78
CA ILE B 379 3.23 -18.43 3.80
C ILE B 379 4.43 -19.11 3.12
N GLU B 380 5.62 -18.56 3.38
CA GLU B 380 6.87 -19.06 2.82
C GLU B 380 7.41 -20.03 3.86
N ILE B 381 7.38 -21.32 3.53
CA ILE B 381 7.75 -22.33 4.49
C ILE B 381 8.34 -23.59 3.85
N GLY B 382 9.01 -24.39 4.66
CA GLY B 382 9.62 -25.63 4.18
C GLY B 382 9.97 -26.55 5.33
N THR B 383 10.08 -27.85 5.05
CA THR B 383 10.42 -28.83 6.08
C THR B 383 11.72 -29.56 5.75
N VAL B 384 12.41 -29.09 4.70
CA VAL B 384 13.67 -29.65 4.23
C VAL B 384 14.61 -28.49 3.90
N GLY B 385 15.88 -28.61 4.28
CA GLY B 385 16.86 -27.58 3.97
C GLY B 385 16.97 -26.40 4.93
N GLY B 386 18.04 -25.64 4.77
CA GLY B 386 18.28 -24.48 5.61
C GLY B 386 18.37 -24.85 7.07
N GLY B 387 17.70 -24.08 7.92
CA GLY B 387 17.72 -24.33 9.34
C GLY B 387 17.01 -25.61 9.75
N THR B 388 16.15 -26.16 8.89
CA THR B 388 15.45 -27.40 9.22
C THR B 388 16.39 -28.60 9.21
N ASN B 389 17.64 -28.37 8.77
CA ASN B 389 18.68 -29.40 8.73
C ASN B 389 19.28 -29.66 10.13
N LEU B 390 19.06 -28.72 11.05
CA LEU B 390 19.60 -28.83 12.40
C LEU B 390 18.72 -29.71 13.28
N LEU B 391 19.34 -30.45 14.20
CA LEU B 391 18.62 -31.37 15.07
C LEU B 391 17.57 -30.78 16.02
N PRO B 392 17.89 -29.69 16.73
CA PRO B 392 16.88 -29.12 17.63
C PRO B 392 15.60 -28.68 16.89
N GLN B 393 15.75 -28.01 15.75
CA GLN B 393 14.55 -27.60 15.01
C GLN B 393 13.85 -28.79 14.36
N GLN B 394 14.61 -29.83 14.02
CA GLN B 394 14.02 -31.03 13.43
C GLN B 394 13.11 -31.69 14.47
N ALA B 395 13.49 -31.53 15.74
CA ALA B 395 12.71 -32.09 16.83
C ALA B 395 11.34 -31.43 16.91
N CYS B 396 11.32 -30.10 16.72
CA CYS B 396 10.07 -29.35 16.74
C CYS B 396 9.20 -29.74 15.56
N LEU B 397 9.85 -29.95 14.41
CA LEU B 397 9.13 -30.38 13.21
C LEU B 397 8.54 -31.78 13.40
N GLN B 398 9.30 -32.67 14.08
CA GLN B 398 8.86 -34.03 14.36
C GLN B 398 7.65 -34.03 15.28
N MET B 399 7.64 -33.07 16.21
CA MET B 399 6.55 -32.90 17.16
C MET B 399 5.23 -32.74 16.40
N LEU B 400 5.31 -32.13 15.21
CA LEU B 400 4.15 -31.89 14.37
C LEU B 400 3.97 -32.98 13.32
N GLY B 401 4.97 -33.85 13.19
CA GLY B 401 4.91 -34.93 12.23
C GLY B 401 5.16 -34.51 10.81
N VAL B 402 5.96 -33.46 10.62
CA VAL B 402 6.24 -32.96 9.27
C VAL B 402 7.72 -32.78 8.95
N GLN B 403 8.59 -33.39 9.75
CA GLN B 403 10.02 -33.27 9.54
C GLN B 403 10.47 -33.91 8.23
N GLY B 404 11.30 -33.17 7.50
CA GLY B 404 11.85 -33.64 6.26
C GLY B 404 10.90 -33.90 5.11
N ALA B 405 11.38 -34.69 4.16
CA ALA B 405 10.60 -35.03 2.98
C ALA B 405 9.53 -36.07 3.24
N CYS B 406 8.42 -35.92 2.52
CA CYS B 406 7.30 -36.86 2.56
C CYS B 406 7.57 -37.74 1.33
N LYS B 407 8.12 -38.93 1.56
CA LYS B 407 8.43 -39.85 0.46
C LYS B 407 7.28 -40.13 -0.53
N ASP B 408 6.12 -40.43 0.04
CA ASP B 408 4.90 -40.76 -0.71
C ASP B 408 4.29 -39.63 -1.53
N ASN B 409 4.24 -38.43 -0.95
CA ASN B 409 3.65 -37.27 -1.61
C ASN B 409 4.48 -36.01 -1.37
N PRO B 410 5.46 -35.74 -2.25
CA PRO B 410 6.34 -34.57 -2.17
C PRO B 410 5.61 -33.24 -2.03
N GLY B 411 5.91 -32.54 -0.93
CA GLY B 411 5.30 -31.25 -0.66
C GLY B 411 4.26 -31.30 0.44
N GLU B 412 3.74 -32.50 0.71
CA GLU B 412 2.70 -32.66 1.72
C GLU B 412 3.11 -32.23 3.14
N ASN B 413 4.37 -32.44 3.51
CA ASN B 413 4.85 -32.04 4.82
C ASN B 413 4.83 -30.51 4.95
N ALA B 414 5.29 -29.82 3.90
CA ALA B 414 5.32 -28.35 3.88
C ALA B 414 3.91 -27.76 3.88
N ARG B 415 2.99 -28.41 3.14
CA ARG B 415 1.61 -27.95 3.10
C ARG B 415 0.97 -28.14 4.46
N GLN B 416 1.27 -29.26 5.10
CA GLN B 416 0.73 -29.56 6.43
C GLN B 416 1.21 -28.49 7.40
N LEU B 417 2.50 -28.16 7.33
CA LEU B 417 3.07 -27.17 8.22
C LEU B 417 2.41 -25.80 8.01
N ALA B 418 2.15 -25.44 6.75
CA ALA B 418 1.50 -24.18 6.42
C ALA B 418 0.07 -24.13 6.98
N ARG B 419 -0.62 -25.27 6.92
CA ARG B 419 -1.98 -25.36 7.46
C ARG B 419 -1.94 -25.20 8.98
N ILE B 420 -0.92 -25.77 9.60
CA ILE B 420 -0.76 -25.67 11.05
C ILE B 420 -0.51 -24.22 11.47
N VAL B 421 0.30 -23.52 10.68
CA VAL B 421 0.59 -22.12 10.96
C VAL B 421 -0.67 -21.26 10.85
N CYS B 422 -1.45 -21.50 9.81
CA CYS B 422 -2.68 -20.72 9.63
C CYS B 422 -3.65 -21.01 10.78
N GLY B 423 -3.71 -22.27 11.20
CA GLY B 423 -4.59 -22.65 12.30
C GLY B 423 -4.18 -22.03 13.62
N THR B 424 -2.87 -22.05 13.88
CA THR B 424 -2.36 -21.47 15.11
C THR B 424 -2.57 -19.95 15.10
N VAL B 425 -2.45 -19.33 13.92
CA VAL B 425 -2.67 -17.88 13.80
C VAL B 425 -4.12 -17.61 14.18
N MET B 426 -5.05 -18.43 13.69
CA MET B 426 -6.46 -18.23 13.99
C MET B 426 -6.72 -18.33 15.50
N ALA B 427 -6.10 -19.31 16.16
CA ALA B 427 -6.23 -19.47 17.61
C ALA B 427 -5.68 -18.22 18.31
N GLY B 428 -4.54 -17.71 17.82
CA GLY B 428 -3.94 -16.52 18.38
C GLY B 428 -4.81 -15.28 18.18
N GLU B 429 -5.46 -15.19 17.01
CA GLU B 429 -6.34 -14.06 16.71
C GLU B 429 -7.56 -14.08 17.62
N LEU B 430 -8.12 -15.27 17.83
CA LEU B 430 -9.28 -15.44 18.69
C LEU B 430 -8.99 -14.94 20.11
N SER B 431 -7.86 -15.36 20.64
CA SER B 431 -7.47 -14.99 21.99
C SER B 431 -7.18 -13.52 22.20
N LEU B 432 -6.41 -12.90 21.30
CA LEU B 432 -6.10 -11.48 21.43
C LEU B 432 -7.36 -10.63 21.23
N MET B 433 -8.19 -10.98 20.26
CA MET B 433 -9.42 -10.22 20.02
C MET B 433 -10.31 -10.24 21.26
N ALA B 434 -10.36 -11.39 21.93
CA ALA B 434 -11.17 -11.53 23.15
C ALA B 434 -10.63 -10.62 24.24
N ALA B 435 -9.30 -10.63 24.43
CA ALA B 435 -8.67 -9.79 25.44
C ALA B 435 -8.91 -8.29 25.17
N LEU B 436 -8.96 -7.91 23.90
CA LEU B 436 -9.19 -6.52 23.54
C LEU B 436 -10.66 -6.17 23.78
N ALA B 437 -11.53 -7.16 23.59
CA ALA B 437 -12.97 -6.99 23.78
C ALA B 437 -13.39 -6.92 25.24
N ALA B 438 -12.80 -7.79 26.07
CA ALA B 438 -13.09 -7.83 27.50
C ALA B 438 -12.64 -6.57 28.24
N GLY B 439 -12.22 -5.56 27.48
CA GLY B 439 -11.78 -4.30 28.06
C GLY B 439 -10.39 -4.38 28.65
N SER C 42 -49.90 25.00 -22.51
CA SER C 42 -49.05 26.23 -22.48
C SER C 42 -47.94 26.12 -21.44
N ASP C 43 -46.85 26.86 -21.69
CA ASP C 43 -45.67 26.88 -20.83
C ASP C 43 -45.98 27.01 -19.34
N ALA C 44 -46.60 28.12 -18.95
CA ALA C 44 -46.94 28.37 -17.55
C ALA C 44 -48.02 27.45 -16.97
N GLU C 45 -48.81 26.83 -17.85
CA GLU C 45 -49.89 25.94 -17.43
C GLU C 45 -49.39 24.59 -16.97
N ILE C 46 -48.26 24.16 -17.54
CA ILE C 46 -47.67 22.87 -17.20
C ILE C 46 -47.25 22.90 -15.73
N ILE C 47 -46.94 24.10 -15.24
CA ILE C 47 -46.53 24.30 -13.85
C ILE C 47 -47.67 23.98 -12.90
N ALA C 57 -40.47 15.73 -11.98
CA ALA C 57 -39.67 16.60 -12.83
C ALA C 57 -39.12 15.83 -14.05
N TYR C 58 -38.43 14.73 -13.81
CA TYR C 58 -37.88 13.92 -14.91
C TYR C 58 -38.99 13.42 -15.81
N LYS C 59 -40.21 13.40 -15.26
CA LYS C 59 -41.39 12.98 -15.98
C LYS C 59 -41.90 14.13 -16.86
N LEU C 60 -40.97 14.78 -17.56
CA LEU C 60 -41.28 15.88 -18.46
C LEU C 60 -41.09 15.45 -19.92
N GLU C 61 -39.96 14.79 -20.18
CA GLU C 61 -39.63 14.31 -21.53
C GLU C 61 -40.67 13.29 -21.99
N THR C 62 -41.33 12.66 -21.02
CA THR C 62 -42.35 11.66 -21.27
C THR C 62 -43.72 12.34 -21.50
N LEU C 63 -43.94 13.47 -20.84
CA LEU C 63 -45.19 14.21 -21.00
C LEU C 63 -45.18 15.01 -22.30
N ILE C 64 -44.32 16.02 -22.37
CA ILE C 64 -44.20 16.85 -23.57
C ILE C 64 -43.65 16.03 -24.74
N GLU C 65 -43.27 16.71 -25.81
CA GLU C 65 -42.75 16.04 -27.00
C GLU C 65 -41.36 16.56 -27.38
N THR C 66 -41.21 17.88 -27.40
CA THR C 66 -39.91 18.49 -27.73
C THR C 66 -38.98 18.40 -26.53
N HIS C 67 -37.77 17.90 -26.76
CA HIS C 67 -36.78 17.74 -25.69
C HIS C 67 -36.34 19.03 -25.00
N GLU C 68 -36.15 20.09 -25.77
CA GLU C 68 -35.74 21.37 -25.20
C GLU C 68 -36.81 22.02 -24.31
N ARG C 69 -38.08 21.80 -24.65
CA ARG C 69 -39.22 22.35 -23.90
C ARG C 69 -39.20 21.80 -22.47
N GLY C 70 -38.99 20.49 -22.34
CA GLY C 70 -38.94 19.83 -21.04
C GLY C 70 -37.79 20.34 -20.21
N VAL C 71 -36.65 20.61 -20.84
CA VAL C 71 -35.48 21.13 -20.15
C VAL C 71 -35.78 22.53 -19.64
N SER C 72 -36.42 23.34 -20.50
CA SER C 72 -36.78 24.72 -20.16
C SER C 72 -37.78 24.78 -19.01
N ILE C 73 -38.69 23.81 -18.95
CA ILE C 73 -39.68 23.76 -17.88
C ILE C 73 -39.02 23.37 -16.57
N ARG C 74 -38.08 22.43 -16.64
CA ARG C 74 -37.36 21.98 -15.46
C ARG C 74 -36.53 23.12 -14.86
N ARG C 75 -35.95 23.97 -15.70
CA ARG C 75 -35.16 25.09 -15.21
C ARG C 75 -36.04 26.09 -14.46
N GLN C 76 -37.17 26.43 -15.08
CA GLN C 76 -38.11 27.37 -14.46
C GLN C 76 -38.63 26.81 -13.15
N LEU C 77 -38.87 25.49 -13.12
CA LEU C 77 -39.33 24.80 -11.92
C LEU C 77 -38.27 24.93 -10.81
N LEU C 78 -37.02 24.60 -11.15
CA LEU C 78 -35.87 24.65 -10.24
C LEU C 78 -35.65 26.04 -9.64
N SER C 79 -35.71 27.06 -10.49
CA SER C 79 -35.49 28.45 -10.07
C SER C 79 -36.30 28.87 -8.83
N LYS C 80 -37.53 28.34 -8.71
CA LYS C 80 -38.39 28.66 -7.58
C LYS C 80 -37.89 28.07 -6.26
N LYS C 81 -37.09 26.99 -6.36
CA LYS C 81 -36.51 26.30 -5.21
C LYS C 81 -35.10 26.75 -4.80
N LEU C 82 -34.65 27.90 -5.32
CA LEU C 82 -33.30 28.39 -5.03
C LEU C 82 -33.26 29.75 -4.32
N SER C 83 -32.27 29.92 -3.46
CA SER C 83 -32.10 31.18 -2.73
C SER C 83 -31.85 32.34 -3.71
N GLU C 84 -31.37 32.02 -4.91
CA GLU C 84 -31.12 32.99 -5.99
C GLU C 84 -31.76 32.38 -7.24
N PRO C 85 -32.98 32.83 -7.60
CA PRO C 85 -33.67 32.31 -8.78
C PRO C 85 -32.94 32.54 -10.10
N SER C 86 -32.18 33.64 -10.15
CA SER C 86 -31.41 33.98 -11.36
C SER C 86 -30.06 33.25 -11.50
N SER C 87 -29.85 32.20 -10.70
CA SER C 87 -28.62 31.41 -10.74
C SER C 87 -28.35 30.79 -12.11
N LEU C 88 -29.40 30.25 -12.70
CA LEU C 88 -29.33 29.59 -14.00
C LEU C 88 -29.28 30.51 -15.22
N GLN C 89 -29.19 31.82 -14.99
CA GLN C 89 -29.16 32.77 -16.09
C GLN C 89 -28.05 32.42 -17.08
N TYR C 90 -26.85 32.19 -16.57
CA TYR C 90 -25.72 31.88 -17.43
C TYR C 90 -25.40 30.41 -17.66
N LEU C 91 -26.33 29.53 -17.31
CA LEU C 91 -26.15 28.10 -17.57
C LEU C 91 -26.86 27.84 -18.91
N PRO C 92 -26.09 27.70 -19.99
CA PRO C 92 -26.63 27.45 -21.33
C PRO C 92 -27.41 26.14 -21.43
N TYR C 93 -28.42 26.11 -22.30
CA TYR C 93 -29.25 24.93 -22.48
C TYR C 93 -29.84 24.87 -23.89
N ARG C 94 -29.93 26.03 -24.53
CA ARG C 94 -30.49 26.13 -25.88
C ARG C 94 -29.63 25.52 -26.98
N ASP C 95 -30.32 25.17 -28.06
CA ASP C 95 -29.72 24.63 -29.28
C ASP C 95 -28.82 23.41 -29.12
N TYR C 96 -29.07 22.62 -28.10
CA TYR C 96 -28.30 21.41 -27.85
C TYR C 96 -29.08 20.17 -28.24
N ASN C 97 -28.38 19.19 -28.81
CA ASN C 97 -29.00 17.95 -29.23
C ASN C 97 -29.29 17.04 -28.03
N TYR C 98 -30.45 17.25 -27.39
CA TYR C 98 -30.85 16.48 -26.21
C TYR C 98 -31.36 15.07 -26.51
N SER C 99 -31.64 14.78 -27.78
CA SER C 99 -32.16 13.45 -28.14
C SER C 99 -31.16 12.34 -27.88
N LEU C 100 -29.88 12.62 -28.11
CA LEU C 100 -28.80 11.66 -27.89
C LEU C 100 -28.51 11.48 -26.38
N VAL C 101 -28.78 12.52 -25.61
CA VAL C 101 -28.57 12.52 -24.17
C VAL C 101 -29.68 11.84 -23.36
N MET C 102 -30.94 12.16 -23.65
CA MET C 102 -32.06 11.58 -22.93
C MET C 102 -32.17 10.07 -23.01
N GLY C 103 -32.19 9.44 -21.83
CA GLY C 103 -32.29 8.00 -21.76
C GLY C 103 -31.02 7.22 -22.07
N ALA C 104 -29.86 7.87 -22.01
CA ALA C 104 -28.60 7.20 -22.30
C ALA C 104 -27.38 7.76 -21.61
N CYS C 105 -27.37 9.07 -21.36
CA CYS C 105 -26.20 9.69 -20.74
C CYS C 105 -26.42 10.52 -19.49
N CYS C 106 -27.63 11.05 -19.31
CA CYS C 106 -27.93 11.91 -18.17
C CYS C 106 -29.45 11.96 -17.89
N GLU C 107 -29.82 12.44 -16.70
CA GLU C 107 -31.22 12.58 -16.29
C GLU C 107 -31.40 13.93 -15.60
N ASN C 108 -32.65 14.39 -15.50
CA ASN C 108 -32.98 15.69 -14.88
C ASN C 108 -32.16 16.81 -15.47
N VAL C 109 -31.99 16.79 -16.78
CA VAL C 109 -31.20 17.78 -17.49
C VAL C 109 -31.71 19.22 -17.39
N ILE C 110 -30.80 20.13 -17.05
CA ILE C 110 -31.13 21.55 -16.92
C ILE C 110 -30.21 22.41 -17.77
N GLY C 111 -29.49 21.77 -18.69
CA GLY C 111 -28.58 22.49 -19.56
C GLY C 111 -27.28 21.75 -19.80
N TYR C 112 -26.23 22.47 -20.16
CA TYR C 112 -24.93 21.86 -20.40
C TYR C 112 -23.79 22.74 -19.92
N MET C 113 -22.67 22.10 -19.57
CA MET C 113 -21.48 22.81 -19.10
C MET C 113 -20.40 22.85 -20.19
N PRO C 114 -20.08 24.05 -20.70
CA PRO C 114 -19.07 24.21 -21.74
C PRO C 114 -17.64 24.16 -21.19
N ILE C 115 -16.85 23.20 -21.67
CA ILE C 115 -15.46 23.09 -21.23
C ILE C 115 -14.54 23.51 -22.39
N PRO C 116 -13.70 24.53 -22.17
CA PRO C 116 -12.78 25.00 -23.22
C PRO C 116 -11.94 23.85 -23.79
N VAL C 117 -11.94 23.72 -25.12
CA VAL C 117 -11.15 22.68 -25.79
C VAL C 117 -9.98 23.32 -26.51
N GLY C 118 -8.78 22.83 -26.19
CA GLY C 118 -7.57 23.32 -26.81
C GLY C 118 -6.93 22.20 -27.62
N VAL C 119 -5.91 22.52 -28.41
CA VAL C 119 -5.26 21.49 -29.21
C VAL C 119 -3.76 21.47 -29.00
N ALA C 120 -3.22 20.27 -28.84
CA ALA C 120 -1.79 20.08 -28.65
C ALA C 120 -1.29 19.18 -29.77
N GLY C 121 -0.19 19.59 -30.39
CA GLY C 121 0.37 18.81 -31.48
C GLY C 121 1.22 19.58 -32.48
N PRO C 122 1.68 18.90 -33.54
CA PRO C 122 1.39 17.49 -33.78
C PRO C 122 2.16 16.55 -32.87
N LEU C 123 1.56 15.41 -32.57
CA LEU C 123 2.19 14.40 -31.73
C LEU C 123 2.70 13.35 -32.71
N CYS C 124 4.03 13.24 -32.79
CA CYS C 124 4.67 12.28 -33.69
C CYS C 124 4.77 10.96 -32.95
N LEU C 125 3.86 10.06 -33.27
CA LEU C 125 3.80 8.77 -32.61
C LEU C 125 3.59 7.63 -33.61
N ASP C 126 4.49 6.65 -33.54
CA ASP C 126 4.43 5.49 -34.43
C ASP C 126 4.35 5.89 -35.91
N GLU C 127 5.19 6.85 -36.29
CA GLU C 127 5.28 7.37 -37.65
C GLU C 127 4.04 8.07 -38.17
N LYS C 128 3.18 8.54 -37.28
CA LYS C 128 1.95 9.24 -37.64
C LYS C 128 1.97 10.57 -36.90
N GLU C 129 1.06 11.46 -37.26
CA GLU C 129 0.96 12.75 -36.58
C GLU C 129 -0.46 12.94 -36.07
N PHE C 130 -0.58 13.33 -34.81
CA PHE C 130 -1.88 13.52 -34.19
C PHE C 130 -2.08 14.92 -33.63
N GLN C 131 -3.28 15.46 -33.85
CA GLN C 131 -3.66 16.76 -33.32
C GLN C 131 -4.58 16.38 -32.15
N VAL C 132 -4.05 16.51 -30.94
CA VAL C 132 -4.75 16.11 -29.72
C VAL C 132 -5.64 17.12 -29.03
N PRO C 133 -6.95 16.84 -28.99
CA PRO C 133 -7.97 17.70 -28.35
C PRO C 133 -7.90 17.52 -26.82
N MET C 134 -7.90 18.63 -26.08
CA MET C 134 -7.83 18.58 -24.62
C MET C 134 -8.82 19.56 -23.99
N ALA C 135 -9.81 19.02 -23.29
CA ALA C 135 -10.82 19.84 -22.62
C ALA C 135 -10.36 20.17 -21.21
N THR C 136 -10.03 21.42 -20.96
CA THR C 136 -9.52 21.81 -19.64
C THR C 136 -9.78 23.27 -19.27
N THR C 137 -9.76 23.55 -17.97
CA THR C 137 -9.92 24.91 -17.47
C THR C 137 -8.65 25.30 -16.72
N GLU C 138 -7.61 24.47 -16.85
CA GLU C 138 -6.34 24.78 -16.19
C GLU C 138 -5.31 25.45 -17.11
N GLY C 139 -4.91 26.65 -16.73
CA GLY C 139 -3.95 27.38 -17.51
C GLY C 139 -2.60 26.71 -17.65
N CYS C 140 -1.97 26.92 -18.81
CA CYS C 140 -0.66 26.38 -19.14
C CYS C 140 -0.64 24.92 -19.54
N LEU C 141 -1.69 24.18 -19.21
CA LEU C 141 -1.73 22.75 -19.52
C LEU C 141 -1.55 22.44 -21.00
N VAL C 142 -2.42 22.99 -21.84
CA VAL C 142 -2.34 22.74 -23.29
C VAL C 142 -1.01 23.27 -23.88
N ALA C 143 -0.58 24.45 -23.45
CA ALA C 143 0.66 25.07 -23.93
C ALA C 143 1.86 24.20 -23.54
N SER C 144 1.87 23.76 -22.29
CA SER C 144 2.95 22.93 -21.78
C SER C 144 3.03 21.60 -22.51
N THR C 145 1.88 20.97 -22.74
CA THR C 145 1.82 19.70 -23.43
C THR C 145 2.29 19.88 -24.89
N ASN C 146 1.94 21.02 -25.47
CA ASN C 146 2.29 21.37 -26.84
C ASN C 146 3.82 21.43 -26.96
N ARG C 147 4.46 22.09 -26.00
CA ARG C 147 5.91 22.21 -25.98
C ARG C 147 6.55 20.81 -25.92
N GLY C 148 5.90 19.91 -25.18
CA GLY C 148 6.39 18.55 -25.03
C GLY C 148 6.34 17.81 -26.35
N CYS C 149 5.26 18.00 -27.10
CA CYS C 149 5.07 17.37 -28.40
C CYS C 149 6.17 17.84 -29.37
N ARG C 150 6.50 19.13 -29.28
CA ARG C 150 7.52 19.75 -30.11
C ARG C 150 8.87 19.05 -29.91
N ALA C 151 9.26 18.88 -28.65
CA ALA C 151 10.52 18.23 -28.31
C ALA C 151 10.59 16.78 -28.83
N ILE C 152 9.45 16.09 -28.84
CA ILE C 152 9.39 14.71 -29.30
C ILE C 152 9.53 14.63 -30.82
N GLY C 153 8.86 15.54 -31.52
CA GLY C 153 8.91 15.58 -32.98
C GLY C 153 10.33 15.86 -33.45
N LEU C 154 10.97 16.84 -32.81
CA LEU C 154 12.35 17.23 -33.11
C LEU C 154 13.33 16.20 -32.56
N GLY C 155 12.82 15.02 -32.22
CA GLY C 155 13.65 13.97 -31.68
C GLY C 155 13.43 12.70 -32.45
N GLY C 156 12.65 12.81 -33.52
CA GLY C 156 12.40 11.66 -34.35
C GLY C 156 11.13 10.91 -34.02
N GLY C 157 10.28 11.48 -33.15
CA GLY C 157 9.03 10.84 -32.80
C GLY C 157 9.08 9.83 -31.66
N ALA C 158 7.90 9.34 -31.28
CA ALA C 158 7.73 8.39 -30.20
C ALA C 158 7.17 7.08 -30.72
N SER C 159 7.48 6.00 -30.01
CA SER C 159 7.00 4.65 -30.36
C SER C 159 6.19 4.12 -29.19
N SER C 160 5.10 3.41 -29.48
CA SER C 160 4.25 2.85 -28.44
C SER C 160 3.76 1.45 -28.77
N ARG C 161 3.43 0.71 -27.72
CA ARG C 161 2.94 -0.65 -27.87
C ARG C 161 1.83 -0.94 -26.85
N VAL C 162 0.82 -1.68 -27.30
CA VAL C 162 -0.26 -2.08 -26.43
C VAL C 162 0.20 -3.44 -25.93
N LEU C 163 0.38 -3.54 -24.61
CA LEU C 163 0.84 -4.77 -23.97
C LEU C 163 -0.26 -5.74 -23.58
N ALA C 164 -1.44 -5.20 -23.28
CA ALA C 164 -2.57 -6.04 -22.88
C ALA C 164 -3.87 -5.28 -23.09
N ASP C 165 -4.97 -6.02 -23.23
CA ASP C 165 -6.27 -5.42 -23.44
C ASP C 165 -7.32 -6.28 -22.78
N GLY C 166 -8.05 -5.69 -21.83
CA GLY C 166 -9.09 -6.45 -21.16
C GLY C 166 -9.75 -5.71 -20.00
N MET C 167 -11.02 -5.39 -20.17
CA MET C 167 -11.81 -4.73 -19.13
C MET C 167 -12.13 -5.81 -18.11
N THR C 168 -12.33 -5.42 -16.84
CA THR C 168 -12.62 -6.42 -15.82
C THR C 168 -13.84 -6.10 -14.96
N ARG C 169 -14.30 -7.10 -14.22
CA ARG C 169 -15.40 -6.99 -13.30
C ARG C 169 -15.08 -8.04 -12.23
N GLY C 170 -15.08 -7.61 -10.98
CA GLY C 170 -14.74 -8.51 -9.89
C GLY C 170 -15.83 -8.69 -8.84
N PRO C 171 -16.84 -9.53 -9.13
CA PRO C 171 -17.93 -9.76 -8.17
C PRO C 171 -17.48 -10.53 -6.93
N VAL C 172 -18.29 -10.42 -5.88
CA VAL C 172 -18.04 -11.16 -4.65
C VAL C 172 -19.22 -12.11 -4.39
N VAL C 173 -18.90 -13.39 -4.18
CA VAL C 173 -19.89 -14.40 -3.87
C VAL C 173 -19.49 -15.04 -2.55
N ARG C 174 -20.44 -15.65 -1.85
CA ARG C 174 -20.10 -16.32 -0.62
C ARG C 174 -20.74 -17.68 -0.49
N LEU C 175 -19.93 -18.62 -0.04
CA LEU C 175 -20.37 -19.96 0.18
C LEU C 175 -20.62 -20.08 1.68
N PRO C 176 -21.21 -21.19 2.14
CA PRO C 176 -21.48 -21.35 3.57
C PRO C 176 -20.20 -21.45 4.41
N ARG C 177 -19.19 -22.09 3.84
CA ARG C 177 -17.91 -22.29 4.51
C ARG C 177 -16.75 -22.05 3.55
N ALA C 178 -15.59 -21.71 4.12
CA ALA C 178 -14.38 -21.46 3.34
C ALA C 178 -13.97 -22.69 2.54
N CYS C 179 -14.17 -23.88 3.11
CA CYS C 179 -13.85 -25.15 2.44
C CYS C 179 -14.62 -25.28 1.13
N ASP C 180 -15.83 -24.73 1.12
CA ASP C 180 -16.69 -24.74 -0.07
C ASP C 180 -16.17 -23.71 -1.08
N SER C 181 -15.83 -22.52 -0.58
CA SER C 181 -15.31 -21.48 -1.47
C SER C 181 -13.97 -21.94 -2.07
N ALA C 182 -13.19 -22.70 -1.31
CA ALA C 182 -11.92 -23.22 -1.79
C ALA C 182 -12.17 -24.24 -2.89
N GLU C 183 -13.26 -25.00 -2.76
CA GLU C 183 -13.64 -26.01 -3.75
C GLU C 183 -14.05 -25.34 -5.06
N VAL C 184 -14.73 -24.21 -4.95
CA VAL C 184 -15.17 -23.47 -6.12
C VAL C 184 -13.95 -22.90 -6.85
N LYS C 185 -13.00 -22.38 -6.07
CA LYS C 185 -11.78 -21.81 -6.63
C LYS C 185 -11.03 -22.87 -7.43
N ALA C 186 -10.91 -24.06 -6.86
CA ALA C 186 -10.22 -25.17 -7.52
C ALA C 186 -10.97 -25.58 -8.80
N TRP C 187 -12.30 -25.60 -8.72
CA TRP C 187 -13.11 -25.96 -9.87
C TRP C 187 -12.90 -24.95 -10.99
N LEU C 188 -12.93 -23.67 -10.63
CA LEU C 188 -12.75 -22.58 -11.59
C LEU C 188 -11.38 -22.64 -12.25
N GLU C 189 -10.45 -23.32 -11.59
CA GLU C 189 -9.09 -23.44 -12.12
C GLU C 189 -8.83 -24.67 -12.99
N THR C 190 -9.81 -25.57 -13.06
CA THR C 190 -9.68 -26.75 -13.91
C THR C 190 -10.01 -26.26 -15.34
N SER C 191 -9.36 -26.84 -16.36
CA SER C 191 -9.62 -26.43 -17.74
C SER C 191 -11.08 -26.73 -18.14
N GLU C 192 -11.68 -27.71 -17.48
CA GLU C 192 -13.08 -28.07 -17.77
C GLU C 192 -14.06 -27.08 -17.12
N GLY C 193 -13.72 -26.59 -15.93
CA GLY C 193 -14.58 -25.63 -15.24
C GLY C 193 -14.57 -24.28 -15.92
N PHE C 194 -13.39 -23.89 -16.42
CA PHE C 194 -13.22 -22.63 -17.11
C PHE C 194 -14.04 -22.53 -18.40
N ALA C 195 -13.94 -23.56 -19.24
CA ALA C 195 -14.65 -23.58 -20.52
C ALA C 195 -16.16 -23.36 -20.39
N VAL C 196 -16.77 -24.00 -19.41
CA VAL C 196 -18.20 -23.82 -19.22
C VAL C 196 -18.44 -22.37 -18.84
N ILE C 197 -17.58 -21.81 -18.00
CA ILE C 197 -17.73 -20.43 -17.59
C ILE C 197 -17.51 -19.48 -18.77
N LYS C 198 -16.48 -19.73 -19.57
CA LYS C 198 -16.21 -18.90 -20.73
C LYS C 198 -17.38 -18.99 -21.71
N GLU C 199 -18.02 -20.15 -21.77
CA GLU C 199 -19.16 -20.38 -22.65
C GLU C 199 -20.36 -19.50 -22.27
N ALA C 200 -20.76 -19.59 -21.00
CA ALA C 200 -21.90 -18.80 -20.53
C ALA C 200 -21.59 -17.30 -20.62
N PHE C 201 -20.32 -16.95 -20.45
CA PHE C 201 -19.89 -15.55 -20.51
C PHE C 201 -19.90 -15.00 -21.94
N ASP C 202 -19.30 -15.77 -22.86
CA ASP C 202 -19.20 -15.35 -24.25
C ASP C 202 -20.52 -15.30 -25.01
N SER C 203 -21.52 -16.05 -24.54
CA SER C 203 -22.83 -16.10 -25.18
C SER C 203 -23.68 -14.83 -25.07
N THR C 204 -23.18 -13.83 -24.35
CA THR C 204 -23.95 -12.60 -24.17
C THR C 204 -23.62 -11.53 -25.20
N SER C 205 -22.51 -11.69 -25.92
CA SER C 205 -22.11 -10.70 -26.90
C SER C 205 -21.11 -11.22 -27.93
N ARG C 206 -21.04 -10.51 -29.06
CA ARG C 206 -20.13 -10.86 -30.14
C ARG C 206 -18.67 -10.65 -29.71
N PHE C 207 -18.44 -9.58 -28.96
CA PHE C 207 -17.09 -9.23 -28.50
C PHE C 207 -16.68 -9.83 -27.15
N ALA C 208 -17.63 -10.43 -26.44
CA ALA C 208 -17.38 -11.06 -25.13
C ALA C 208 -16.49 -12.28 -25.27
N ARG C 209 -15.19 -12.09 -25.09
CA ARG C 209 -14.22 -13.18 -25.18
C ARG C 209 -13.40 -13.25 -23.90
N LEU C 210 -13.89 -14.03 -22.95
CA LEU C 210 -13.25 -14.20 -21.64
C LEU C 210 -11.81 -14.73 -21.71
N GLN C 211 -10.92 -14.07 -20.97
CA GLN C 211 -9.50 -14.44 -20.90
C GLN C 211 -9.25 -15.20 -19.59
N LYS C 212 -8.14 -14.89 -18.92
CA LYS C 212 -7.80 -15.54 -17.66
C LYS C 212 -8.81 -15.18 -16.57
N LEU C 213 -8.86 -16.02 -15.54
CA LEU C 213 -9.75 -15.79 -14.40
C LEU C 213 -8.86 -15.68 -13.16
N HIS C 214 -8.93 -14.54 -12.49
CA HIS C 214 -8.16 -14.36 -11.27
C HIS C 214 -9.09 -14.43 -10.07
N THR C 215 -8.87 -15.43 -9.23
CA THR C 215 -9.72 -15.59 -8.05
C THR C 215 -8.95 -15.40 -6.75
N SER C 216 -9.67 -14.90 -5.75
CA SER C 216 -9.09 -14.66 -4.44
C SER C 216 -10.11 -15.00 -3.36
N ILE C 217 -9.63 -15.65 -2.31
CA ILE C 217 -10.46 -16.06 -1.18
C ILE C 217 -10.22 -15.25 0.07
N ALA C 218 -11.29 -14.94 0.79
CA ALA C 218 -11.25 -14.26 2.07
C ALA C 218 -12.26 -15.04 2.93
N GLY C 219 -11.79 -16.15 3.50
CA GLY C 219 -12.67 -17.00 4.30
C GLY C 219 -13.69 -17.66 3.39
N ARG C 220 -14.97 -17.55 3.72
CA ARG C 220 -16.01 -18.14 2.89
C ARG C 220 -16.40 -17.26 1.70
N ASN C 221 -15.75 -16.09 1.59
CA ASN C 221 -15.97 -15.18 0.48
C ASN C 221 -15.05 -15.53 -0.69
N LEU C 222 -15.55 -15.35 -1.91
CA LEU C 222 -14.76 -15.62 -3.09
C LEU C 222 -14.92 -14.46 -4.06
N TYR C 223 -13.79 -13.87 -4.44
CA TYR C 223 -13.76 -12.74 -5.37
C TYR C 223 -13.23 -13.28 -6.67
N ILE C 224 -13.98 -13.05 -7.74
CA ILE C 224 -13.62 -13.55 -9.05
C ILE C 224 -13.45 -12.40 -10.01
N ARG C 225 -12.25 -12.26 -10.55
CA ARG C 225 -11.97 -11.17 -11.49
C ARG C 225 -12.10 -11.69 -12.93
N PHE C 226 -13.17 -11.25 -13.60
CA PHE C 226 -13.41 -11.62 -15.00
C PHE C 226 -12.70 -10.59 -15.89
N GLN C 227 -12.05 -11.06 -16.93
CA GLN C 227 -11.36 -10.15 -17.85
C GLN C 227 -11.63 -10.56 -19.30
N SER C 228 -12.06 -9.60 -20.10
CA SER C 228 -12.39 -9.87 -21.49
C SER C 228 -12.21 -8.64 -22.36
N ARG C 229 -11.96 -8.87 -23.65
CA ARG C 229 -11.82 -7.79 -24.63
C ARG C 229 -13.25 -7.31 -24.87
N SER C 230 -13.40 -6.17 -25.53
CA SER C 230 -14.73 -5.64 -25.75
C SER C 230 -14.82 -4.81 -27.03
N GLY C 231 -14.15 -5.28 -28.09
CA GLY C 231 -14.16 -4.55 -29.34
C GLY C 231 -13.59 -3.17 -29.10
N ASP C 232 -14.30 -2.14 -29.59
CA ASP C 232 -13.86 -0.77 -29.43
C ASP C 232 -14.51 -0.03 -28.27
N ALA C 233 -15.35 -0.75 -27.52
CA ALA C 233 -16.06 -0.19 -26.36
C ALA C 233 -15.20 -0.27 -25.10
N MET C 234 -15.41 0.67 -24.17
CA MET C 234 -14.66 0.65 -22.91
C MET C 234 -15.01 -0.70 -22.26
N GLY C 235 -16.26 -1.12 -22.47
CA GLY C 235 -16.68 -2.42 -22.00
C GLY C 235 -17.28 -2.71 -20.65
N MET C 236 -17.56 -1.70 -19.83
CA MET C 236 -18.13 -1.98 -18.52
C MET C 236 -19.47 -2.71 -18.56
N ASN C 237 -20.43 -2.19 -19.33
CA ASN C 237 -21.76 -2.82 -19.44
C ASN C 237 -21.70 -4.23 -20.00
N MET C 238 -20.88 -4.39 -21.04
CA MET C 238 -20.70 -5.68 -21.69
C MET C 238 -20.15 -6.75 -20.73
N ILE C 239 -19.07 -6.41 -20.02
CA ILE C 239 -18.46 -7.34 -19.07
C ILE C 239 -19.39 -7.63 -17.89
N SER C 240 -20.21 -6.65 -17.52
CA SER C 240 -21.16 -6.86 -16.42
C SER C 240 -22.18 -7.91 -16.82
N LYS C 241 -22.68 -7.81 -18.05
CA LYS C 241 -23.67 -8.75 -18.60
C LYS C 241 -23.07 -10.16 -18.66
N GLY C 242 -21.86 -10.26 -19.18
CA GLY C 242 -21.20 -11.56 -19.26
C GLY C 242 -21.01 -12.17 -17.89
N THR C 243 -20.61 -11.35 -16.92
CA THR C 243 -20.38 -11.78 -15.55
C THR C 243 -21.66 -12.34 -14.90
N GLU C 244 -22.78 -11.64 -15.08
CA GLU C 244 -24.06 -12.07 -14.52
C GLU C 244 -24.45 -13.46 -15.05
N LYS C 245 -24.29 -13.64 -16.35
CA LYS C 245 -24.60 -14.89 -17.00
C LYS C 245 -23.67 -15.99 -16.50
N ALA C 246 -22.39 -15.65 -16.35
CA ALA C 246 -21.38 -16.59 -15.87
C ALA C 246 -21.62 -17.00 -14.42
N LEU C 247 -22.09 -16.07 -13.60
CA LEU C 247 -22.36 -16.37 -12.19
C LEU C 247 -23.59 -17.24 -12.07
N SER C 248 -24.57 -16.99 -12.94
CA SER C 248 -25.81 -17.77 -12.98
C SER C 248 -25.46 -19.23 -13.32
N LYS C 249 -24.56 -19.40 -14.28
CA LYS C 249 -24.12 -20.74 -14.67
C LYS C 249 -23.40 -21.40 -13.49
N LEU C 250 -22.57 -20.63 -12.78
CA LEU C 250 -21.84 -21.16 -11.63
C LEU C 250 -22.79 -21.52 -10.49
N HIS C 251 -23.89 -20.80 -10.38
CA HIS C 251 -24.88 -21.07 -9.33
C HIS C 251 -25.58 -22.42 -9.54
N GLU C 252 -25.57 -22.91 -10.79
CA GLU C 252 -26.19 -24.19 -11.11
C GLU C 252 -25.31 -25.37 -10.67
N TYR C 253 -24.00 -25.14 -10.64
CA TYR C 253 -23.05 -26.17 -10.20
C TYR C 253 -22.93 -26.16 -8.67
N PHE C 254 -23.05 -24.97 -8.09
CA PHE C 254 -22.94 -24.78 -6.64
C PHE C 254 -24.17 -24.00 -6.17
N PRO C 255 -25.31 -24.69 -6.02
CA PRO C 255 -26.58 -24.12 -5.59
C PRO C 255 -26.53 -23.37 -4.25
N GLU C 256 -25.58 -23.75 -3.38
CA GLU C 256 -25.45 -23.08 -2.09
C GLU C 256 -24.72 -21.73 -2.15
N MET C 257 -24.21 -21.40 -3.33
CA MET C 257 -23.49 -20.14 -3.53
C MET C 257 -24.41 -18.93 -3.55
N GLN C 258 -24.04 -17.92 -2.78
CA GLN C 258 -24.80 -16.68 -2.72
C GLN C 258 -24.05 -15.58 -3.47
N ILE C 259 -24.72 -14.93 -4.40
CA ILE C 259 -24.12 -13.85 -5.16
C ILE C 259 -24.40 -12.56 -4.38
N LEU C 260 -23.40 -12.10 -3.65
CA LEU C 260 -23.54 -10.91 -2.83
C LEU C 260 -23.59 -9.59 -3.61
N ALA C 261 -22.78 -9.48 -4.67
CA ALA C 261 -22.76 -8.25 -5.47
C ALA C 261 -21.98 -8.48 -6.74
N VAL C 262 -22.52 -8.01 -7.87
CA VAL C 262 -21.89 -8.18 -9.16
C VAL C 262 -20.51 -7.49 -9.18
N SER C 263 -20.33 -6.55 -8.25
CA SER C 263 -19.05 -5.87 -8.08
C SER C 263 -18.69 -5.86 -6.61
N GLY C 264 -17.61 -6.59 -6.30
CA GLY C 264 -17.10 -6.64 -4.94
C GLY C 264 -15.83 -5.82 -4.79
N ASN C 265 -15.68 -4.78 -5.62
CA ASN C 265 -14.51 -3.91 -5.56
C ASN C 265 -13.19 -4.62 -5.93
N TYR C 266 -13.32 -5.75 -6.61
CA TYR C 266 -12.15 -6.51 -7.01
C TYR C 266 -11.84 -6.30 -8.51
N CYS C 267 -12.55 -5.38 -9.16
CA CYS C 267 -12.36 -5.11 -10.58
C CYS C 267 -10.96 -4.53 -10.90
N THR C 268 -10.58 -3.37 -10.34
CA THR C 268 -11.36 -2.55 -9.43
C THR C 268 -11.75 -1.30 -10.23
N ASP C 269 -13.02 -0.90 -10.13
CA ASP C 269 -13.51 0.26 -10.88
C ASP C 269 -13.62 1.58 -10.10
N LYS C 270 -12.95 2.61 -10.61
CA LYS C 270 -12.93 3.96 -10.05
C LYS C 270 -12.45 4.17 -8.60
N LYS C 271 -11.63 3.26 -8.12
CA LYS C 271 -11.05 3.38 -6.79
C LYS C 271 -9.59 2.96 -6.97
N PRO C 272 -8.68 3.60 -6.24
CA PRO C 272 -7.25 3.22 -6.39
C PRO C 272 -7.08 1.79 -5.89
N ALA C 273 -6.32 0.97 -6.62
CA ALA C 273 -6.11 -0.41 -6.21
C ALA C 273 -4.83 -0.99 -6.81
N ALA C 274 -4.07 -1.69 -6.00
CA ALA C 274 -2.84 -2.30 -6.43
C ALA C 274 -3.10 -3.35 -7.52
N ILE C 275 -4.29 -3.96 -7.50
CA ILE C 275 -4.62 -4.99 -8.48
C ILE C 275 -4.64 -4.48 -9.93
N ASN C 276 -5.05 -3.24 -10.14
CA ASN C 276 -5.09 -2.67 -11.50
C ASN C 276 -3.67 -2.35 -11.94
N TRP C 277 -2.85 -1.92 -10.98
CA TRP C 277 -1.45 -1.58 -11.23
C TRP C 277 -0.60 -2.80 -11.59
N ILE C 278 -0.86 -3.90 -10.88
CA ILE C 278 -0.12 -5.14 -11.05
C ILE C 278 -0.61 -6.05 -12.17
N GLU C 279 -1.92 -6.15 -12.35
CA GLU C 279 -2.48 -7.02 -13.37
C GLU C 279 -3.03 -6.28 -14.58
N GLY C 280 -3.16 -4.96 -14.47
CA GLY C 280 -3.69 -4.16 -15.55
C GLY C 280 -5.21 -4.20 -15.59
N ARG C 281 -5.78 -3.25 -16.32
CA ARG C 281 -7.22 -3.17 -16.50
C ARG C 281 -7.43 -2.30 -17.73
N GLY C 282 -8.26 -2.77 -18.66
CA GLY C 282 -8.47 -2.01 -19.88
C GLY C 282 -7.23 -2.24 -20.72
N LYS C 283 -6.58 -1.17 -21.14
CA LYS C 283 -5.38 -1.28 -21.95
C LYS C 283 -4.07 -0.92 -21.28
N SER C 284 -3.11 -1.85 -21.32
CA SER C 284 -1.78 -1.58 -20.76
C SER C 284 -0.93 -1.07 -21.91
N VAL C 285 -0.33 0.10 -21.75
CA VAL C 285 0.45 0.70 -22.81
C VAL C 285 1.81 1.19 -22.36
N VAL C 286 2.76 1.22 -23.30
CA VAL C 286 4.09 1.72 -23.03
C VAL C 286 4.46 2.62 -24.20
N CYS C 287 5.15 3.71 -23.89
CA CYS C 287 5.55 4.67 -24.88
C CYS C 287 6.99 5.09 -24.57
N GLU C 288 7.75 5.45 -25.61
CA GLU C 288 9.14 5.87 -25.44
C GLU C 288 9.59 6.87 -26.51
N ALA C 289 10.67 7.58 -26.21
CA ALA C 289 11.23 8.55 -27.14
C ALA C 289 12.61 8.98 -26.65
N VAL C 290 13.41 9.55 -27.56
CA VAL C 290 14.73 10.05 -27.21
C VAL C 290 14.79 11.50 -27.66
N ILE C 291 15.18 12.38 -26.75
CA ILE C 291 15.26 13.81 -27.03
C ILE C 291 16.73 14.24 -27.09
N PRO C 292 17.19 14.73 -28.26
CA PRO C 292 18.56 15.20 -28.50
C PRO C 292 18.95 16.30 -27.53
N ALA C 293 20.19 16.26 -27.05
CA ALA C 293 20.71 17.25 -26.10
C ALA C 293 20.38 18.68 -26.47
N LYS C 294 20.58 19.04 -27.74
CA LYS C 294 20.28 20.40 -28.20
C LYS C 294 18.78 20.71 -28.02
N VAL C 295 17.93 19.74 -28.33
CA VAL C 295 16.48 19.93 -28.20
C VAL C 295 16.08 20.13 -26.74
N VAL C 296 16.79 19.49 -25.82
CA VAL C 296 16.50 19.62 -24.39
C VAL C 296 16.88 21.01 -23.88
N ARG C 297 17.98 21.55 -24.40
CA ARG C 297 18.45 22.87 -23.98
C ARG C 297 17.65 24.01 -24.63
N GLU C 298 17.27 23.83 -25.89
CA GLU C 298 16.57 24.86 -26.63
C GLU C 298 15.05 24.89 -26.57
N VAL C 299 14.43 23.72 -26.49
CA VAL C 299 12.98 23.66 -26.40
C VAL C 299 12.53 23.56 -24.93
N LEU C 300 13.20 22.72 -24.16
CA LEU C 300 12.86 22.47 -22.76
C LEU C 300 13.60 23.38 -21.75
N LYS C 301 14.64 24.06 -22.22
CA LYS C 301 15.41 25.00 -21.40
C LYS C 301 16.13 24.40 -20.20
N THR C 302 16.64 23.18 -20.36
CA THR C 302 17.33 22.50 -19.27
C THR C 302 18.29 21.48 -19.86
N THR C 303 18.86 20.64 -19.01
CA THR C 303 19.81 19.61 -19.43
C THR C 303 19.28 18.21 -19.14
N THR C 304 19.83 17.23 -19.84
CA THR C 304 19.44 15.85 -19.64
C THR C 304 19.74 15.40 -18.21
N GLU C 305 20.87 15.85 -17.66
CA GLU C 305 21.28 15.51 -16.30
C GLU C 305 20.30 16.02 -15.22
N ALA C 306 19.81 17.25 -15.39
CA ALA C 306 18.88 17.85 -14.44
C ALA C 306 17.50 17.17 -14.51
N MET C 307 17.08 16.81 -15.72
CA MET C 307 15.80 16.13 -15.94
C MET C 307 15.82 14.78 -15.23
N ILE C 308 16.91 14.05 -15.40
CA ILE C 308 17.06 12.74 -14.78
C ILE C 308 17.07 12.83 -13.26
N GLU C 309 17.74 13.83 -12.71
CA GLU C 309 17.82 14.03 -11.27
C GLU C 309 16.44 14.36 -10.68
N VAL C 310 15.64 15.13 -11.42
CA VAL C 310 14.31 15.49 -10.96
C VAL C 310 13.39 14.28 -11.04
N ASN C 311 13.45 13.55 -12.16
CA ASN C 311 12.60 12.39 -12.32
C ASN C 311 12.82 11.33 -11.24
N ILE C 312 14.08 11.03 -10.94
CA ILE C 312 14.40 10.04 -9.93
C ILE C 312 13.98 10.42 -8.51
N ASN C 313 14.29 11.65 -8.12
CA ASN C 313 13.98 12.09 -6.78
C ASN C 313 12.55 12.56 -6.52
N LYS C 314 11.80 12.81 -7.60
CA LYS C 314 10.41 13.23 -7.51
C LYS C 314 9.49 12.05 -7.82
N ASN C 315 9.53 11.57 -9.06
CA ASN C 315 8.69 10.47 -9.51
C ASN C 315 8.97 9.10 -8.94
N LEU C 316 10.20 8.87 -8.49
CA LEU C 316 10.51 7.58 -7.89
C LEU C 316 10.62 7.69 -6.37
N VAL C 317 11.62 8.41 -5.89
CA VAL C 317 11.83 8.54 -4.45
C VAL C 317 10.72 9.32 -3.75
N GLY C 318 10.29 10.44 -4.32
CA GLY C 318 9.24 11.25 -3.73
C GLY C 318 7.93 10.47 -3.60
N SER C 319 7.53 9.81 -4.69
CA SER C 319 6.31 8.99 -4.70
C SER C 319 6.43 7.85 -3.70
N ALA C 320 7.65 7.33 -3.54
CA ALA C 320 7.88 6.26 -2.58
C ALA C 320 7.67 6.76 -1.16
N MET C 321 8.21 7.95 -0.86
CA MET C 321 8.07 8.55 0.46
C MET C 321 6.62 8.90 0.81
N ALA C 322 5.81 9.20 -0.20
CA ALA C 322 4.42 9.56 -0.05
C ALA C 322 3.52 8.32 0.10
N GLY C 323 4.09 7.13 -0.14
CA GLY C 323 3.33 5.91 -0.06
C GLY C 323 2.38 5.75 -1.24
N SER C 324 2.90 5.97 -2.44
CA SER C 324 2.10 5.87 -3.64
C SER C 324 2.10 4.48 -4.24
N ILE C 325 0.95 4.07 -4.77
CA ILE C 325 0.84 2.81 -5.48
C ILE C 325 0.39 3.26 -6.86
N GLY C 326 1.28 3.15 -7.85
CA GLY C 326 0.93 3.53 -9.20
C GLY C 326 1.02 5.00 -9.55
N GLY C 327 1.46 5.83 -8.61
CA GLY C 327 1.56 7.25 -8.90
C GLY C 327 2.99 7.72 -9.07
N TYR C 328 3.75 7.00 -9.90
CA TYR C 328 5.16 7.32 -10.17
C TYR C 328 5.35 8.17 -11.42
N ASN C 329 4.67 9.31 -11.43
CA ASN C 329 4.70 10.24 -12.54
C ASN C 329 4.47 11.64 -12.00
N ALA C 330 4.58 12.65 -12.86
CA ALA C 330 4.40 14.02 -12.43
C ALA C 330 2.94 14.49 -12.51
N HIS C 331 2.31 14.31 -13.66
CA HIS C 331 0.94 14.76 -13.81
C HIS C 331 0.16 14.10 -14.94
N ALA C 332 0.28 12.78 -15.03
CA ALA C 332 -0.45 12.04 -16.04
C ALA C 332 -1.95 12.29 -15.96
N ALA C 333 -2.46 12.47 -14.74
CA ALA C 333 -3.88 12.71 -14.52
C ALA C 333 -4.36 13.96 -15.26
N ASN C 334 -3.53 15.00 -15.33
CA ASN C 334 -3.90 16.22 -16.05
C ASN C 334 -4.21 15.93 -17.50
N ILE C 335 -3.33 15.16 -18.14
CA ILE C 335 -3.47 14.81 -19.55
C ILE C 335 -4.60 13.84 -19.77
N VAL C 336 -4.67 12.80 -18.95
CA VAL C 336 -5.73 11.81 -19.08
C VAL C 336 -7.12 12.47 -18.98
N THR C 337 -7.29 13.31 -17.98
CA THR C 337 -8.57 13.99 -17.74
C THR C 337 -8.98 14.88 -18.90
N ALA C 338 -8.06 15.70 -19.37
CA ALA C 338 -8.33 16.63 -20.47
C ALA C 338 -8.76 15.90 -21.74
N ILE C 339 -8.08 14.81 -22.07
CA ILE C 339 -8.45 14.05 -23.28
C ILE C 339 -9.76 13.28 -23.08
N TYR C 340 -9.97 12.76 -21.87
CA TYR C 340 -11.18 12.00 -21.56
C TYR C 340 -12.44 12.85 -21.70
N ILE C 341 -12.40 14.07 -21.19
CA ILE C 341 -13.55 14.97 -21.25
C ILE C 341 -13.84 15.39 -22.71
N ALA C 342 -12.77 15.67 -23.46
CA ALA C 342 -12.89 16.06 -24.85
C ALA C 342 -13.41 14.94 -25.74
N CYS C 343 -13.04 13.71 -25.40
CA CYS C 343 -13.42 12.55 -26.19
C CYS C 343 -14.59 11.71 -25.71
N GLY C 344 -15.37 12.22 -24.77
CA GLY C 344 -16.52 11.48 -24.29
C GLY C 344 -16.24 10.23 -23.48
N GLN C 345 -15.07 10.19 -22.85
CA GLN C 345 -14.74 9.05 -22.01
C GLN C 345 -15.35 9.28 -20.63
N ASP C 346 -15.27 8.28 -19.77
CA ASP C 346 -15.79 8.40 -18.41
C ASP C 346 -14.66 9.04 -17.59
N ALA C 347 -14.81 10.32 -17.29
CA ALA C 347 -13.81 11.07 -16.54
C ALA C 347 -13.51 10.54 -15.12
N ALA C 348 -14.48 9.88 -14.51
CA ALA C 348 -14.29 9.33 -13.17
C ALA C 348 -13.27 8.18 -13.20
N GLN C 349 -13.06 7.62 -14.39
CA GLN C 349 -12.12 6.53 -14.54
C GLN C 349 -10.67 7.02 -14.61
N ASN C 350 -10.50 8.32 -14.40
CA ASN C 350 -9.18 8.90 -14.41
C ASN C 350 -8.44 8.46 -13.14
N VAL C 351 -9.19 7.91 -12.17
CA VAL C 351 -8.60 7.42 -10.93
C VAL C 351 -7.58 6.30 -11.22
N GLY C 352 -8.00 5.27 -11.96
CA GLY C 352 -7.07 4.20 -12.29
C GLY C 352 -6.35 4.41 -13.61
N SER C 353 -7.03 5.06 -14.57
CA SER C 353 -6.47 5.31 -15.88
C SER C 353 -5.17 6.11 -15.89
N SER C 354 -5.00 6.95 -14.87
CA SER C 354 -3.83 7.79 -14.70
C SER C 354 -2.61 7.07 -14.12
N ASN C 355 -2.74 5.80 -13.76
CA ASN C 355 -1.60 5.05 -13.22
C ASN C 355 -0.45 5.14 -14.22
N CYS C 356 0.73 5.51 -13.74
CA CYS C 356 1.84 5.67 -14.64
C CYS C 356 3.19 5.76 -13.96
N ILE C 357 4.19 5.11 -14.57
CA ILE C 357 5.56 5.21 -14.07
C ILE C 357 6.38 5.87 -15.20
N THR C 358 6.90 7.05 -14.90
CA THR C 358 7.70 7.81 -15.85
C THR C 358 9.19 7.58 -15.59
N LEU C 359 9.91 7.04 -16.58
CA LEU C 359 11.35 6.77 -16.45
C LEU C 359 12.19 7.58 -17.43
N MET C 360 13.31 8.10 -16.94
CA MET C 360 14.24 8.91 -17.72
C MET C 360 15.69 8.46 -17.53
N GLU C 361 16.47 8.46 -18.60
CA GLU C 361 17.88 8.09 -18.50
C GLU C 361 18.74 8.59 -19.65
N ALA C 362 20.04 8.73 -19.36
CA ALA C 362 21.03 9.20 -20.32
C ALA C 362 21.16 8.24 -21.50
N SER C 363 21.07 8.80 -22.70
CA SER C 363 21.18 8.02 -23.93
C SER C 363 22.18 8.67 -24.90
N GLY C 364 22.45 7.97 -25.99
CA GLY C 364 23.37 8.49 -27.00
C GLY C 364 24.84 8.18 -26.82
N PRO C 365 25.67 8.56 -27.82
CA PRO C 365 27.13 8.35 -27.86
C PRO C 365 27.82 8.95 -26.65
N THR C 366 27.51 10.21 -26.38
CA THR C 366 28.09 10.96 -25.27
C THR C 366 27.22 10.98 -24.01
N ASN C 367 26.14 10.21 -23.99
CA ASN C 367 25.22 10.17 -22.86
C ASN C 367 24.72 11.57 -22.50
N GLU C 368 24.34 12.34 -23.51
CA GLU C 368 23.84 13.69 -23.30
C GLU C 368 22.39 13.80 -23.78
N ASP C 369 21.89 12.73 -24.38
CA ASP C 369 20.53 12.66 -24.92
C ASP C 369 19.57 12.09 -23.85
N LEU C 370 18.33 12.56 -23.87
CA LEU C 370 17.34 12.13 -22.89
C LEU C 370 16.41 11.03 -23.35
N TYR C 371 16.56 9.84 -22.77
CA TYR C 371 15.65 8.76 -23.09
C TYR C 371 14.48 8.84 -22.08
N ILE C 372 13.25 8.78 -22.57
CA ILE C 372 12.08 8.82 -21.72
C ILE C 372 11.06 7.76 -22.09
N SER C 373 10.46 7.17 -21.06
CA SER C 373 9.42 6.16 -21.24
C SER C 373 8.30 6.33 -20.21
N CYS C 374 7.08 6.03 -20.63
CA CYS C 374 5.91 6.09 -19.76
C CYS C 374 5.19 4.79 -19.92
N THR C 375 4.91 4.13 -18.79
CA THR C 375 4.21 2.85 -18.78
C THR C 375 2.91 3.04 -17.99
N MET C 376 1.80 2.83 -18.67
CA MET C 376 0.46 2.99 -18.12
C MET C 376 -0.27 1.65 -18.28
N PRO C 377 -0.33 0.88 -17.19
CA PRO C 377 -0.97 -0.45 -17.15
C PRO C 377 -2.47 -0.52 -17.15
N SER C 378 -3.17 0.59 -16.99
CA SER C 378 -4.62 0.50 -16.87
C SER C 378 -5.46 1.64 -17.43
N ILE C 379 -5.34 1.86 -18.74
CA ILE C 379 -6.08 2.88 -19.43
C ILE C 379 -7.47 2.33 -19.81
N GLU C 380 -8.51 2.81 -19.14
CA GLU C 380 -9.88 2.40 -19.38
C GLU C 380 -10.42 3.39 -20.42
N ILE C 381 -10.65 2.90 -21.63
CA ILE C 381 -11.05 3.76 -22.73
C ILE C 381 -11.90 3.05 -23.78
N GLY C 382 -12.58 3.85 -24.60
CA GLY C 382 -13.42 3.30 -25.66
C GLY C 382 -13.76 4.36 -26.68
N THR C 383 -14.12 3.93 -27.88
CA THR C 383 -14.48 4.86 -28.96
C THR C 383 -15.92 4.64 -29.44
N VAL C 384 -16.64 3.79 -28.73
CA VAL C 384 -18.03 3.46 -29.02
C VAL C 384 -18.82 3.43 -27.71
N GLY C 385 -20.03 3.98 -27.72
CA GLY C 385 -20.87 3.97 -26.53
C GLY C 385 -20.66 5.08 -25.50
N GLY C 386 -21.62 5.18 -24.59
CA GLY C 386 -21.56 6.19 -23.55
C GLY C 386 -21.50 7.59 -24.12
N GLY C 387 -20.60 8.40 -23.57
CA GLY C 387 -20.44 9.77 -24.02
C GLY C 387 -19.87 9.90 -25.42
N THR C 388 -19.31 8.82 -25.98
CA THR C 388 -18.76 8.89 -27.34
C THR C 388 -19.88 8.88 -28.38
N ASN C 389 -21.12 8.67 -27.93
CA ASN C 389 -22.28 8.67 -28.82
C ASN C 389 -22.75 10.08 -29.15
N LEU C 390 -22.25 11.08 -28.43
CA LEU C 390 -22.63 12.47 -28.65
C LEU C 390 -21.78 13.08 -29.76
N LEU C 391 -22.38 13.98 -30.54
CA LEU C 391 -21.70 14.61 -31.67
C LEU C 391 -20.47 15.45 -31.38
N PRO C 392 -20.51 16.34 -30.37
CA PRO C 392 -19.31 17.15 -30.11
C PRO C 392 -18.09 16.29 -29.72
N GLN C 393 -18.30 15.27 -28.87
CA GLN C 393 -17.19 14.40 -28.49
C GLN C 393 -16.75 13.52 -29.66
N GLN C 394 -17.69 13.15 -30.53
CA GLN C 394 -17.37 12.33 -31.72
C GLN C 394 -16.46 13.13 -32.65
N ALA C 395 -16.63 14.44 -32.65
CA ALA C 395 -15.82 15.34 -33.46
C ALA C 395 -14.37 15.28 -33.01
N CYS C 396 -14.16 15.29 -31.70
CA CYS C 396 -12.81 15.21 -31.13
C CYS C 396 -12.17 13.86 -31.45
N LEU C 397 -12.98 12.80 -31.39
CA LEU C 397 -12.52 11.46 -31.72
C LEU C 397 -12.14 11.38 -33.22
N GLN C 398 -12.92 12.04 -34.07
CA GLN C 398 -12.68 12.06 -35.52
C GLN C 398 -11.39 12.80 -35.80
N MET C 399 -11.09 13.83 -35.02
CA MET C 399 -9.85 14.59 -35.15
C MET C 399 -8.64 13.66 -35.07
N LEU C 400 -8.79 12.60 -34.28
CA LEU C 400 -7.73 11.62 -34.08
C LEU C 400 -7.87 10.42 -35.00
N GLY C 401 -9.00 10.35 -35.70
CA GLY C 401 -9.26 9.26 -36.62
C GLY C 401 -9.60 7.95 -35.96
N VAL C 402 -10.26 8.03 -34.79
CA VAL C 402 -10.61 6.84 -34.03
C VAL C 402 -12.09 6.76 -33.62
N GLN C 403 -12.93 7.60 -34.22
CA GLN C 403 -14.35 7.60 -33.88
C GLN C 403 -15.08 6.32 -34.27
N GLY C 404 -15.92 5.83 -33.36
CA GLY C 404 -16.68 4.63 -33.63
C GLY C 404 -15.94 3.31 -33.72
N ALA C 405 -16.67 2.29 -34.17
CA ALA C 405 -16.13 0.95 -34.33
C ALA C 405 -15.24 0.79 -35.54
N CYS C 406 -14.36 -0.21 -35.45
CA CYS C 406 -13.45 -0.53 -36.53
C CYS C 406 -13.90 -1.93 -36.95
N LYS C 407 -14.85 -1.96 -37.88
CA LYS C 407 -15.43 -3.20 -38.40
C LYS C 407 -14.42 -4.21 -38.95
N ASP C 408 -13.36 -3.71 -39.59
CA ASP C 408 -12.32 -4.57 -40.16
C ASP C 408 -11.34 -5.11 -39.13
N ASN C 409 -11.02 -4.33 -38.11
CA ASN C 409 -10.15 -4.77 -37.00
C ASN C 409 -10.76 -4.26 -35.67
N PRO C 410 -11.79 -4.95 -35.14
CA PRO C 410 -12.48 -4.60 -33.88
C PRO C 410 -11.54 -4.38 -32.70
N GLY C 411 -11.58 -3.18 -32.14
CA GLY C 411 -10.74 -2.83 -31.00
C GLY C 411 -9.58 -1.92 -31.36
N GLU C 412 -9.22 -1.90 -32.64
CA GLU C 412 -8.11 -1.08 -33.12
C GLU C 412 -8.25 0.42 -32.85
N ASN C 413 -9.47 0.94 -32.93
CA ASN C 413 -9.70 2.37 -32.67
C ASN C 413 -9.42 2.68 -31.19
N ALA C 414 -9.91 1.82 -30.29
CA ALA C 414 -9.71 2.01 -28.86
C ALA C 414 -8.23 1.86 -28.47
N ARG C 415 -7.54 0.92 -29.11
CA ARG C 415 -6.12 0.71 -28.85
C ARG C 415 -5.34 1.93 -29.33
N GLN C 416 -5.74 2.45 -30.49
CA GLN C 416 -5.07 3.61 -31.05
C GLN C 416 -5.24 4.80 -30.11
N LEU C 417 -6.46 4.95 -29.59
CA LEU C 417 -6.73 6.06 -28.66
C LEU C 417 -5.89 5.93 -27.39
N ALA C 418 -5.76 4.70 -26.88
CA ALA C 418 -4.96 4.44 -25.67
C ALA C 418 -3.49 4.78 -25.92
N ARG C 419 -2.98 4.44 -27.11
CA ARG C 419 -1.59 4.77 -27.46
C ARG C 419 -1.42 6.28 -27.54
N ILE C 420 -2.43 6.97 -28.07
CA ILE C 420 -2.40 8.44 -28.16
C ILE C 420 -2.34 9.07 -26.77
N VAL C 421 -3.13 8.52 -25.85
CA VAL C 421 -3.15 9.01 -24.48
C VAL C 421 -1.80 8.82 -23.81
N CYS C 422 -1.20 7.65 -23.98
CA CYS C 422 0.10 7.39 -23.38
C CYS C 422 1.15 8.34 -23.96
N GLY C 423 1.07 8.57 -25.27
CA GLY C 423 2.01 9.46 -25.95
C GLY C 423 1.88 10.90 -25.48
N THR C 424 0.64 11.35 -25.34
CA THR C 424 0.38 12.71 -24.89
C THR C 424 0.83 12.87 -23.42
N VAL C 425 0.66 11.81 -22.61
CA VAL C 425 1.10 11.85 -21.22
C VAL C 425 2.62 12.04 -21.20
N MET C 426 3.32 11.30 -22.05
CA MET C 426 4.77 11.41 -22.12
C MET C 426 5.20 12.85 -22.49
N ALA C 427 4.52 13.46 -23.45
CA ALA C 427 4.81 14.83 -23.84
C ALA C 427 4.58 15.75 -22.64
N GLY C 428 3.47 15.50 -21.92
CA GLY C 428 3.14 16.30 -20.74
C GLY C 428 4.17 16.15 -19.63
N GLU C 429 4.66 14.92 -19.45
CA GLU C 429 5.67 14.63 -18.43
C GLU C 429 6.99 15.34 -18.76
N LEU C 430 7.38 15.30 -20.03
CA LEU C 430 8.60 15.96 -20.48
C LEU C 430 8.58 17.43 -20.15
N SER C 431 7.48 18.08 -20.52
CA SER C 431 7.32 19.51 -20.30
C SER C 431 7.32 19.94 -18.84
N LEU C 432 6.53 19.26 -18.00
CA LEU C 432 6.48 19.62 -16.59
C LEU C 432 7.81 19.33 -15.87
N MET C 433 8.44 18.22 -16.21
CA MET C 433 9.73 17.90 -15.58
C MET C 433 10.76 18.97 -15.91
N ALA C 434 10.72 19.47 -17.14
CA ALA C 434 11.64 20.52 -17.60
C ALA C 434 11.41 21.80 -16.80
N ALA C 435 10.15 22.17 -16.64
CA ALA C 435 9.81 23.38 -15.90
C ALA C 435 10.23 23.28 -14.43
N LEU C 436 10.17 22.06 -13.87
CA LEU C 436 10.58 21.84 -12.49
C LEU C 436 12.09 21.89 -12.36
N ALA C 437 12.78 21.30 -13.34
CA ALA C 437 14.25 21.25 -13.36
C ALA C 437 14.87 22.64 -13.57
N ALA C 438 14.31 23.40 -14.50
CA ALA C 438 14.80 24.74 -14.79
C ALA C 438 14.55 25.69 -13.62
N GLY C 439 13.51 25.39 -12.84
CA GLY C 439 13.18 26.21 -11.70
C GLY C 439 12.83 27.61 -12.17
N ASP D 43 -9.88 37.04 -43.07
CA ASP D 43 -9.58 35.58 -42.91
C ASP D 43 -8.64 35.11 -44.02
N ALA D 44 -8.84 35.67 -45.22
CA ALA D 44 -8.09 35.35 -46.43
C ALA D 44 -6.60 35.10 -46.24
N GLU D 45 -5.79 36.14 -46.45
CA GLU D 45 -4.35 36.03 -46.30
C GLU D 45 -3.89 36.30 -44.87
N ILE D 46 -4.82 36.23 -43.93
CA ILE D 46 -4.48 36.41 -42.51
C ILE D 46 -3.71 35.15 -42.12
N ILE D 47 -3.98 34.08 -42.87
CA ILE D 47 -3.33 32.79 -42.67
C ILE D 47 -1.83 32.92 -42.99
N GLN D 48 -1.48 33.94 -43.78
CA GLN D 48 -0.10 34.19 -44.17
C GLN D 48 0.74 34.65 -42.97
N ALA D 57 0.80 31.83 -34.02
CA ALA D 57 -0.32 30.90 -34.16
C ALA D 57 -1.28 31.05 -32.98
N TYR D 58 -0.82 30.66 -31.79
CA TYR D 58 -1.62 30.77 -30.58
C TYR D 58 -1.83 32.24 -30.23
N LYS D 59 -1.02 33.09 -30.86
CA LYS D 59 -1.10 34.53 -30.67
C LYS D 59 -1.96 35.12 -31.77
N LEU D 60 -3.24 34.73 -31.78
CA LEU D 60 -4.20 35.22 -32.76
C LEU D 60 -5.00 36.36 -32.15
N GLU D 61 -5.61 36.11 -30.99
CA GLU D 61 -6.39 37.14 -30.31
C GLU D 61 -5.44 38.22 -29.80
N THR D 62 -4.13 37.96 -29.96
CA THR D 62 -3.08 38.88 -29.57
C THR D 62 -2.97 39.93 -30.68
N LEU D 63 -3.38 39.55 -31.88
CA LEU D 63 -3.30 40.43 -33.05
C LEU D 63 -4.70 40.86 -33.52
N ILE D 64 -5.55 39.88 -33.82
CA ILE D 64 -6.92 40.11 -34.30
C ILE D 64 -7.81 40.75 -33.24
N GLU D 65 -8.98 41.24 -33.66
CA GLU D 65 -9.92 41.91 -32.76
C GLU D 65 -10.86 40.98 -31.95
N THR D 66 -11.83 40.36 -32.63
CA THR D 66 -12.80 39.47 -31.97
C THR D 66 -12.12 38.21 -31.46
N HIS D 67 -12.58 37.72 -30.31
CA HIS D 67 -12.04 36.49 -29.73
C HIS D 67 -12.60 35.31 -30.51
N GLU D 68 -13.87 35.41 -30.90
CA GLU D 68 -14.54 34.36 -31.66
C GLU D 68 -13.94 34.20 -33.05
N ARG D 69 -13.38 35.27 -33.58
CA ARG D 69 -12.76 35.24 -34.90
C ARG D 69 -11.40 34.56 -34.80
N GLY D 70 -10.66 34.88 -33.73
CA GLY D 70 -9.36 34.27 -33.51
C GLY D 70 -9.47 32.76 -33.35
N VAL D 71 -10.61 32.31 -32.81
CA VAL D 71 -10.89 30.90 -32.61
C VAL D 71 -11.25 30.28 -33.96
N SER D 72 -12.10 30.99 -34.71
CA SER D 72 -12.54 30.53 -36.03
C SER D 72 -11.32 30.29 -36.92
N ILE D 73 -10.37 31.21 -36.89
CA ILE D 73 -9.16 31.12 -37.68
C ILE D 73 -8.26 29.97 -37.20
N ARG D 74 -8.15 29.77 -35.90
CA ARG D 74 -7.34 28.68 -35.37
C ARG D 74 -7.92 27.36 -35.84
N ARG D 75 -9.25 27.30 -35.94
CA ARG D 75 -9.95 26.11 -36.39
C ARG D 75 -9.67 25.85 -37.87
N GLN D 76 -9.45 26.94 -38.62
CA GLN D 76 -9.18 26.84 -40.04
C GLN D 76 -7.77 26.32 -40.29
N LEU D 77 -6.81 26.87 -39.55
CA LEU D 77 -5.41 26.45 -39.66
C LEU D 77 -5.24 24.97 -39.32
N LEU D 78 -6.01 24.51 -38.34
CA LEU D 78 -5.97 23.12 -37.88
C LEU D 78 -6.57 22.11 -38.86
N SER D 79 -7.66 22.48 -39.53
CA SER D 79 -8.34 21.60 -40.48
C SER D 79 -7.43 21.10 -41.60
N LYS D 80 -6.41 21.90 -41.92
CA LYS D 80 -5.46 21.57 -42.98
C LYS D 80 -4.46 20.49 -42.59
N LYS D 81 -4.50 20.06 -41.32
CA LYS D 81 -3.61 19.03 -40.81
C LYS D 81 -4.39 17.78 -40.38
N LEU D 82 -5.70 17.81 -40.56
CA LEU D 82 -6.55 16.69 -40.18
C LEU D 82 -6.93 15.75 -41.31
N SER D 83 -7.03 14.48 -40.99
CA SER D 83 -7.40 13.43 -41.94
C SER D 83 -8.88 13.57 -42.33
N GLU D 84 -9.64 14.24 -41.47
CA GLU D 84 -11.06 14.49 -41.67
C GLU D 84 -11.34 15.93 -41.25
N PRO D 85 -11.12 16.89 -42.15
CA PRO D 85 -11.35 18.30 -41.84
C PRO D 85 -12.81 18.65 -41.49
N SER D 86 -13.74 17.78 -41.86
CA SER D 86 -15.17 18.00 -41.60
C SER D 86 -15.61 17.69 -40.15
N SER D 87 -14.72 17.05 -39.40
CA SER D 87 -15.00 16.69 -38.00
C SER D 87 -15.30 17.91 -37.13
N LEU D 88 -14.55 18.98 -37.33
CA LEU D 88 -14.72 20.21 -36.56
C LEU D 88 -16.07 20.87 -36.68
N GLN D 89 -16.90 20.39 -37.62
CA GLN D 89 -18.23 20.97 -37.82
C GLN D 89 -19.17 20.75 -36.66
N TYR D 90 -18.97 19.65 -35.94
CA TYR D 90 -19.83 19.37 -34.81
C TYR D 90 -19.29 19.75 -33.44
N LEU D 91 -18.09 20.32 -33.43
CA LEU D 91 -17.47 20.82 -32.21
C LEU D 91 -17.85 22.30 -32.13
N PRO D 92 -18.76 22.65 -31.19
CA PRO D 92 -19.21 24.04 -31.03
C PRO D 92 -18.09 25.02 -30.71
N TYR D 93 -18.36 26.31 -30.91
CA TYR D 93 -17.39 27.37 -30.62
C TYR D 93 -18.06 28.74 -30.64
N ARG D 94 -19.16 28.83 -31.37
CA ARG D 94 -19.93 30.06 -31.52
C ARG D 94 -20.62 30.56 -30.24
N ASP D 95 -20.63 31.88 -30.09
CA ASP D 95 -21.28 32.53 -28.96
C ASP D 95 -20.89 31.99 -27.57
N TYR D 96 -19.62 32.20 -27.22
CA TYR D 96 -19.10 31.77 -25.94
C TYR D 96 -18.13 32.85 -25.49
N ASN D 97 -18.22 33.26 -24.23
CA ASN D 97 -17.36 34.30 -23.72
C ASN D 97 -15.93 33.79 -23.51
N TYR D 98 -15.13 33.91 -24.56
CA TYR D 98 -13.73 33.48 -24.56
C TYR D 98 -12.79 34.41 -23.82
N SER D 99 -13.26 35.63 -23.56
CA SER D 99 -12.43 36.63 -22.88
C SER D 99 -11.94 36.17 -21.52
N LEU D 100 -12.79 35.43 -20.83
CA LEU D 100 -12.49 34.88 -19.50
C LEU D 100 -11.55 33.66 -19.58
N VAL D 101 -11.58 32.99 -20.73
CA VAL D 101 -10.78 31.80 -20.96
C VAL D 101 -9.38 32.12 -21.45
N MET D 102 -9.29 33.06 -22.39
CA MET D 102 -8.01 33.46 -22.96
C MET D 102 -7.13 34.08 -21.89
N GLY D 103 -5.89 33.61 -21.82
CA GLY D 103 -4.93 34.09 -20.86
C GLY D 103 -5.14 33.61 -19.43
N ALA D 104 -5.99 32.59 -19.25
CA ALA D 104 -6.25 32.09 -17.90
C ALA D 104 -6.60 30.62 -17.73
N CYS D 105 -7.50 30.11 -18.57
CA CYS D 105 -7.93 28.72 -18.45
C CYS D 105 -7.53 27.73 -19.54
N CYS D 106 -7.18 28.20 -20.74
CA CYS D 106 -6.84 27.30 -21.85
C CYS D 106 -6.08 28.00 -22.99
N GLU D 107 -5.31 27.22 -23.75
CA GLU D 107 -4.53 27.75 -24.88
C GLU D 107 -4.88 26.98 -26.13
N ASN D 108 -4.57 27.56 -27.30
CA ASN D 108 -4.84 26.94 -28.60
C ASN D 108 -6.30 26.52 -28.71
N VAL D 109 -7.21 27.37 -28.23
CA VAL D 109 -8.64 27.09 -28.23
C VAL D 109 -9.27 26.93 -29.61
N ILE D 110 -9.99 25.82 -29.79
CA ILE D 110 -10.66 25.51 -31.04
C ILE D 110 -12.15 25.30 -30.83
N GLY D 111 -12.64 25.67 -29.66
CA GLY D 111 -14.06 25.50 -29.34
C GLY D 111 -14.30 25.07 -27.91
N TYR D 112 -15.45 24.43 -27.67
CA TYR D 112 -15.77 23.97 -26.33
C TYR D 112 -16.52 22.64 -26.35
N MET D 113 -16.39 21.88 -25.26
CA MET D 113 -17.06 20.59 -25.15
C MET D 113 -18.24 20.67 -24.17
N PRO D 114 -19.46 20.50 -24.70
CA PRO D 114 -20.68 20.55 -23.87
C PRO D 114 -20.90 19.27 -23.07
N ILE D 115 -20.99 19.40 -21.76
CA ILE D 115 -21.22 18.24 -20.90
C ILE D 115 -22.61 18.36 -20.28
N PRO D 116 -23.49 17.39 -20.54
CA PRO D 116 -24.86 17.41 -20.00
C PRO D 116 -24.86 17.63 -18.48
N VAL D 117 -25.63 18.62 -18.04
CA VAL D 117 -25.75 18.90 -16.60
C VAL D 117 -27.12 18.48 -16.10
N GLY D 118 -27.13 17.63 -15.08
CA GLY D 118 -28.36 17.17 -14.47
C GLY D 118 -28.44 17.68 -13.05
N VAL D 119 -29.59 17.51 -12.40
CA VAL D 119 -29.75 17.98 -11.03
C VAL D 119 -30.25 16.89 -10.10
N ALA D 120 -29.63 16.79 -8.94
CA ALA D 120 -30.00 15.81 -7.95
C ALA D 120 -30.38 16.56 -6.68
N GLY D 121 -31.51 16.19 -6.10
CA GLY D 121 -31.94 16.84 -4.88
C GLY D 121 -33.43 16.80 -4.61
N PRO D 122 -33.89 17.46 -3.54
CA PRO D 122 -33.03 18.25 -2.66
C PRO D 122 -32.18 17.38 -1.73
N LEU D 123 -31.00 17.89 -1.38
CA LEU D 123 -30.10 17.18 -0.47
C LEU D 123 -30.29 17.86 0.88
N CYS D 124 -30.85 17.12 1.83
CA CYS D 124 -31.08 17.65 3.17
C CYS D 124 -29.82 17.43 3.98
N LEU D 125 -29.05 18.51 4.13
CA LEU D 125 -27.79 18.45 4.83
C LEU D 125 -27.63 19.63 5.78
N ASP D 126 -27.35 19.31 7.04
CA ASP D 126 -27.16 20.32 8.08
C ASP D 126 -28.34 21.32 8.15
N GLU D 127 -29.55 20.78 8.07
CA GLU D 127 -30.78 21.56 8.13
C GLU D 127 -30.95 22.58 7.01
N LYS D 128 -30.43 22.25 5.84
CA LYS D 128 -30.54 23.10 4.66
C LYS D 128 -30.89 22.16 3.53
N GLU D 129 -31.29 22.72 2.40
CA GLU D 129 -31.63 21.92 1.23
C GLU D 129 -30.81 22.40 0.05
N PHE D 130 -30.21 21.44 -0.66
CA PHE D 130 -29.37 21.77 -1.80
C PHE D 130 -29.80 21.08 -3.08
N GLN D 131 -29.76 21.83 -4.18
CA GLN D 131 -30.07 21.29 -5.50
C GLN D 131 -28.69 21.16 -6.14
N VAL D 132 -28.23 19.92 -6.23
CA VAL D 132 -26.89 19.61 -6.72
C VAL D 132 -26.69 19.37 -8.21
N PRO D 133 -25.91 20.25 -8.85
CA PRO D 133 -25.59 20.18 -10.28
C PRO D 133 -24.54 19.10 -10.52
N MET D 134 -24.79 18.24 -11.51
CA MET D 134 -23.86 17.15 -11.84
C MET D 134 -23.64 17.03 -13.34
N ALA D 135 -22.41 17.34 -13.79
CA ALA D 135 -22.06 17.26 -15.20
C ALA D 135 -21.55 15.86 -15.51
N THR D 136 -22.32 15.09 -16.27
CA THR D 136 -21.94 13.72 -16.58
C THR D 136 -22.53 13.19 -17.89
N THR D 137 -21.87 12.15 -18.45
CA THR D 137 -22.34 11.50 -19.66
C THR D 137 -22.65 10.04 -19.32
N GLU D 138 -22.67 9.71 -18.03
CA GLU D 138 -22.98 8.35 -17.62
C GLU D 138 -24.44 8.19 -17.19
N GLY D 139 -25.17 7.36 -17.93
CA GLY D 139 -26.57 7.13 -17.61
C GLY D 139 -26.80 6.52 -16.25
N CYS D 140 -27.93 6.89 -15.65
CA CYS D 140 -28.36 6.42 -14.32
C CYS D 140 -27.70 7.11 -13.14
N LEU D 141 -26.57 7.77 -13.37
CA LEU D 141 -25.86 8.44 -12.28
C LEU D 141 -26.68 9.49 -11.54
N VAL D 142 -27.20 10.47 -12.27
CA VAL D 142 -28.00 11.52 -11.65
C VAL D 142 -29.28 10.96 -11.02
N ALA D 143 -29.94 10.03 -11.71
CA ALA D 143 -31.17 9.41 -11.22
C ALA D 143 -30.89 8.64 -9.93
N SER D 144 -29.83 7.84 -9.96
CA SER D 144 -29.44 7.04 -8.81
C SER D 144 -29.11 7.91 -7.61
N THR D 145 -28.33 8.98 -7.83
CA THR D 145 -27.97 9.89 -6.76
C THR D 145 -29.21 10.58 -6.19
N ASN D 146 -30.15 10.90 -7.09
CA ASN D 146 -31.41 11.54 -6.73
C ASN D 146 -32.20 10.65 -5.78
N ARG D 147 -32.26 9.36 -6.09
CA ARG D 147 -32.95 8.40 -5.23
C ARG D 147 -32.30 8.38 -3.84
N GLY D 148 -30.97 8.48 -3.82
CA GLY D 148 -30.24 8.48 -2.56
C GLY D 148 -30.58 9.69 -1.71
N CYS D 149 -30.72 10.85 -2.35
CA CYS D 149 -31.08 12.08 -1.66
C CYS D 149 -32.49 11.95 -1.03
N ARG D 150 -33.37 11.28 -1.76
CA ARG D 150 -34.75 11.05 -1.33
C ARG D 150 -34.77 10.26 -0.01
N ALA D 151 -34.02 9.17 0.03
CA ALA D 151 -33.93 8.32 1.22
C ALA D 151 -33.38 9.08 2.43
N ILE D 152 -32.45 10.00 2.18
CA ILE D 152 -31.86 10.79 3.26
C ILE D 152 -32.85 11.82 3.83
N GLY D 153 -33.57 12.49 2.93
CA GLY D 153 -34.55 13.49 3.34
C GLY D 153 -35.65 12.87 4.17
N LEU D 154 -36.15 11.72 3.73
CA LEU D 154 -37.20 11.00 4.46
C LEU D 154 -36.65 10.47 5.78
N GLY D 155 -35.32 10.49 5.91
CA GLY D 155 -34.67 10.01 7.12
C GLY D 155 -34.36 11.09 8.12
N GLY D 156 -34.78 12.32 7.82
CA GLY D 156 -34.50 13.41 8.74
C GLY D 156 -33.25 14.20 8.38
N GLY D 157 -32.69 13.94 7.19
CA GLY D 157 -31.50 14.67 6.76
C GLY D 157 -30.15 14.12 7.21
N ALA D 158 -29.09 14.74 6.68
CA ALA D 158 -27.72 14.34 6.98
C ALA D 158 -26.98 15.45 7.70
N SER D 159 -25.98 15.06 8.50
CA SER D 159 -25.15 16.02 9.23
C SER D 159 -23.70 15.87 8.77
N SER D 160 -22.98 16.98 8.65
CA SER D 160 -21.59 16.94 8.23
C SER D 160 -20.70 17.89 9.01
N ARG D 161 -19.41 17.57 9.05
CA ARG D 161 -18.43 18.37 9.74
C ARG D 161 -17.11 18.43 8.96
N VAL D 162 -16.51 19.61 8.95
CA VAL D 162 -15.22 19.79 8.31
C VAL D 162 -14.22 19.53 9.45
N LEU D 163 -13.39 18.52 9.28
CA LEU D 163 -12.40 18.12 10.27
C LEU D 163 -11.06 18.83 10.16
N ALA D 164 -10.68 19.20 8.95
CA ALA D 164 -9.40 19.87 8.70
C ALA D 164 -9.47 20.61 7.38
N ASP D 165 -8.64 21.63 7.25
CA ASP D 165 -8.59 22.44 6.03
C ASP D 165 -7.16 22.90 5.78
N GLY D 166 -6.59 22.48 4.67
CA GLY D 166 -5.24 22.88 4.34
C GLY D 166 -4.67 22.26 3.08
N MET D 167 -4.45 23.08 2.07
CA MET D 167 -3.85 22.63 0.82
C MET D 167 -2.35 22.42 1.12
N THR D 168 -1.71 21.53 0.36
CA THR D 168 -0.31 21.26 0.60
C THR D 168 0.57 21.34 -0.65
N ARG D 169 1.88 21.39 -0.41
CA ARG D 169 2.89 21.40 -1.46
C ARG D 169 4.10 20.74 -0.80
N GLY D 170 4.63 19.71 -1.45
CA GLY D 170 5.75 18.98 -0.87
C GLY D 170 7.01 18.98 -1.73
N PRO D 171 7.79 20.06 -1.70
CA PRO D 171 9.03 20.14 -2.48
C PRO D 171 10.13 19.20 -1.98
N VAL D 172 11.07 18.91 -2.87
CA VAL D 172 12.22 18.09 -2.52
C VAL D 172 13.49 18.93 -2.66
N VAL D 173 14.30 18.95 -1.60
CA VAL D 173 15.57 19.66 -1.59
C VAL D 173 16.67 18.66 -1.23
N ARG D 174 17.91 18.99 -1.55
CA ARG D 174 19.01 18.11 -1.19
C ARG D 174 20.19 18.83 -0.56
N LEU D 175 20.82 18.12 0.36
CA LEU D 175 21.98 18.63 1.06
C LEU D 175 23.16 17.74 0.71
N PRO D 176 24.38 18.19 1.03
CA PRO D 176 25.59 17.40 0.74
C PRO D 176 25.53 16.02 1.37
N ARG D 177 25.26 15.98 2.66
CA ARG D 177 25.20 14.72 3.40
C ARG D 177 23.88 14.54 4.15
N ALA D 178 23.57 13.27 4.46
CA ALA D 178 22.36 12.92 5.21
C ALA D 178 22.42 13.60 6.56
N CYS D 179 23.64 13.84 7.05
CA CYS D 179 23.83 14.50 8.34
C CYS D 179 23.42 15.96 8.27
N ASP D 180 23.55 16.56 7.09
CA ASP D 180 23.15 17.94 6.89
C ASP D 180 21.63 18.04 6.74
N SER D 181 21.05 17.13 5.98
CA SER D 181 19.61 17.15 5.80
C SER D 181 18.92 16.87 7.15
N ALA D 182 19.57 16.04 7.97
CA ALA D 182 19.05 15.71 9.30
C ALA D 182 19.09 16.96 10.19
N GLU D 183 20.10 17.80 9.97
CA GLU D 183 20.26 19.04 10.72
C GLU D 183 19.16 20.03 10.33
N VAL D 184 18.84 20.09 9.05
CA VAL D 184 17.80 21.00 8.56
C VAL D 184 16.43 20.56 9.12
N LYS D 185 16.19 19.24 9.16
CA LYS D 185 14.96 18.69 9.68
C LYS D 185 14.77 19.10 11.14
N ALA D 186 15.85 18.97 11.92
CA ALA D 186 15.83 19.34 13.33
C ALA D 186 15.56 20.82 13.51
N TRP D 187 16.14 21.65 12.63
CA TRP D 187 15.97 23.09 12.70
C TRP D 187 14.51 23.41 12.39
N LEU D 188 13.97 22.75 11.37
CA LEU D 188 12.60 22.98 10.95
C LEU D 188 11.58 22.56 12.02
N GLU D 189 11.97 21.66 12.90
CA GLU D 189 11.08 21.20 13.96
C GLU D 189 11.16 21.99 15.28
N THR D 190 11.90 23.09 15.28
CA THR D 190 12.01 23.93 16.47
C THR D 190 10.99 25.03 16.29
N SER D 191 10.52 25.61 17.39
CA SER D 191 9.55 26.68 17.30
C SER D 191 10.17 27.91 16.65
N GLU D 192 11.44 28.18 16.93
CA GLU D 192 12.09 29.34 16.30
C GLU D 192 12.20 29.15 14.79
N GLY D 193 12.60 27.96 14.36
CA GLY D 193 12.73 27.67 12.93
C GLY D 193 11.42 27.76 12.16
N PHE D 194 10.36 27.21 12.75
CA PHE D 194 9.04 27.20 12.13
C PHE D 194 8.49 28.62 11.95
N ALA D 195 8.73 29.45 12.97
CA ALA D 195 8.27 30.83 12.97
C ALA D 195 8.86 31.63 11.80
N VAL D 196 10.18 31.50 11.58
CA VAL D 196 10.78 32.24 10.47
C VAL D 196 10.23 31.74 9.13
N ILE D 197 10.11 30.42 9.00
CA ILE D 197 9.54 29.83 7.77
C ILE D 197 8.11 30.29 7.57
N LYS D 198 7.32 30.28 8.65
CA LYS D 198 5.92 30.72 8.60
C LYS D 198 5.86 32.20 8.26
N GLU D 199 6.75 32.97 8.88
CA GLU D 199 6.81 34.42 8.63
C GLU D 199 7.04 34.70 7.15
N ALA D 200 7.94 33.93 6.54
CA ALA D 200 8.27 34.10 5.12
C ALA D 200 7.18 33.53 4.19
N PHE D 201 6.53 32.45 4.61
CA PHE D 201 5.48 31.83 3.81
C PHE D 201 4.26 32.76 3.77
N ASP D 202 3.83 33.19 4.94
CA ASP D 202 2.65 34.05 5.05
C ASP D 202 2.79 35.46 4.46
N SER D 203 4.02 35.87 4.15
CA SER D 203 4.27 37.20 3.60
C SER D 203 3.93 37.33 2.12
N THR D 204 3.52 36.23 1.50
CA THR D 204 3.19 36.22 0.08
C THR D 204 1.71 36.43 -0.25
N SER D 205 0.85 36.33 0.76
CA SER D 205 -0.58 36.49 0.52
C SER D 205 -1.35 36.79 1.80
N ARG D 206 -2.54 37.35 1.61
CA ARG D 206 -3.43 37.69 2.72
C ARG D 206 -4.15 36.45 3.19
N PHE D 207 -4.30 35.47 2.29
CA PHE D 207 -5.02 34.24 2.60
C PHE D 207 -4.11 33.04 2.87
N ALA D 208 -2.80 33.24 2.70
CA ALA D 208 -1.82 32.18 2.92
C ALA D 208 -1.37 32.13 4.37
N ARG D 209 -1.76 31.06 5.06
CA ARG D 209 -1.40 30.90 6.47
C ARG D 209 -0.89 29.49 6.74
N LEU D 210 0.42 29.39 6.97
CA LEU D 210 1.10 28.12 7.22
C LEU D 210 0.65 27.55 8.55
N GLN D 211 0.08 26.35 8.51
CA GLN D 211 -0.41 25.69 9.72
C GLN D 211 0.63 24.75 10.31
N LYS D 212 1.34 24.04 9.46
CA LYS D 212 2.36 23.10 9.94
C LYS D 212 3.29 22.59 8.86
N LEU D 213 4.29 21.84 9.33
CA LEU D 213 5.30 21.25 8.47
C LEU D 213 5.46 19.78 8.81
N HIS D 214 5.63 18.97 7.77
CA HIS D 214 5.85 17.56 7.95
C HIS D 214 7.07 17.29 7.08
N THR D 215 8.17 16.85 7.68
CA THR D 215 9.36 16.59 6.89
C THR D 215 9.81 15.15 6.96
N SER D 216 10.28 14.65 5.84
CA SER D 216 10.80 13.30 5.73
C SER D 216 12.11 13.30 4.96
N ILE D 217 13.07 12.52 5.43
CA ILE D 217 14.31 12.44 4.71
C ILE D 217 14.45 11.09 4.06
N ALA D 218 15.23 11.08 3.00
CA ALA D 218 15.56 9.91 2.24
C ALA D 218 17.04 10.15 1.92
N GLY D 219 17.90 9.80 2.87
CA GLY D 219 19.34 10.02 2.72
C GLY D 219 19.62 11.50 2.77
N ARG D 220 20.30 12.04 1.77
CA ARG D 220 20.60 13.47 1.75
C ARG D 220 19.43 14.32 1.20
N ASN D 221 18.36 13.65 0.80
CA ASN D 221 17.16 14.31 0.30
C ASN D 221 16.23 14.66 1.46
N LEU D 222 15.55 15.79 1.34
CA LEU D 222 14.61 16.24 2.37
C LEU D 222 13.32 16.69 1.70
N TYR D 223 12.22 16.05 2.07
CA TYR D 223 10.90 16.38 1.55
C TYR D 223 10.17 17.13 2.64
N ILE D 224 9.69 18.31 2.28
CA ILE D 224 9.00 19.16 3.22
C ILE D 224 7.57 19.41 2.75
N ARG D 225 6.60 19.01 3.58
CA ARG D 225 5.19 19.19 3.24
C ARG D 225 4.65 20.44 3.93
N PHE D 226 4.40 21.47 3.13
CA PHE D 226 3.83 22.72 3.62
C PHE D 226 2.31 22.59 3.55
N GLN D 227 1.63 22.90 4.65
CA GLN D 227 0.16 22.85 4.68
C GLN D 227 -0.41 24.19 5.08
N SER D 228 -1.30 24.73 4.27
CA SER D 228 -1.83 26.04 4.54
C SER D 228 -3.29 26.26 4.12
N ARG D 229 -3.98 27.12 4.87
CA ARG D 229 -5.35 27.51 4.58
C ARG D 229 -5.18 28.40 3.33
N SER D 230 -6.26 28.58 2.56
CA SER D 230 -6.18 29.40 1.36
C SER D 230 -7.48 30.10 1.06
N GLY D 231 -8.17 30.53 2.11
CA GLY D 231 -9.46 31.19 1.92
C GLY D 231 -10.38 30.26 1.16
N ASP D 232 -11.04 30.79 0.13
CA ASP D 232 -11.98 30.05 -0.71
C ASP D 232 -11.39 29.45 -1.98
N ALA D 233 -10.08 29.62 -2.15
CA ALA D 233 -9.38 29.08 -3.32
C ALA D 233 -8.88 27.66 -3.02
N MET D 234 -8.87 26.80 -4.04
CA MET D 234 -8.34 25.44 -3.86
C MET D 234 -6.89 25.59 -3.36
N GLY D 235 -6.23 26.68 -3.75
CA GLY D 235 -4.93 26.98 -3.22
C GLY D 235 -3.61 26.52 -3.79
N MET D 236 -3.61 25.74 -4.86
CA MET D 236 -2.35 25.28 -5.42
C MET D 236 -1.38 26.43 -5.76
N ASN D 237 -1.80 27.38 -6.59
CA ASN D 237 -0.92 28.50 -6.96
C ASN D 237 -0.43 29.31 -5.76
N MET D 238 -1.38 29.62 -4.87
CA MET D 238 -1.09 30.38 -3.66
C MET D 238 -0.05 29.66 -2.77
N ILE D 239 -0.22 28.35 -2.59
CA ILE D 239 0.70 27.57 -1.75
C ILE D 239 2.07 27.43 -2.41
N SER D 240 2.09 27.35 -3.74
CA SER D 240 3.34 27.24 -4.48
C SER D 240 4.18 28.51 -4.28
N LYS D 241 3.53 29.67 -4.38
CA LYS D 241 4.21 30.95 -4.17
C LYS D 241 4.83 31.02 -2.79
N GLY D 242 4.02 30.70 -1.77
CA GLY D 242 4.50 30.72 -0.40
C GLY D 242 5.63 29.74 -0.14
N THR D 243 5.59 28.60 -0.83
CA THR D 243 6.61 27.57 -0.68
C THR D 243 7.95 28.05 -1.25
N GLU D 244 7.90 28.71 -2.42
CA GLU D 244 9.09 29.24 -3.08
C GLU D 244 9.76 30.29 -2.18
N LYS D 245 8.95 31.15 -1.58
CA LYS D 245 9.46 32.19 -0.71
C LYS D 245 10.08 31.57 0.54
N ALA D 246 9.44 30.52 1.07
CA ALA D 246 9.91 29.82 2.26
C ALA D 246 11.22 29.08 2.00
N LEU D 247 11.31 28.43 0.85
CA LEU D 247 12.52 27.70 0.50
C LEU D 247 13.69 28.68 0.31
N SER D 248 13.41 29.85 -0.27
CA SER D 248 14.41 30.89 -0.48
C SER D 248 14.98 31.31 0.87
N LYS D 249 14.10 31.52 1.84
CA LYS D 249 14.49 31.91 3.19
C LYS D 249 15.26 30.78 3.89
N LEU D 250 14.87 29.52 3.63
CA LEU D 250 15.55 28.37 4.23
C LEU D 250 16.97 28.29 3.71
N HIS D 251 17.13 28.61 2.43
CA HIS D 251 18.43 28.61 1.74
C HIS D 251 19.39 29.59 2.41
N GLU D 252 18.86 30.70 2.94
CA GLU D 252 19.68 31.70 3.62
C GLU D 252 20.25 31.16 4.93
N TYR D 253 19.55 30.21 5.55
CA TYR D 253 20.00 29.58 6.79
C TYR D 253 20.91 28.38 6.48
N PHE D 254 20.70 27.77 5.31
CA PHE D 254 21.47 26.60 4.89
C PHE D 254 21.91 26.78 3.43
N PRO D 255 22.99 27.57 3.19
CA PRO D 255 23.53 27.85 1.85
C PRO D 255 23.88 26.66 0.98
N GLU D 256 24.28 25.55 1.58
CA GLU D 256 24.64 24.34 0.83
C GLU D 256 23.41 23.53 0.34
N MET D 257 22.21 24.08 0.52
CA MET D 257 20.98 23.42 0.10
C MET D 257 20.58 23.65 -1.34
N GLN D 258 20.30 22.57 -2.03
CA GLN D 258 19.87 22.63 -3.42
C GLN D 258 18.37 22.34 -3.52
N ILE D 259 17.65 23.25 -4.15
CA ILE D 259 16.21 23.10 -4.35
C ILE D 259 16.03 22.34 -5.66
N LEU D 260 15.77 21.05 -5.55
CA LEU D 260 15.61 20.20 -6.72
C LEU D 260 14.31 20.38 -7.50
N ALA D 261 13.20 20.59 -6.79
CA ALA D 261 11.88 20.79 -7.42
C ALA D 261 10.87 21.30 -6.40
N VAL D 262 10.10 22.30 -6.78
CA VAL D 262 9.10 22.90 -5.90
C VAL D 262 8.04 21.84 -5.50
N SER D 263 7.98 20.77 -6.30
CA SER D 263 7.12 19.64 -6.02
C SER D 263 7.90 18.34 -6.20
N GLY D 264 8.10 17.64 -5.08
CA GLY D 264 8.80 16.37 -5.09
C GLY D 264 7.83 15.22 -4.92
N ASN D 265 6.57 15.41 -5.31
CA ASN D 265 5.55 14.38 -5.20
C ASN D 265 5.18 14.00 -3.75
N TYR D 266 5.50 14.89 -2.83
CA TYR D 266 5.20 14.68 -1.43
C TYR D 266 3.97 15.49 -0.98
N CYS D 267 3.31 16.16 -1.91
CA CYS D 267 2.14 16.97 -1.59
C CYS D 267 0.96 16.14 -1.02
N THR D 268 0.43 15.16 -1.75
CA THR D 268 0.82 14.76 -3.10
C THR D 268 -0.33 15.19 -4.03
N ASP D 269 0.03 15.81 -5.16
CA ASP D 269 -0.96 16.31 -6.12
C ASP D 269 -1.25 15.44 -7.33
N LYS D 270 -2.53 15.06 -7.47
CA LYS D 270 -3.02 14.26 -8.59
C LYS D 270 -2.44 12.87 -8.84
N LYS D 271 -1.90 12.27 -7.79
CA LYS D 271 -1.38 10.91 -7.88
C LYS D 271 -1.87 10.26 -6.61
N PRO D 272 -2.19 8.97 -6.66
CA PRO D 272 -2.66 8.30 -5.43
C PRO D 272 -1.50 8.26 -4.43
N ALA D 273 -1.77 8.54 -3.15
CA ALA D 273 -0.72 8.51 -2.13
C ALA D 273 -1.31 8.32 -0.73
N ALA D 274 -0.67 7.43 0.04
CA ALA D 274 -1.12 7.15 1.39
C ALA D 274 -1.03 8.40 2.27
N ILE D 275 -0.12 9.32 1.93
CA ILE D 275 0.04 10.53 2.73
C ILE D 275 -1.21 11.43 2.73
N ASN D 276 -1.92 11.49 1.62
CA ASN D 276 -3.17 12.32 1.56
C ASN D 276 -4.28 11.63 2.37
N TRP D 277 -4.27 10.30 2.36
CA TRP D 277 -5.25 9.50 3.07
C TRP D 277 -5.06 9.59 4.59
N ILE D 278 -3.81 9.54 5.02
CA ILE D 278 -3.46 9.57 6.43
C ILE D 278 -3.38 10.96 7.08
N GLU D 279 -2.89 11.94 6.34
CA GLU D 279 -2.75 13.29 6.89
C GLU D 279 -3.75 14.28 6.32
N GLY D 280 -4.44 13.90 5.26
CA GLY D 280 -5.42 14.78 4.64
C GLY D 280 -4.75 15.77 3.70
N ARG D 281 -5.57 16.38 2.85
CA ARG D 281 -5.12 17.38 1.91
C ARG D 281 -6.36 18.15 1.47
N GLY D 282 -6.31 19.47 1.55
CA GLY D 282 -7.47 20.26 1.22
C GLY D 282 -8.42 20.14 2.42
N LYS D 283 -9.65 19.72 2.17
CA LYS D 283 -10.64 19.58 3.24
C LYS D 283 -10.98 18.16 3.63
N SER D 284 -10.87 17.86 4.93
CA SER D 284 -11.24 16.53 5.44
C SER D 284 -12.67 16.68 5.95
N VAL D 285 -13.56 15.83 5.45
CA VAL D 285 -14.98 15.93 5.81
C VAL D 285 -15.60 14.59 6.20
N VAL D 286 -16.56 14.65 7.11
CA VAL D 286 -17.29 13.46 7.55
C VAL D 286 -18.79 13.74 7.43
N CYS D 287 -19.52 12.75 6.92
CA CYS D 287 -20.95 12.87 6.73
C CYS D 287 -21.70 11.66 7.29
N GLU D 288 -22.89 11.89 7.86
CA GLU D 288 -23.68 10.79 8.42
C GLU D 288 -25.18 10.99 8.28
N ALA D 289 -25.91 9.88 8.33
CA ALA D 289 -27.37 9.88 8.23
C ALA D 289 -27.94 8.54 8.63
N VAL D 290 -29.19 8.55 9.12
CA VAL D 290 -29.86 7.32 9.50
C VAL D 290 -31.10 7.18 8.64
N ILE D 291 -31.18 6.07 7.92
CA ILE D 291 -32.31 5.79 7.05
C ILE D 291 -33.25 4.81 7.74
N PRO D 292 -34.51 5.21 7.99
CA PRO D 292 -35.56 4.41 8.64
C PRO D 292 -35.82 3.12 7.87
N ALA D 293 -36.08 2.04 8.61
CA ALA D 293 -36.35 0.72 8.03
C ALA D 293 -37.32 0.73 6.84
N LYS D 294 -38.44 1.42 7.00
CA LYS D 294 -39.44 1.49 5.93
C LYS D 294 -38.90 2.20 4.68
N VAL D 295 -38.08 3.24 4.90
CA VAL D 295 -37.50 3.99 3.79
C VAL D 295 -36.50 3.14 2.99
N VAL D 296 -35.80 2.25 3.68
CA VAL D 296 -34.85 1.37 3.01
C VAL D 296 -35.61 0.40 2.12
N ARG D 297 -36.68 -0.15 2.67
CA ARG D 297 -37.53 -1.11 1.98
C ARG D 297 -38.25 -0.50 0.77
N GLU D 298 -38.86 0.66 0.97
CA GLU D 298 -39.64 1.31 -0.08
C GLU D 298 -38.92 2.16 -1.11
N VAL D 299 -37.93 2.94 -0.70
CA VAL D 299 -37.20 3.80 -1.62
C VAL D 299 -36.00 3.07 -2.24
N LEU D 300 -35.26 2.34 -1.41
CA LEU D 300 -34.07 1.61 -1.83
C LEU D 300 -34.31 0.17 -2.29
N LYS D 301 -35.50 -0.36 -1.99
CA LYS D 301 -35.89 -1.72 -2.39
C LYS D 301 -35.05 -2.84 -1.82
N THR D 302 -34.62 -2.71 -0.57
CA THR D 302 -33.78 -3.72 0.06
C THR D 302 -33.94 -3.62 1.57
N THR D 303 -33.10 -4.33 2.31
CA THR D 303 -33.13 -4.32 3.77
C THR D 303 -31.83 -3.77 4.35
N THR D 304 -31.89 -3.38 5.62
CA THR D 304 -30.72 -2.85 6.30
C THR D 304 -29.66 -3.92 6.42
N GLU D 305 -30.08 -5.16 6.65
CA GLU D 305 -29.17 -6.28 6.80
C GLU D 305 -28.39 -6.57 5.50
N ALA D 306 -29.06 -6.49 4.36
CA ALA D 306 -28.42 -6.75 3.07
C ALA D 306 -27.42 -5.64 2.68
N MET D 307 -27.78 -4.39 2.98
CA MET D 307 -26.95 -3.22 2.72
C MET D 307 -25.64 -3.33 3.51
N ILE D 308 -25.76 -3.74 4.77
CA ILE D 308 -24.61 -3.89 5.66
C ILE D 308 -23.69 -5.00 5.20
N GLU D 309 -24.28 -6.11 4.75
CA GLU D 309 -23.49 -7.24 4.29
C GLU D 309 -22.74 -6.90 3.00
N VAL D 310 -23.34 -6.09 2.14
CA VAL D 310 -22.70 -5.70 0.89
C VAL D 310 -21.58 -4.69 1.18
N ASN D 311 -21.85 -3.70 2.04
CA ASN D 311 -20.87 -2.71 2.39
C ASN D 311 -19.60 -3.31 3.00
N ILE D 312 -19.77 -4.23 3.95
CA ILE D 312 -18.63 -4.87 4.60
C ILE D 312 -17.77 -5.72 3.66
N ASN D 313 -18.43 -6.56 2.87
CA ASN D 313 -17.72 -7.46 1.98
C ASN D 313 -17.23 -6.89 0.66
N LYS D 314 -17.75 -5.72 0.30
CA LYS D 314 -17.37 -5.02 -0.92
C LYS D 314 -16.41 -3.88 -0.59
N ASN D 315 -16.92 -2.88 0.11
CA ASN D 315 -16.16 -1.69 0.48
C ASN D 315 -15.04 -1.87 1.49
N LEU D 316 -15.12 -2.90 2.32
CA LEU D 316 -14.07 -3.16 3.28
C LEU D 316 -13.22 -4.35 2.85
N VAL D 317 -13.80 -5.55 2.88
CA VAL D 317 -13.06 -6.74 2.50
C VAL D 317 -12.61 -6.77 1.03
N GLY D 318 -13.50 -6.39 0.13
CA GLY D 318 -13.16 -6.39 -1.29
C GLY D 318 -12.01 -5.45 -1.61
N SER D 319 -12.11 -4.22 -1.12
CA SER D 319 -11.09 -3.21 -1.31
C SER D 319 -9.77 -3.65 -0.69
N ALA D 320 -9.86 -4.37 0.42
CA ALA D 320 -8.67 -4.88 1.09
C ALA D 320 -7.98 -5.93 0.20
N MET D 321 -8.76 -6.83 -0.39
CA MET D 321 -8.25 -7.87 -1.25
C MET D 321 -7.63 -7.31 -2.53
N ALA D 322 -8.14 -6.17 -2.98
CA ALA D 322 -7.66 -5.51 -4.18
C ALA D 322 -6.40 -4.68 -3.90
N GLY D 323 -6.04 -4.53 -2.63
CA GLY D 323 -4.88 -3.74 -2.26
C GLY D 323 -5.13 -2.25 -2.45
N SER D 324 -6.26 -1.78 -1.95
CA SER D 324 -6.63 -0.38 -2.07
C SER D 324 -6.14 0.47 -0.90
N ILE D 325 -5.73 1.69 -1.20
CA ILE D 325 -5.34 2.63 -0.16
C ILE D 325 -6.31 3.78 -0.41
N GLY D 326 -7.26 3.97 0.51
CA GLY D 326 -8.22 5.04 0.39
C GLY D 326 -9.40 4.80 -0.52
N GLY D 327 -9.51 3.60 -1.09
CA GLY D 327 -10.64 3.32 -1.98
C GLY D 327 -11.67 2.40 -1.33
N TYR D 328 -12.09 2.73 -0.11
CA TYR D 328 -13.07 1.93 0.64
C TYR D 328 -14.50 2.45 0.49
N ASN D 329 -14.91 2.57 -0.76
CA ASN D 329 -16.23 3.08 -1.10
C ASN D 329 -16.67 2.41 -2.41
N ALA D 330 -17.91 2.65 -2.80
CA ALA D 330 -18.44 2.05 -4.03
C ALA D 330 -18.15 2.88 -5.29
N HIS D 331 -18.50 4.17 -5.26
CA HIS D 331 -18.27 5.01 -6.41
C HIS D 331 -18.25 6.50 -6.12
N ALA D 332 -17.52 6.89 -5.08
CA ALA D 332 -17.39 8.31 -4.74
C ALA D 332 -16.85 9.11 -5.93
N ALA D 333 -15.94 8.49 -6.70
CA ALA D 333 -15.34 9.17 -7.86
C ALA D 333 -16.39 9.65 -8.86
N ASN D 334 -17.44 8.85 -9.06
CA ASN D 334 -18.52 9.25 -9.97
C ASN D 334 -19.15 10.57 -9.54
N ILE D 335 -19.47 10.69 -8.26
CA ILE D 335 -20.08 11.90 -7.72
C ILE D 335 -19.12 13.08 -7.70
N VAL D 336 -17.92 12.84 -7.20
CA VAL D 336 -16.91 13.89 -7.14
C VAL D 336 -16.66 14.50 -8.52
N THR D 337 -16.47 13.63 -9.52
CA THR D 337 -16.19 14.06 -10.89
C THR D 337 -17.30 14.90 -11.51
N ALA D 338 -18.54 14.42 -11.35
CA ALA D 338 -19.72 15.10 -11.89
C ALA D 338 -19.89 16.50 -11.31
N ILE D 339 -19.72 16.63 -9.99
CA ILE D 339 -19.86 17.94 -9.36
C ILE D 339 -18.67 18.85 -9.70
N TYR D 340 -17.48 18.27 -9.79
CA TYR D 340 -16.28 19.03 -10.12
C TYR D 340 -16.34 19.68 -11.50
N ILE D 341 -16.81 18.92 -12.48
CA ILE D 341 -16.92 19.43 -13.85
C ILE D 341 -18.00 20.53 -13.94
N ALA D 342 -19.11 20.31 -13.25
CA ALA D 342 -20.21 21.27 -13.24
C ALA D 342 -19.83 22.56 -12.53
N CYS D 343 -19.02 22.46 -11.48
CA CYS D 343 -18.62 23.61 -10.69
C CYS D 343 -17.27 24.26 -10.97
N GLY D 344 -16.65 23.90 -12.10
CA GLY D 344 -15.37 24.50 -12.45
C GLY D 344 -14.18 24.12 -11.60
N GLN D 345 -14.22 22.94 -11.01
CA GLN D 345 -13.12 22.47 -10.20
C GLN D 345 -12.13 21.81 -11.15
N ASP D 346 -10.97 21.45 -10.61
CA ASP D 346 -9.96 20.77 -11.37
C ASP D 346 -10.32 19.28 -11.31
N ALA D 347 -10.88 18.77 -12.41
CA ALA D 347 -11.32 17.38 -12.50
C ALA D 347 -10.21 16.33 -12.32
N ALA D 348 -8.97 16.71 -12.63
CA ALA D 348 -7.84 15.79 -12.49
C ALA D 348 -7.59 15.50 -11.00
N GLN D 349 -8.07 16.40 -10.14
CA GLN D 349 -7.89 16.21 -8.70
C GLN D 349 -8.86 15.20 -8.10
N ASN D 350 -9.60 14.57 -8.97
CA ASN D 350 -10.56 13.52 -8.67
C ASN D 350 -9.78 12.31 -8.10
N VAL D 351 -8.51 12.23 -8.48
CA VAL D 351 -7.64 11.14 -8.05
C VAL D 351 -7.55 11.04 -6.53
N GLY D 352 -7.22 12.15 -5.86
CA GLY D 352 -7.14 12.11 -4.41
C GLY D 352 -8.45 12.55 -3.73
N SER D 353 -9.17 13.45 -4.37
CA SER D 353 -10.43 13.97 -3.83
C SER D 353 -11.49 12.91 -3.58
N SER D 354 -11.43 11.82 -4.33
CA SER D 354 -12.36 10.71 -4.24
C SER D 354 -12.07 9.75 -3.10
N ASN D 355 -10.98 9.94 -2.38
CA ASN D 355 -10.65 9.06 -1.25
C ASN D 355 -11.85 9.03 -0.31
N CYS D 356 -12.27 7.84 0.07
CA CYS D 356 -13.45 7.74 0.92
C CYS D 356 -13.64 6.37 1.52
N ILE D 357 -14.06 6.37 2.79
CA ILE D 357 -14.40 5.13 3.48
C ILE D 357 -15.90 5.20 3.86
N THR D 358 -16.68 4.32 3.24
CA THR D 358 -18.13 4.26 3.48
C THR D 358 -18.45 3.20 4.53
N LEU D 359 -19.06 3.62 5.63
CA LEU D 359 -19.43 2.70 6.71
C LEU D 359 -20.95 2.62 6.94
N MET D 360 -21.44 1.40 7.15
CA MET D 360 -22.87 1.13 7.38
C MET D 360 -23.04 0.25 8.61
N GLU D 361 -24.01 0.62 9.45
CA GLU D 361 -24.28 -0.06 10.72
C GLU D 361 -25.79 -0.18 11.02
N ALA D 362 -26.16 -1.15 11.85
CA ALA D 362 -27.55 -1.33 12.27
C ALA D 362 -27.80 -0.29 13.36
N SER D 363 -28.89 0.44 13.21
CA SER D 363 -29.27 1.49 14.17
C SER D 363 -30.72 1.34 14.64
N GLY D 364 -31.11 2.17 15.60
CA GLY D 364 -32.48 2.16 16.11
C GLY D 364 -32.80 1.25 17.30
N PRO D 365 -34.08 1.22 17.71
CA PRO D 365 -34.60 0.41 18.83
C PRO D 365 -34.54 -1.09 18.54
N THR D 366 -34.98 -1.44 17.33
CA THR D 366 -34.99 -2.83 16.89
C THR D 366 -33.82 -3.23 16.01
N ASN D 367 -32.90 -2.28 15.76
CA ASN D 367 -31.71 -2.49 14.92
C ASN D 367 -32.11 -2.79 13.48
N GLU D 368 -33.20 -2.14 13.04
CA GLU D 368 -33.69 -2.32 11.68
C GLU D 368 -33.32 -1.11 10.81
N ASP D 369 -32.95 -0.02 11.45
CA ASP D 369 -32.58 1.22 10.74
C ASP D 369 -31.12 1.21 10.21
N LEU D 370 -30.89 1.89 9.08
CA LEU D 370 -29.55 1.92 8.48
C LEU D 370 -28.75 3.17 8.81
N TYR D 371 -27.68 3.01 9.58
CA TYR D 371 -26.82 4.14 9.88
C TYR D 371 -25.71 4.14 8.80
N ILE D 372 -25.47 5.29 8.18
CA ILE D 372 -24.44 5.40 7.16
C ILE D 372 -23.54 6.61 7.37
N SER D 373 -22.24 6.41 7.15
CA SER D 373 -21.27 7.50 7.24
C SER D 373 -20.24 7.42 6.11
N CYS D 374 -19.82 8.59 5.65
CA CYS D 374 -18.79 8.71 4.61
C CYS D 374 -17.72 9.66 5.12
N THR D 375 -16.47 9.19 5.15
CA THR D 375 -15.35 10.02 5.60
C THR D 375 -14.41 10.22 4.41
N MET D 376 -14.23 11.48 4.02
CA MET D 376 -13.40 11.89 2.89
C MET D 376 -12.34 12.85 3.42
N PRO D 377 -11.13 12.32 3.67
CA PRO D 377 -9.98 13.08 4.20
C PRO D 377 -9.26 14.07 3.28
N SER D 378 -9.54 14.02 1.98
CA SER D 378 -8.82 14.90 1.08
C SER D 378 -9.54 15.50 -0.13
N ILE D 379 -10.56 16.32 0.14
CA ILE D 379 -11.33 16.99 -0.89
C ILE D 379 -10.61 18.30 -1.26
N GLU D 380 -10.07 18.33 -2.49
CA GLU D 380 -9.36 19.50 -3.01
C GLU D 380 -10.40 20.30 -3.77
N ILE D 381 -10.76 21.45 -3.22
CA ILE D 381 -11.83 22.24 -3.80
C ILE D 381 -11.71 23.73 -3.57
N GLY D 382 -12.44 24.51 -4.35
CA GLY D 382 -12.42 25.95 -4.22
C GLY D 382 -13.60 26.60 -4.91
N THR D 383 -13.92 27.82 -4.53
CA THR D 383 -15.04 28.55 -5.12
C THR D 383 -14.60 29.86 -5.83
N VAL D 384 -13.30 30.13 -5.85
CA VAL D 384 -12.75 31.29 -6.57
C VAL D 384 -11.54 30.78 -7.36
N GLY D 385 -11.29 31.39 -8.52
CA GLY D 385 -10.15 31.03 -9.36
C GLY D 385 -10.32 29.80 -10.24
N GLY D 386 -9.39 29.65 -11.19
CA GLY D 386 -9.42 28.52 -12.10
C GLY D 386 -10.68 28.53 -12.92
N GLY D 387 -11.28 27.36 -13.06
CA GLY D 387 -12.52 27.24 -13.81
C GLY D 387 -13.73 27.88 -13.14
N THR D 388 -13.61 28.26 -11.86
CA THR D 388 -14.74 28.88 -11.18
C THR D 388 -14.91 30.33 -11.61
N ASN D 389 -13.95 30.86 -12.38
CA ASN D 389 -14.01 32.23 -12.88
C ASN D 389 -14.92 32.36 -14.11
N LEU D 390 -15.28 31.23 -14.70
CA LEU D 390 -16.14 31.21 -15.88
C LEU D 390 -17.62 31.31 -15.48
N LEU D 391 -18.43 31.97 -16.29
CA LEU D 391 -19.85 32.17 -16.00
C LEU D 391 -20.73 30.93 -15.88
N PRO D 392 -20.63 29.98 -16.82
CA PRO D 392 -21.49 28.80 -16.70
C PRO D 392 -21.22 28.01 -15.39
N GLN D 393 -19.95 27.84 -15.01
CA GLN D 393 -19.62 27.11 -13.79
C GLN D 393 -19.99 27.91 -12.55
N GLN D 394 -19.95 29.24 -12.66
CA GLN D 394 -20.32 30.14 -11.58
C GLN D 394 -21.82 29.99 -11.30
N ALA D 395 -22.57 29.70 -12.36
CA ALA D 395 -24.01 29.52 -12.25
C ALA D 395 -24.32 28.30 -11.40
N CYS D 396 -23.55 27.23 -11.61
CA CYS D 396 -23.73 26.00 -10.85
C CYS D 396 -23.35 26.23 -9.40
N LEU D 397 -22.30 27.00 -9.17
CA LEU D 397 -21.87 27.34 -7.82
C LEU D 397 -22.93 28.19 -7.11
N GLN D 398 -23.55 29.11 -7.86
CA GLN D 398 -24.61 29.98 -7.34
C GLN D 398 -25.83 29.16 -6.94
N MET D 399 -26.09 28.09 -7.69
CA MET D 399 -27.20 27.18 -7.41
C MET D 399 -27.09 26.65 -5.99
N LEU D 400 -25.85 26.46 -5.55
CA LEU D 400 -25.55 25.94 -4.23
C LEU D 400 -25.34 27.04 -3.21
N GLY D 401 -25.26 28.28 -3.68
CA GLY D 401 -25.04 29.42 -2.80
C GLY D 401 -23.62 29.54 -2.29
N VAL D 402 -22.66 29.09 -3.08
CA VAL D 402 -21.25 29.12 -2.67
C VAL D 402 -20.32 29.77 -3.69
N GLN D 403 -20.87 30.52 -4.64
CA GLN D 403 -20.04 31.16 -5.66
C GLN D 403 -19.15 32.26 -5.14
N GLY D 404 -17.91 32.24 -5.60
CA GLY D 404 -16.94 33.26 -5.24
C GLY D 404 -16.49 33.25 -3.81
N ALA D 405 -15.84 34.34 -3.43
CA ALA D 405 -15.31 34.50 -2.09
C ALA D 405 -16.37 34.89 -1.09
N CYS D 406 -16.28 34.29 0.10
CA CYS D 406 -17.19 34.62 1.18
C CYS D 406 -16.47 35.75 1.90
N LYS D 407 -16.85 36.98 1.59
CA LYS D 407 -16.23 38.16 2.18
C LYS D 407 -16.13 38.12 3.70
N ASP D 408 -17.23 37.79 4.38
CA ASP D 408 -17.26 37.74 5.85
C ASP D 408 -16.24 36.81 6.48
N ASN D 409 -16.29 35.53 6.11
CA ASN D 409 -15.38 34.52 6.64
C ASN D 409 -14.75 33.71 5.50
N PRO D 410 -13.58 34.16 5.01
CA PRO D 410 -12.83 33.52 3.92
C PRO D 410 -12.65 32.02 4.12
N GLY D 411 -13.22 31.23 3.21
CA GLY D 411 -13.11 29.79 3.31
C GLY D 411 -14.45 29.09 3.54
N GLU D 412 -15.43 29.82 4.09
CA GLU D 412 -16.74 29.25 4.37
C GLU D 412 -17.45 28.70 3.13
N ASN D 413 -17.31 29.38 1.99
CA ASN D 413 -17.94 28.91 0.76
C ASN D 413 -17.32 27.59 0.30
N ALA D 414 -15.99 27.49 0.38
CA ALA D 414 -15.27 26.28 -0.02
C ALA D 414 -15.56 25.13 0.92
N ARG D 415 -15.68 25.43 2.21
CA ARG D 415 -16.00 24.40 3.22
C ARG D 415 -17.41 23.89 2.97
N GLN D 416 -18.32 24.80 2.68
CA GLN D 416 -19.71 24.45 2.40
C GLN D 416 -19.76 23.53 1.19
N LEU D 417 -19.01 23.88 0.15
CA LEU D 417 -18.99 23.08 -1.06
C LEU D 417 -18.45 21.68 -0.78
N ALA D 418 -17.41 21.59 0.06
CA ALA D 418 -16.82 20.30 0.41
C ALA D 418 -17.83 19.43 1.19
N ARG D 419 -18.61 20.06 2.07
CA ARG D 419 -19.63 19.37 2.83
C ARG D 419 -20.71 18.86 1.88
N ILE D 420 -21.05 19.66 0.86
CA ILE D 420 -22.05 19.29 -0.12
C ILE D 420 -21.59 18.07 -0.92
N VAL D 421 -20.31 18.06 -1.30
CA VAL D 421 -19.73 16.94 -2.03
C VAL D 421 -19.76 15.66 -1.20
N CYS D 422 -19.39 15.75 0.07
CA CYS D 422 -19.39 14.58 0.92
C CYS D 422 -20.82 14.04 1.09
N GLY D 423 -21.77 14.96 1.22
CA GLY D 423 -23.17 14.58 1.37
C GLY D 423 -23.72 13.91 0.12
N THR D 424 -23.41 14.48 -1.03
CA THR D 424 -23.84 13.92 -2.30
C THR D 424 -23.21 12.54 -2.52
N VAL D 425 -21.94 12.38 -2.12
CA VAL D 425 -21.28 11.08 -2.23
C VAL D 425 -22.04 10.05 -1.37
N MET D 426 -22.40 10.44 -0.16
CA MET D 426 -23.15 9.53 0.71
C MET D 426 -24.49 9.11 0.06
N ALA D 427 -25.20 10.05 -0.55
CA ALA D 427 -26.45 9.74 -1.25
C ALA D 427 -26.17 8.76 -2.38
N GLY D 428 -25.06 9.01 -3.11
CA GLY D 428 -24.68 8.13 -4.21
C GLY D 428 -24.30 6.75 -3.73
N GLU D 429 -23.61 6.67 -2.59
CA GLU D 429 -23.20 5.37 -2.02
C GLU D 429 -24.44 4.57 -1.59
N LEU D 430 -25.39 5.25 -0.97
CA LEU D 430 -26.65 4.62 -0.52
C LEU D 430 -27.37 3.95 -1.69
N SER D 431 -27.54 4.70 -2.76
CA SER D 431 -28.23 4.23 -3.94
C SER D 431 -27.55 3.06 -4.66
N LEU D 432 -26.24 3.16 -4.90
CA LEU D 432 -25.53 2.07 -5.57
C LEU D 432 -25.47 0.81 -4.71
N MET D 433 -25.26 0.97 -3.40
CA MET D 433 -25.21 -0.20 -2.52
C MET D 433 -26.55 -0.93 -2.54
N ALA D 434 -27.64 -0.16 -2.59
CA ALA D 434 -28.98 -0.73 -2.63
C ALA D 434 -29.17 -1.53 -3.92
N ALA D 435 -28.77 -0.96 -5.04
CA ALA D 435 -28.90 -1.64 -6.33
C ALA D 435 -28.07 -2.93 -6.37
N LEU D 436 -26.94 -2.93 -5.67
CA LEU D 436 -26.07 -4.11 -5.62
C LEU D 436 -26.66 -5.18 -4.70
N ALA D 437 -27.23 -4.74 -3.59
CA ALA D 437 -27.84 -5.64 -2.61
C ALA D 437 -29.11 -6.29 -3.19
N ALA D 438 -29.85 -5.52 -3.97
CA ALA D 438 -31.07 -6.01 -4.62
C ALA D 438 -30.73 -6.66 -5.97
PB ADP E . 39.03 -10.84 -1.24
O1B ADP E . 38.75 -9.34 -1.04
O2B ADP E . 39.43 -11.19 -2.72
O3B ADP E . 40.02 -11.41 -0.23
PA ADP E . 37.14 -12.54 0.25
O1A ADP E . 38.19 -13.55 0.68
O2A ADP E . 35.82 -13.09 -0.10
O3A ADP E . 37.70 -11.67 -1.03
O5' ADP E . 37.06 -11.43 1.40
C5' ADP E . 36.17 -10.29 1.23
C4' ADP E . 35.52 -9.92 2.53
O4' ADP E . 34.31 -10.80 2.67
C3' ADP E . 36.35 -10.22 3.77
O3' ADP E . 37.07 -9.04 4.18
C2' ADP E . 35.27 -10.55 4.86
O2' ADP E . 34.71 -9.36 5.52
C1' ADP E . 34.12 -11.20 4.03
N9 ADP E . 34.09 -12.73 4.07
C8 ADP E . 34.35 -13.55 3.07
N7 ADP E . 34.25 -14.79 3.39
C5 ADP E . 33.89 -14.78 4.74
C6 ADP E . 33.62 -15.81 5.73
N6 ADP E . 33.67 -17.15 5.46
N1 ADP E . 33.29 -15.41 6.98
C2 ADP E . 33.22 -14.12 7.25
N3 ADP E . 33.46 -13.10 6.41
C4 ADP E . 33.79 -13.49 5.17
O1A SIM F . 17.34 -9.18 -3.01
O1B SIM F . 15.37 -10.16 -3.49
O3 SIM F . 16.32 -12.90 -2.01
O5 SIM F . 17.88 -14.15 1.67
O14 SIM F . 22.62 -15.00 -2.59
O18 SIM F . 21.01 -16.52 -3.33
C1 SIM F . 16.29 -9.96 -2.72
C2 SIM F . 16.35 -10.57 -1.31
C3 SIM F . 17.03 -11.95 -1.24
C4 SIM F . 17.06 -12.48 0.18
C5 SIM F . 18.10 -13.58 0.39
C6 SIM F . 19.53 -13.01 0.33
C7 SIM F . 20.65 -14.08 0.15
C8 SIM F . 22.07 -13.50 -0.16
C9 SIM F . 22.54 -12.39 0.87
C10 SIM F . 23.94 -11.88 0.47
C11 SIM F . 24.84 -12.63 -0.22
C12 SIM F . 24.59 -13.91 -0.61
C17 SIM F . 25.54 -14.62 -1.30
C16 SIM F . 25.39 -16.07 -1.80
C15 SIM F . 24.01 -16.73 -1.42
C14 SIM F . 22.85 -15.68 -1.32
C13 SIM F . 23.21 -14.58 -0.28
C9A SIM F . 22.67 -12.90 2.33
C18 SIM F . 21.70 -15.50 -3.50
C19 SIM F . 21.62 -14.58 -4.79
C20 SIM F . 20.18 -13.98 -4.96
C21 SIM F . 19.70 -12.92 -3.92
C22 SIM F . 22.00 -15.40 -6.07
C23 SIM F . 22.63 -13.40 -4.75
C24 SIM F . 25.59 -16.08 -3.33
PB ADP G . -6.31 -19.51 33.95
O1B ADP G . -5.85 -18.12 33.53
O2B ADP G . -5.77 -20.63 33.01
O3B ADP G . -6.02 -19.81 35.41
PA ADP G . -8.95 -18.95 32.78
O1A ADP G . -8.80 -17.44 32.87
O2A ADP G . -10.30 -19.48 33.07
O3A ADP G . -7.87 -19.65 33.79
O5' ADP G . -8.42 -19.40 31.32
C5' ADP G . -8.40 -20.81 31.00
C4' ADP G . -7.50 -21.19 29.83
O4' ADP G . -6.42 -20.15 29.63
C3' ADP G . -6.75 -22.49 30.00
O3' ADP G . -7.54 -23.58 29.49
C2' ADP G . -5.48 -22.30 29.06
O2' ADP G . -5.73 -22.64 27.65
C1' ADP G . -5.21 -20.77 29.14
N9 ADP G . -4.00 -20.40 30.03
C8 ADP G . -3.99 -19.51 31.00
N7 ADP G . -2.83 -19.41 31.57
C5 ADP G . -2.01 -20.32 30.89
C6 ADP G . -0.62 -20.71 30.99
N6 ADP G . 0.26 -20.17 31.91
N1 ADP G . -0.17 -21.65 30.13
C2 ADP G . -1.00 -22.17 29.24
N3 ADP G . -2.29 -21.87 29.06
C4 ADP G . -2.75 -20.94 29.92
PB ADP H . 15.73 -24.30 0.07
O1B ADP H . 14.39 -24.94 -0.18
O2B ADP H . 15.80 -22.83 -0.50
O3B ADP H . 16.15 -24.34 1.53
PA ADP H . 17.93 -26.32 -0.44
O1A ADP H . 18.66 -26.05 0.85
O2A ADP H . 18.78 -26.50 -1.64
O3A ADP H . 16.90 -25.04 -0.74
O5' ADP H . 16.99 -27.66 -0.21
C5' ADP H . 16.11 -28.18 -1.28
C4' ADP H . 16.73 -29.33 -2.08
O4' ADP H . 16.61 -30.63 -1.31
C3' ADP H . 16.06 -29.66 -3.43
O3' ADP H . 16.62 -28.84 -4.49
C2' ADP H . 16.51 -31.17 -3.68
O2' ADP H . 17.87 -31.33 -4.21
C1' ADP H . 16.50 -31.75 -2.23
N9 ADP H . 15.27 -32.60 -1.91
C8 ADP H . 15.24 -33.92 -1.80
N7 ADP H . 14.07 -34.37 -1.51
C5 ADP H . 13.26 -33.24 -1.41
C6 ADP H . 11.85 -33.02 -1.14
N6 ADP H . 10.96 -34.03 -0.86
N1 ADP H . 11.41 -31.74 -1.13
C2 ADP H . 12.25 -30.77 -1.39
N3 ADP H . 13.55 -30.87 -1.67
C4 ADP H . 14.00 -32.14 -1.66
O1A SIM I . -3.15 -5.71 18.63
O1B SIM I . -1.95 -4.01 17.74
O3 SIM I . 0.20 -5.05 20.06
O5 SIM I . 2.47 -8.53 20.99
O14 SIM I . -1.44 -7.81 25.81
O18 SIM I . -0.14 -5.92 25.99
C1 SIM I . -2.02 -5.16 18.15
C2 SIM I . -0.83 -6.12 18.21
C3 SIM I . -0.26 -6.30 19.61
C4 SIM I . 0.93 -7.27 19.67
C5 SIM I . 1.34 -7.70 21.09
C6 SIM I . 0.22 -8.50 21.79
C7 SIM I . 0.55 -9.04 23.21
C8 SIM I . -0.64 -9.83 23.84
C9 SIM I . -0.89 -11.22 23.15
C10 SIM I . -2.11 -11.92 23.81
C11 SIM I . -2.50 -11.69 25.10
C12 SIM I . -1.83 -10.82 25.92
C17 SIM I . -2.28 -10.64 27.21
C16 SIM I . -1.63 -9.70 28.25
C15 SIM I . -0.34 -9.00 27.72
C14 SIM I . -0.37 -8.72 26.19
C13 SIM I . -0.57 -10.04 25.41
C9A SIM I . 0.30 -12.20 23.25
C18 SIM I . -1.23 -6.46 25.75
C19 SIM I . -2.53 -5.70 25.30
C20 SIM I . -2.79 -5.89 23.78
C21 SIM I . -2.01 -5.01 22.78
C22 SIM I . -2.45 -4.17 25.62
C23 SIM I . -3.78 -6.22 26.06
C24 SIM I . -2.69 -8.66 28.68
PB ADP J . -39.07 2.57 -8.46
O1B ADP J . -39.88 3.02 -7.26
O2B ADP J . -37.66 1.98 -8.08
O3B ADP J . -39.83 1.63 -9.39
PA ADP J . -39.07 5.40 -9.28
O1A ADP J . -40.57 5.57 -9.20
O2A ADP J . -38.41 6.09 -10.39
O3A ADP J . -38.69 3.80 -9.36
O5' ADP J . -38.48 5.86 -7.84
C5' ADP J . -37.05 5.77 -7.58
C4' ADP J . -36.43 7.08 -7.11
O4' ADP J . -35.31 7.36 -8.05
C3' ADP J . -37.35 8.30 -7.16
O3' ADP J . -37.66 8.73 -5.81
C2' ADP J . -36.51 9.45 -7.87
O2' ADP J . -35.94 10.40 -6.91
C1' ADP J . -35.32 8.70 -8.52
N9 ADP J . -35.39 8.63 -10.05
C8 ADP J . -35.90 7.63 -10.77
N7 ADP J . -35.83 7.83 -12.03
C5 ADP J . -35.21 9.08 -12.17
C6 ADP J . -34.82 9.90 -13.30
N6 ADP J . -35.02 9.53 -14.61
N1 ADP J . -34.24 11.09 -13.03
C2 ADP J . -34.04 11.44 -11.77
N3 ADP J . -34.35 10.75 -10.66
C4 ADP J . -34.95 9.57 -10.93
O1A SIM K . -19.39 -0.47 -7.64
O1B SIM K . -17.40 -1.25 -8.44
O3 SIM K . -18.72 -0.15 -11.34
O5 SIM K . -20.22 3.84 -12.50
O14 SIM K . -25.34 -0.02 -12.29
O18 SIM K . -23.97 -1.15 -13.79
C1 SIM K . -18.26 -0.38 -8.41
C2 SIM K . -18.22 0.90 -9.22
C3 SIM K . -19.13 0.89 -10.44
C4 SIM K . -19.07 2.20 -11.21
C5 SIM K . -20.25 2.46 -12.15
C6 SIM K . -21.61 2.15 -11.46
C7 SIM K . -22.88 2.58 -12.25
C8 SIM K . -24.19 2.57 -11.40
C9 SIM K . -24.33 3.83 -10.47
C10 SIM K . -25.65 3.71 -9.66
C11 SIM K . -26.75 3.04 -10.10
C12 SIM K . -26.78 2.41 -11.31
C17 SIM K . -27.92 1.76 -11.69
C16 SIM K . -28.09 1.01 -13.03
C15 SIM K . -26.83 1.08 -13.94
C14 SIM K . -25.49 1.16 -13.15
C13 SIM K . -25.52 2.42 -12.24
C9A SIM K . -24.40 5.16 -11.22
C18 SIM K . -24.56 -1.10 -12.70
C19 SIM K . -24.50 -2.26 -11.64
C20 SIM K . -23.04 -2.55 -11.19
C21 SIM K . -22.11 -1.34 -10.95
C22 SIM K . -25.13 -3.57 -12.20
C23 SIM K . -25.34 -1.92 -10.36
C24 SIM K . -28.45 -0.45 -12.72
O1A SIM L . 4.35 18.19 -10.17
O1B SIM L . 3.33 17.63 -8.22
O3 SIM L . 1.21 19.98 -9.07
O5 SIM L . -1.32 20.83 -12.46
O14 SIM L . 3.17 25.13 -13.05
O18 SIM L . 2.48 25.49 -10.88
C1 SIM L . 3.25 17.90 -9.40
C2 SIM L . 1.96 17.99 -10.18
C3 SIM L . 1.48 19.43 -10.36
C4 SIM L . 0.19 19.53 -11.16
C5 SIM L . -0.07 20.90 -11.79
C6 SIM L . 1.00 21.27 -12.85
C7 SIM L . 0.77 22.65 -13.52
C8 SIM L . 1.84 23.09 -14.58
C9 SIM L . 1.79 22.25 -15.90
C10 SIM L . 2.90 22.76 -16.85
C11 SIM L . 3.37 24.04 -16.84
C12 SIM L . 2.90 24.98 -15.98
C17 SIM L . 3.40 26.25 -16.03
C16 SIM L . 2.94 27.42 -15.12
C15 SIM L . 1.89 27.00 -14.02
C14 SIM L . 1.91 25.49 -13.67
C13 SIM L . 1.78 24.62 -14.93
C9A SIM L . 0.46 22.37 -16.67
C18 SIM L . 3.35 25.16 -11.69
C19 SIM L . 4.81 24.74 -11.29
C20 SIM L . 4.86 23.31 -10.66
C21 SIM L . 3.74 22.90 -9.68
C22 SIM L . 5.43 25.79 -10.32
C23 SIM L . 5.76 24.72 -12.52
C24 SIM L . 4.19 28.05 -14.46
PB ADP M . -5.36 29.06 -6.68
O1B ADP M . -5.20 28.92 -5.18
O2B ADP M . -4.49 28.01 -7.46
O3B ADP M . -6.80 29.02 -7.13
PA ADP M . -5.35 31.80 -7.93
O1A ADP M . -5.87 31.36 -9.28
O2A ADP M . -4.26 32.81 -7.98
O3A ADP M . -4.76 30.48 -7.11
O5' ADP M . -6.61 32.34 -7.04
C5' ADP M . -6.44 32.80 -5.67
C4' ADP M . -6.35 34.32 -5.55
O4' ADP M . -7.76 34.90 -5.52
C3' ADP M . -5.70 34.85 -4.27
O3' ADP M . -4.28 35.05 -4.49
C2' ADP M . -6.37 36.27 -4.07
O2' ADP M . -5.71 37.35 -4.83
C1' ADP M . -7.79 36.08 -4.68
N9 ADP M . -8.93 36.03 -3.64
C8 ADP M . -9.82 36.98 -3.44
N7 ADP M . -10.66 36.71 -2.51
C5 ADP M . -10.30 35.44 -2.05
C6 ADP M . -10.81 34.54 -1.03
N6 ADP M . -11.89 34.84 -0.24
N1 ADP M . -10.17 33.37 -0.86
C2 ADP M . -9.13 33.08 -1.62
N3 ADP M . -8.58 33.83 -2.58
C4 ADP M . -9.21 35.01 -2.75
#